data_5W21
#
_entry.id   5W21
#
_cell.length_a   283.301
_cell.length_b   72.593
_cell.length_c   95.329
_cell.angle_alpha   90.00
_cell.angle_beta   91.98
_cell.angle_gamma   90.00
#
_symmetry.space_group_name_H-M   'C 1 2 1'
#
loop_
_entity.id
_entity.type
_entity.pdbx_description
1 polymer Klotho
2 polymer 'Fibroblast growth factor 23'
3 polymer 'Fibroblast growth factor receptor 1'
4 non-polymer 2-acetamido-2-deoxy-beta-D-glucopyranose
5 non-polymer 'ZINC ION'
6 water water
#
loop_
_entity_poly.entity_id
_entity_poly.type
_entity_poly.pdbx_seq_one_letter_code
_entity_poly.pdbx_strand_id
1 'polypeptide(L)'
;MPASAPPRRPRPPPPSLSLLLVLLGLGGRRLRAEPGDGAQTWARFSRPPAPEAAGLFQGTFPDGFLWAVGSAAYQTEGGW
QQHGKGASIWDTFTHHPLAPPGDSRNASLPLGAPSPLQPATGDVASDSYNNVFRDTEALRELGVTHYRFSISWARVLPNG
SAGVPNREGLRYYRRLLERLRELGVQPVVTLYHWDLPQRLQDAYGGWANRALADHFRDYAELCFRHFGGQVKYWITIDNP
YVVAWHGYATGRLAPGIRGSPRLGYLVAHNLLLAHAKVWHLYNTSFRPTQGGQVSIALSSHWINPRRMTDHSIKECQKSL
DFVLGWFAKPVFIDGDYPESMKNNLSSILPDFTESEKKFIKGTADFFALCFGPTLSFQLLDPHMKFRQLESPNLRQLLSW
IDLEFNHPQIFIVENGWFVSGTTKRDDAKYMYYLKKFIMETLKAIKLDGVDVIGYTAWSLMDGFEWHRGYSIRRGLFYVD
FLSQDKMLLPKSSALFYQKLIEKNGFPPLPENQPLEGTFPCDFAWGVVDNYIQVDTTLSQFTDLNVYLWDVHHSKRLIKV
DGVVTKKRKSYCVDFAAIQPQIALLQEMHVTHFRFSLDWALILPLGNQSQVNHTILQYYRCMASELVRVNITPVVALWQP
MAPNQGLPRLLARQGAWENPYTALAFAEYARLCFQELGHHVKLWITMNEPYTRNMTYSAGHNLLKAHALAWHVYNEKFRH
AQNGKISIALQADWIEPACPFSQKDKEVAERVLEFDIGWLAEPIFGSGDYPWVMRDWLNQRNNFLLPYFTEDEKKLIQGT
FDFLALSHYTTILVDSEKEDPIKYNDYLEVQEMTDITWLNSPSQVAVVPWGLRKVLNWLKFKYGDLPMYIISNGIDDGLH
AEDDQLRVYYMQNYINEALKAHILDGINLCGYFAYSFNDRTAPRFGLYRYAADQFEPKASMKHYRKIIDSNGFPGPETLE
RFCPEEFTVCTECSFFHTRKS
;
A
2 'polypeptide(L)'
;MHHHHHHSSGLVPRGSGMKETAAAKFERQHMDSPDLGTDDDDKAMGYPNASPLLGSSWGGLIHLYTATARNSYHLQIHKN
GHVDGAPHQTIYSALMIRSEDAGFVVITGVMSRRYLCMDFRGNIFGSHYFDPENCRFQHQTLENGYDVYHSPQYHFLVSL
GAAKAAFLPGMNPPPYSQFLSRRNEIPLIHFNTPIPRQHTQSAEDDSERDPLNVLKPRARMTPAPA
;
B
3 'polypeptide(L)'
;MADNTKPNRMPVAPYWTSPEKMEKKLHAVPAAKTVKFKCPSSGTPQPTLRWLKNGKEFKPDHRIGGYKVRYATWSIIMDS
VVPSDKGNYTCIVENEYGSINHTYQLDVVERSPHRPILQAGLPANKTVALGSNVEFMCKVYSDPQPHIQWLKHIEVNGSK
IGPDNLPYVQILKTAGVNTTDKEMEVLHLRNVSFEDAGEYTCLAGNSIGLSHHSAWLTVLEALEER
;
C
#
loop_
_chem_comp.id
_chem_comp.type
_chem_comp.name
_chem_comp.formula
NAG D-saccharide, beta linking 2-acetamido-2-deoxy-beta-D-glucopyranose 'C8 H15 N O6'
ZN non-polymer 'ZINC ION' 'Zn 2'
#
# COMPACT_ATOMS: atom_id res chain seq x y z
N GLU A 34 10.42 -18.41 27.62
CA GLU A 34 9.30 -19.15 28.18
C GLU A 34 8.25 -19.40 27.10
N PRO A 35 7.59 -20.56 27.18
CA PRO A 35 6.57 -20.89 26.17
C PRO A 35 5.38 -19.94 26.24
N GLY A 36 5.00 -19.40 25.08
CA GLY A 36 3.89 -18.48 24.98
C GLY A 36 4.28 -17.04 24.80
N ASP A 37 5.53 -16.68 25.10
CA ASP A 37 5.98 -15.29 24.97
C ASP A 37 6.19 -14.88 23.52
N GLY A 38 6.01 -15.78 22.56
CA GLY A 38 6.14 -15.44 21.16
C GLY A 38 4.86 -15.02 20.46
N ALA A 39 3.73 -15.11 21.15
CA ALA A 39 2.46 -14.69 20.57
C ALA A 39 2.37 -13.18 20.37
N GLN A 40 3.29 -12.41 20.95
CA GLN A 40 3.32 -10.97 20.79
C GLN A 40 4.04 -10.52 19.53
N THR A 41 4.64 -11.46 18.78
CA THR A 41 5.42 -11.07 17.60
C THR A 41 4.52 -10.53 16.50
N TRP A 42 3.45 -11.25 16.17
CA TRP A 42 2.55 -10.79 15.11
C TRP A 42 1.91 -9.45 15.46
N ALA A 43 1.78 -9.15 16.75
CA ALA A 43 1.21 -7.87 17.15
C ALA A 43 2.17 -6.71 16.87
N ARG A 44 3.45 -6.89 17.21
CA ARG A 44 4.42 -5.82 17.03
C ARG A 44 4.81 -5.62 15.56
N PHE A 45 4.65 -6.64 14.73
CA PHE A 45 4.93 -6.54 13.31
C PHE A 45 3.72 -6.09 12.49
N SER A 46 2.58 -5.86 13.13
CA SER A 46 1.38 -5.45 12.41
C SER A 46 1.37 -3.97 12.07
N ARG A 47 2.20 -3.17 12.72
CA ARG A 47 2.28 -1.73 12.46
C ARG A 47 3.69 -1.36 12.04
N PRO A 48 3.91 -0.92 10.81
CA PRO A 48 5.26 -0.52 10.38
C PRO A 48 5.74 0.69 11.16
N PRO A 49 6.93 0.62 11.77
CA PRO A 49 7.41 1.74 12.58
C PRO A 49 7.81 2.96 11.76
N ALA A 50 8.76 2.78 10.84
CA ALA A 50 9.29 3.88 10.05
C ALA A 50 9.69 3.37 8.68
N PRO A 51 9.67 4.23 7.66
CA PRO A 51 10.09 3.77 6.32
C PRO A 51 11.59 3.52 6.22
N GLU A 52 12.40 4.19 7.05
CA GLU A 52 13.84 3.95 7.02
C GLU A 52 14.17 2.57 7.56
N ALA A 53 13.31 2.01 8.40
CA ALA A 53 13.53 0.67 8.93
C ALA A 53 13.11 -0.41 7.95
N ALA A 54 12.13 -0.12 7.08
CA ALA A 54 11.70 -1.09 6.09
C ALA A 54 12.78 -1.35 5.05
N GLY A 55 13.65 -0.37 4.81
CA GLY A 55 14.75 -0.56 3.89
C GLY A 55 16.03 -0.96 4.59
N LEU A 56 16.62 -0.02 5.34
CA LEU A 56 17.84 -0.24 6.11
C LEU A 56 18.96 -0.79 5.20
N PHE A 57 19.24 -0.03 4.14
CA PHE A 57 20.27 -0.38 3.18
C PHE A 57 21.68 -0.09 3.70
N GLN A 58 21.83 0.21 4.99
CA GLN A 58 23.13 0.46 5.59
C GLN A 58 23.19 -0.24 6.94
N GLY A 59 24.39 -0.26 7.51
CA GLY A 59 24.61 -0.86 8.81
C GLY A 59 25.52 -2.06 8.70
N THR A 60 26.33 -2.27 9.73
CA THR A 60 27.28 -3.38 9.77
C THR A 60 26.95 -4.30 10.93
N PHE A 61 27.30 -5.58 10.76
CA PHE A 61 27.07 -6.57 11.81
C PHE A 61 28.02 -6.33 12.98
N PRO A 62 27.65 -6.75 14.19
CA PRO A 62 28.53 -6.54 15.35
C PRO A 62 29.84 -7.31 15.20
N ASP A 63 30.91 -6.68 15.69
CA ASP A 63 32.23 -7.29 15.57
C ASP A 63 32.27 -8.65 16.26
N GLY A 64 32.97 -9.60 15.63
CA GLY A 64 32.99 -10.97 16.10
C GLY A 64 31.98 -11.87 15.45
N PHE A 65 31.14 -11.34 14.56
CA PHE A 65 30.12 -12.15 13.89
C PHE A 65 30.77 -13.27 13.09
N LEU A 66 30.08 -14.39 13.00
CA LEU A 66 30.60 -15.59 12.37
C LEU A 66 29.99 -15.75 10.98
N TRP A 67 30.83 -15.67 9.94
CA TRP A 67 30.41 -15.93 8.58
C TRP A 67 30.82 -17.36 8.22
N ALA A 68 29.85 -18.16 7.78
CA ALA A 68 30.09 -19.57 7.54
C ALA A 68 29.42 -19.99 6.25
N VAL A 69 29.77 -21.20 5.80
CA VAL A 69 29.16 -21.83 4.64
C VAL A 69 29.03 -23.32 4.94
N GLY A 70 27.89 -23.90 4.56
CA GLY A 70 27.56 -25.25 4.95
C GLY A 70 27.92 -26.29 3.90
N SER A 71 27.80 -27.55 4.31
CA SER A 71 28.04 -28.71 3.48
C SER A 71 27.54 -29.93 4.23
N ALA A 72 27.36 -31.03 3.49
CA ALA A 72 26.93 -32.28 4.11
C ALA A 72 27.85 -33.42 3.68
N ALA A 73 27.47 -34.65 4.00
CA ALA A 73 28.23 -35.83 3.60
C ALA A 73 27.71 -36.43 2.30
N TYR A 74 26.47 -36.93 2.31
CA TYR A 74 25.91 -37.57 1.12
C TYR A 74 25.69 -36.59 -0.02
N GLN A 75 25.68 -35.28 0.27
CA GLN A 75 25.52 -34.28 -0.78
C GLN A 75 26.78 -34.16 -1.63
N THR A 76 27.95 -34.12 -0.99
CA THR A 76 29.20 -33.77 -1.65
C THR A 76 30.26 -34.86 -1.64
N GLU A 77 30.34 -35.68 -0.59
CA GLU A 77 31.45 -36.62 -0.47
C GLU A 77 31.41 -37.66 -1.57
N GLY A 78 30.36 -38.48 -1.61
CA GLY A 78 30.32 -39.55 -2.56
C GLY A 78 31.25 -40.69 -2.18
N GLY A 79 31.40 -41.63 -3.11
CA GLY A 79 32.21 -42.81 -2.87
C GLY A 79 31.60 -43.71 -1.82
N TRP A 80 30.46 -44.32 -2.14
CA TRP A 80 29.72 -45.11 -1.15
C TRP A 80 30.42 -46.41 -0.80
N GLN A 81 31.39 -46.85 -1.60
CA GLN A 81 32.12 -48.08 -1.33
C GLN A 81 33.62 -47.87 -1.54
N GLN A 82 34.14 -46.75 -1.06
CA GLN A 82 35.55 -46.40 -1.21
C GLN A 82 36.24 -46.48 0.14
N HIS A 83 37.41 -47.12 0.16
CA HIS A 83 38.22 -47.30 1.36
C HIS A 83 37.45 -48.03 2.46
N GLY A 84 36.83 -49.15 2.08
CA GLY A 84 36.14 -49.98 3.03
C GLY A 84 34.92 -49.36 3.68
N LYS A 85 34.33 -48.34 3.05
CA LYS A 85 33.13 -47.73 3.59
C LYS A 85 31.96 -48.70 3.54
N GLY A 86 31.12 -48.66 4.56
CA GLY A 86 29.94 -49.51 4.61
C GLY A 86 28.84 -49.05 3.67
N ALA A 87 27.62 -48.93 4.18
CA ALA A 87 26.49 -48.49 3.37
C ALA A 87 25.50 -47.78 4.27
N SER A 88 25.12 -46.56 3.88
CA SER A 88 24.14 -45.79 4.63
C SER A 88 22.73 -46.12 4.14
N ILE A 89 21.73 -45.52 4.78
CA ILE A 89 20.35 -45.77 4.37
C ILE A 89 20.07 -45.12 3.03
N TRP A 90 20.75 -44.02 2.71
CA TRP A 90 20.57 -43.39 1.40
C TRP A 90 21.23 -44.20 0.30
N ASP A 91 22.34 -44.87 0.60
CA ASP A 91 22.98 -45.73 -0.40
C ASP A 91 22.05 -46.84 -0.85
N THR A 92 21.20 -47.35 0.04
CA THR A 92 20.24 -48.39 -0.30
C THR A 92 18.95 -47.84 -0.88
N PHE A 93 18.56 -46.62 -0.48
CA PHE A 93 17.33 -46.04 -1.01
C PHE A 93 17.49 -45.63 -2.47
N THR A 94 18.67 -45.12 -2.84
CA THR A 94 18.87 -44.68 -4.22
C THR A 94 19.07 -45.86 -5.16
N HIS A 95 19.67 -46.95 -4.68
CA HIS A 95 19.90 -48.12 -5.54
C HIS A 95 18.61 -48.90 -5.77
N HIS A 96 17.73 -48.97 -4.77
CA HIS A 96 16.48 -49.70 -4.86
C HIS A 96 15.32 -48.73 -4.59
N PRO A 97 14.74 -48.14 -5.66
CA PRO A 97 13.61 -47.20 -5.61
C PRO A 97 12.52 -47.59 -4.62
N PRO A 116 24.45 -40.78 -17.91
CA PRO A 116 23.03 -40.70 -18.27
C PRO A 116 22.23 -41.90 -17.79
N LEU A 117 22.14 -42.07 -16.46
CA LEU A 117 21.38 -43.16 -15.88
C LEU A 117 19.95 -42.69 -15.62
N GLN A 118 19.15 -43.54 -14.97
CA GLN A 118 17.77 -43.21 -14.66
C GLN A 118 17.57 -42.86 -13.19
N PRO A 119 18.04 -43.69 -12.24
CA PRO A 119 17.86 -43.33 -10.82
C PRO A 119 18.88 -42.29 -10.40
N ALA A 120 18.41 -41.25 -9.70
CA ALA A 120 19.28 -40.21 -9.17
C ALA A 120 19.92 -40.73 -7.88
N THR A 121 21.23 -40.94 -7.91
CA THR A 121 21.96 -41.48 -6.78
C THR A 121 23.09 -40.55 -6.37
N GLY A 122 23.56 -40.74 -5.14
CA GLY A 122 24.66 -39.94 -4.62
C GLY A 122 25.94 -40.73 -4.45
N ASP A 123 26.19 -41.66 -5.38
CA ASP A 123 27.40 -42.46 -5.32
C ASP A 123 28.65 -41.59 -5.49
N VAL A 124 28.60 -40.67 -6.44
CA VAL A 124 29.69 -39.73 -6.68
C VAL A 124 29.29 -38.31 -6.30
N ALA A 125 28.17 -37.83 -6.84
CA ALA A 125 27.60 -36.51 -6.51
C ALA A 125 28.68 -35.46 -6.78
N SER A 126 28.97 -34.57 -5.84
CA SER A 126 30.03 -33.58 -6.02
C SER A 126 31.43 -34.17 -5.88
N ASP A 127 31.55 -35.39 -5.35
CA ASP A 127 32.82 -36.09 -5.17
C ASP A 127 33.81 -35.22 -4.37
N SER A 128 33.48 -35.07 -3.09
CA SER A 128 34.33 -34.33 -2.16
C SER A 128 35.29 -35.21 -1.38
N TYR A 129 35.06 -36.53 -1.35
CA TYR A 129 35.96 -37.43 -0.64
C TYR A 129 37.32 -37.52 -1.32
N ASN A 130 37.37 -37.32 -2.64
CA ASN A 130 38.61 -37.34 -3.40
C ASN A 130 39.10 -35.94 -3.76
N ASN A 131 38.38 -34.89 -3.34
CA ASN A 131 38.74 -33.51 -3.65
C ASN A 131 38.67 -32.72 -2.35
N VAL A 132 39.80 -32.61 -1.65
CA VAL A 132 39.90 -31.82 -0.43
C VAL A 132 40.48 -30.43 -0.71
N PHE A 133 41.65 -30.38 -1.36
CA PHE A 133 42.21 -29.10 -1.79
C PHE A 133 41.26 -28.37 -2.72
N ARG A 134 40.49 -29.11 -3.52
CA ARG A 134 39.51 -28.50 -4.41
C ARG A 134 38.46 -27.73 -3.63
N ASP A 135 38.03 -28.28 -2.48
CA ASP A 135 36.97 -27.67 -1.70
C ASP A 135 37.47 -26.59 -0.76
N THR A 136 38.72 -26.70 -0.29
CA THR A 136 39.27 -25.71 0.63
C THR A 136 39.71 -24.43 -0.07
N GLU A 137 40.04 -24.50 -1.36
CA GLU A 137 40.36 -23.29 -2.10
C GLU A 137 39.15 -22.38 -2.25
N ALA A 138 37.96 -22.97 -2.40
CA ALA A 138 36.74 -22.16 -2.45
C ALA A 138 36.56 -21.39 -1.15
N LEU A 139 36.83 -22.04 -0.01
CA LEU A 139 36.76 -21.34 1.28
C LEU A 139 37.79 -20.22 1.36
N ARG A 140 38.94 -20.40 0.70
CA ARG A 140 39.95 -19.35 0.68
C ARG A 140 39.42 -18.10 -0.03
N GLU A 141 38.80 -18.28 -1.19
CA GLU A 141 38.34 -17.12 -1.96
C GLU A 141 37.15 -16.45 -1.31
N LEU A 142 36.27 -17.23 -0.67
CA LEU A 142 35.09 -16.65 -0.03
C LEU A 142 35.45 -15.73 1.14
N GLY A 143 36.66 -15.85 1.69
CA GLY A 143 37.01 -15.10 2.88
C GLY A 143 36.20 -15.49 4.09
N VAL A 144 35.59 -16.68 4.06
CA VAL A 144 34.70 -17.10 5.14
C VAL A 144 35.52 -17.53 6.35
N THR A 145 34.89 -17.52 7.51
CA THR A 145 35.57 -17.84 8.76
C THR A 145 35.28 -19.25 9.26
N HIS A 146 34.09 -19.79 8.97
CA HIS A 146 33.73 -21.12 9.43
C HIS A 146 33.19 -21.93 8.26
N TYR A 147 33.22 -23.25 8.42
CA TYR A 147 32.77 -24.19 7.40
C TYR A 147 32.08 -25.36 8.09
N ARG A 148 30.81 -25.58 7.77
CA ARG A 148 30.01 -26.63 8.39
C ARG A 148 29.98 -27.84 7.46
N PHE A 149 30.65 -28.91 7.88
CA PHE A 149 30.61 -30.18 7.18
C PHE A 149 30.23 -31.28 8.17
N SER A 150 29.88 -32.44 7.64
CA SER A 150 29.41 -33.55 8.45
C SER A 150 30.30 -34.76 8.27
N ILE A 151 30.31 -35.62 9.28
CA ILE A 151 31.03 -36.88 9.23
C ILE A 151 30.06 -37.96 8.77
N SER A 152 30.55 -38.87 7.92
CA SER A 152 29.74 -39.99 7.45
C SER A 152 29.86 -41.14 8.45
N TRP A 153 28.73 -41.54 9.03
CA TRP A 153 28.74 -42.62 10.02
C TRP A 153 29.12 -43.95 9.37
N ALA A 154 28.55 -44.25 8.21
CA ALA A 154 28.84 -45.51 7.54
C ALA A 154 30.29 -45.60 7.07
N ARG A 155 31.00 -44.48 7.02
CA ARG A 155 32.39 -44.45 6.57
C ARG A 155 33.38 -44.63 7.73
N VAL A 156 33.12 -43.99 8.87
CA VAL A 156 34.02 -44.13 10.01
C VAL A 156 33.84 -45.49 10.67
N LEU A 157 32.59 -45.93 10.86
CA LEU A 157 32.28 -47.21 11.50
C LEU A 157 31.47 -48.05 10.52
N PRO A 158 32.14 -48.78 9.62
CA PRO A 158 31.40 -49.59 8.63
C PRO A 158 30.57 -50.70 9.26
N ASN A 159 30.82 -51.06 10.52
CA ASN A 159 30.08 -52.10 11.21
C ASN A 159 29.31 -51.48 12.37
N GLY A 160 27.99 -51.67 12.36
CA GLY A 160 27.13 -51.12 13.39
C GLY A 160 27.32 -51.78 14.75
N SER A 161 28.51 -51.64 15.33
CA SER A 161 28.80 -52.21 16.64
C SER A 161 29.99 -51.50 17.26
N ALA A 162 30.42 -50.40 16.65
CA ALA A 162 31.59 -49.64 17.09
C ALA A 162 32.82 -50.54 17.21
N GLY A 163 33.01 -51.40 16.21
CA GLY A 163 34.11 -52.34 16.20
C GLY A 163 35.45 -51.68 15.91
N VAL A 164 35.99 -51.92 14.72
CA VAL A 164 37.28 -51.39 14.31
C VAL A 164 37.03 -50.11 13.52
N PRO A 165 37.41 -48.94 14.04
CA PRO A 165 37.21 -47.70 13.28
C PRO A 165 38.05 -47.69 12.01
N ASN A 166 37.50 -47.09 10.95
CA ASN A 166 38.17 -47.01 9.67
C ASN A 166 39.21 -45.89 9.72
N ARG A 167 40.49 -46.26 9.64
CA ARG A 167 41.56 -45.27 9.70
C ARG A 167 41.60 -44.41 8.45
N GLU A 168 41.20 -44.96 7.30
CA GLU A 168 41.19 -44.19 6.06
C GLU A 168 40.12 -43.11 6.10
N GLY A 169 38.91 -43.47 6.53
CA GLY A 169 37.85 -42.47 6.64
C GLY A 169 38.20 -41.37 7.63
N LEU A 170 38.76 -41.74 8.77
CA LEU A 170 39.20 -40.73 9.74
C LEU A 170 40.32 -39.88 9.18
N ARG A 171 41.16 -40.46 8.32
CA ARG A 171 42.24 -39.69 7.71
C ARG A 171 41.70 -38.61 6.79
N TYR A 172 40.60 -38.89 6.09
CA TYR A 172 40.00 -37.89 5.21
C TYR A 172 39.57 -36.65 5.99
N TYR A 173 38.90 -36.84 7.12
CA TYR A 173 38.46 -35.70 7.91
C TYR A 173 39.62 -35.04 8.64
N ARG A 174 40.67 -35.82 8.97
CA ARG A 174 41.84 -35.22 9.60
C ARG A 174 42.62 -34.34 8.61
N ARG A 175 42.75 -34.80 7.37
CA ARG A 175 43.39 -33.97 6.34
C ARG A 175 42.60 -32.69 6.11
N LEU A 176 41.27 -32.80 6.04
CA LEU A 176 40.43 -31.62 5.83
C LEU A 176 40.60 -30.63 6.98
N LEU A 177 40.56 -31.12 8.21
CA LEU A 177 40.73 -30.23 9.36
C LEU A 177 42.13 -29.63 9.40
N GLU A 178 43.15 -30.37 8.96
CA GLU A 178 44.51 -29.85 8.96
C GLU A 178 44.63 -28.66 8.01
N ARG A 179 44.12 -28.81 6.78
CA ARG A 179 44.14 -27.69 5.84
C ARG A 179 43.27 -26.54 6.34
N LEU A 180 42.13 -26.85 6.95
CA LEU A 180 41.28 -25.81 7.52
C LEU A 180 42.03 -25.01 8.59
N ARG A 181 42.87 -25.69 9.38
CA ARG A 181 43.68 -24.99 10.36
C ARG A 181 44.68 -24.06 9.70
N GLU A 182 45.33 -24.52 8.63
CA GLU A 182 46.31 -23.69 7.93
C GLU A 182 45.65 -22.48 7.29
N LEU A 183 44.44 -22.66 6.74
CA LEU A 183 43.73 -21.55 6.12
C LEU A 183 43.15 -20.59 7.17
N GLY A 184 42.84 -21.09 8.35
CA GLY A 184 42.20 -20.28 9.36
C GLY A 184 40.69 -20.38 9.38
N VAL A 185 40.14 -21.52 8.99
CA VAL A 185 38.69 -21.73 8.94
C VAL A 185 38.32 -22.64 10.10
N GLN A 186 37.58 -22.10 11.06
CA GLN A 186 37.17 -22.87 12.23
C GLN A 186 36.02 -23.79 11.85
N PRO A 187 36.16 -25.10 12.01
CA PRO A 187 35.13 -26.03 11.53
C PRO A 187 33.95 -26.16 12.48
N VAL A 188 32.78 -26.42 11.89
CA VAL A 188 31.55 -26.70 12.62
C VAL A 188 31.10 -28.08 12.15
N VAL A 189 31.39 -29.10 12.95
CA VAL A 189 31.19 -30.48 12.53
C VAL A 189 29.79 -30.94 12.94
N THR A 190 29.07 -31.53 11.98
CA THR A 190 27.77 -32.13 12.23
C THR A 190 27.93 -33.64 12.32
N LEU A 191 27.61 -34.21 13.47
CA LEU A 191 27.84 -35.64 13.68
C LEU A 191 26.87 -36.48 12.86
N TYR A 192 25.58 -36.17 12.93
CA TYR A 192 24.55 -36.91 12.20
C TYR A 192 23.85 -35.96 11.24
N HIS A 193 24.06 -36.17 9.93
CA HIS A 193 23.40 -35.36 8.92
C HIS A 193 22.59 -36.23 7.97
N TRP A 194 21.60 -36.93 8.52
CA TRP A 194 20.61 -37.75 7.79
C TRP A 194 21.21 -39.03 7.23
N ASP A 195 22.43 -39.40 7.62
CA ASP A 195 23.08 -40.61 7.12
C ASP A 195 23.20 -41.60 8.27
N LEU A 196 22.48 -42.72 8.15
CA LEU A 196 22.48 -43.78 9.15
C LEU A 196 22.94 -45.09 8.52
N PRO A 197 23.84 -45.83 9.17
CA PRO A 197 24.31 -47.09 8.58
C PRO A 197 23.19 -48.09 8.40
N GLN A 198 23.29 -48.89 7.33
CA GLN A 198 22.26 -49.88 7.03
C GLN A 198 22.28 -51.03 8.04
N ARG A 199 23.43 -51.28 8.67
CA ARG A 199 23.50 -52.36 9.66
C ARG A 199 22.60 -52.08 10.84
N LEU A 200 22.52 -50.81 11.27
CA LEU A 200 21.67 -50.43 12.39
C LEU A 200 20.19 -50.35 12.01
N GLN A 201 19.85 -50.61 10.75
CA GLN A 201 18.46 -50.58 10.29
C GLN A 201 17.81 -51.94 10.26
N ASP A 202 18.51 -52.96 9.77
CA ASP A 202 17.96 -54.30 9.66
C ASP A 202 18.17 -55.13 10.93
N ALA A 203 18.88 -54.61 11.93
CA ALA A 203 19.14 -55.32 13.16
C ALA A 203 18.29 -54.83 14.33
N TYR A 204 18.28 -53.52 14.57
CA TYR A 204 17.53 -52.94 15.68
C TYR A 204 16.27 -52.22 15.23
N GLY A 205 16.09 -51.98 13.94
CA GLY A 205 14.93 -51.26 13.47
C GLY A 205 15.15 -49.78 13.23
N GLY A 206 16.41 -49.35 13.16
CA GLY A 206 16.70 -47.94 12.92
C GLY A 206 16.54 -47.11 14.18
N TRP A 207 16.17 -45.84 13.98
CA TRP A 207 15.99 -44.92 15.10
C TRP A 207 14.75 -45.22 15.93
N ALA A 208 13.91 -46.18 15.51
CA ALA A 208 12.74 -46.55 16.30
C ALA A 208 13.11 -47.33 17.56
N ASN A 209 14.38 -47.67 17.73
CA ASN A 209 14.86 -48.40 18.90
C ASN A 209 15.68 -47.45 19.77
N ARG A 210 15.40 -47.43 21.06
CA ARG A 210 16.17 -46.62 21.99
C ARG A 210 17.57 -47.19 22.23
N ALA A 211 17.83 -48.42 21.82
CA ALA A 211 19.15 -49.01 21.99
C ALA A 211 20.23 -48.29 21.18
N LEU A 212 19.83 -47.51 20.17
CA LEU A 212 20.80 -46.75 19.38
C LEU A 212 21.31 -45.52 20.11
N ALA A 213 20.72 -45.15 21.25
CA ALA A 213 21.23 -44.01 22.01
C ALA A 213 22.65 -44.25 22.49
N ASP A 214 23.02 -45.51 22.73
CA ASP A 214 24.40 -45.85 23.08
C ASP A 214 25.26 -46.02 21.83
N HIS A 215 24.69 -46.49 20.73
CA HIS A 215 25.43 -46.61 19.48
C HIS A 215 25.86 -45.23 18.98
N PHE A 216 24.92 -44.29 18.94
CA PHE A 216 25.25 -42.92 18.57
C PHE A 216 26.17 -42.26 19.59
N ARG A 217 26.22 -42.78 20.81
CA ARG A 217 27.17 -42.29 21.81
C ARG A 217 28.59 -42.70 21.44
N ASP A 218 28.78 -43.96 21.04
CA ASP A 218 30.11 -44.43 20.65
C ASP A 218 30.61 -43.69 19.42
N TYR A 219 29.73 -43.53 18.41
CA TYR A 219 30.12 -42.80 17.21
C TYR A 219 30.46 -41.34 17.54
N ALA A 220 29.78 -40.76 18.52
CA ALA A 220 30.10 -39.40 18.95
C ALA A 220 31.34 -39.33 19.82
N GLU A 221 31.77 -40.45 20.41
CA GLU A 221 32.91 -40.42 21.31
C GLU A 221 34.21 -40.19 20.56
N LEU A 222 34.48 -41.02 19.54
CA LEU A 222 35.74 -40.91 18.82
C LEU A 222 35.84 -39.58 18.08
N CYS A 223 34.71 -39.03 17.65
CA CYS A 223 34.73 -37.73 16.99
C CYS A 223 35.13 -36.63 17.96
N PHE A 224 34.66 -36.71 19.21
CA PHE A 224 35.13 -35.78 20.24
C PHE A 224 36.58 -36.05 20.61
N ARG A 225 37.04 -37.30 20.46
CA ARG A 225 38.39 -37.68 20.86
C ARG A 225 39.41 -37.26 19.82
N HIS A 226 39.24 -37.71 18.58
CA HIS A 226 40.15 -37.39 17.50
C HIS A 226 40.12 -35.90 17.18
N PHE A 227 39.01 -35.45 16.61
CA PHE A 227 38.89 -34.12 16.03
C PHE A 227 38.48 -33.06 17.04
N GLY A 228 38.24 -33.44 18.30
CA GLY A 228 37.79 -32.48 19.29
C GLY A 228 38.81 -31.39 19.63
N GLY A 229 40.10 -31.66 19.39
CA GLY A 229 41.11 -30.65 19.69
C GLY A 229 41.03 -29.44 18.79
N GLN A 230 40.47 -29.61 17.58
CA GLN A 230 40.33 -28.53 16.63
C GLN A 230 38.92 -27.95 16.57
N VAL A 231 37.90 -28.77 16.74
CA VAL A 231 36.52 -28.33 16.59
C VAL A 231 36.05 -27.69 17.90
N LYS A 232 35.40 -26.53 17.80
CA LYS A 232 34.81 -25.86 18.95
C LYS A 232 33.35 -25.50 18.69
N TYR A 233 32.74 -26.09 17.67
CA TYR A 233 31.32 -25.89 17.37
C TYR A 233 30.79 -27.24 16.87
N TRP A 234 30.05 -27.94 17.72
CA TRP A 234 29.51 -29.26 17.40
C TRP A 234 28.01 -29.19 17.25
N ILE A 235 27.48 -29.79 16.18
CA ILE A 235 26.06 -30.00 16.00
C ILE A 235 25.83 -31.50 16.03
N THR A 236 24.94 -31.94 16.93
CA THR A 236 24.69 -33.37 17.08
C THR A 236 23.78 -33.89 15.97
N ILE A 237 22.55 -33.40 15.91
CA ILE A 237 21.56 -33.85 14.94
C ILE A 237 21.18 -32.66 14.07
N ASP A 238 21.26 -32.85 12.75
CA ASP A 238 20.87 -31.83 11.80
C ASP A 238 19.42 -32.08 11.40
N ASN A 239 18.52 -31.20 11.84
CA ASN A 239 17.10 -31.24 11.48
C ASN A 239 16.49 -32.59 11.83
N PRO A 240 16.20 -32.84 13.11
CA PRO A 240 15.51 -34.10 13.47
C PRO A 240 14.08 -34.15 12.98
N TYR A 241 13.50 -33.01 12.58
CA TYR A 241 12.12 -32.98 12.12
C TYR A 241 11.94 -33.82 10.86
N VAL A 242 12.77 -33.57 9.84
CA VAL A 242 12.63 -34.31 8.59
C VAL A 242 13.13 -35.74 8.74
N VAL A 243 14.11 -35.96 9.61
CA VAL A 243 14.64 -37.32 9.79
C VAL A 243 13.58 -38.23 10.41
N ALA A 244 12.82 -37.70 11.37
CA ALA A 244 11.81 -38.52 12.04
C ALA A 244 10.51 -38.57 11.24
N TRP A 245 9.96 -37.41 10.90
CA TRP A 245 8.67 -37.32 10.22
C TRP A 245 8.73 -37.95 8.84
N HIS A 246 9.50 -37.38 7.94
CA HIS A 246 9.60 -37.89 6.58
C HIS A 246 10.51 -39.10 6.46
N GLY A 247 11.17 -39.50 7.54
CA GLY A 247 12.04 -40.67 7.50
C GLY A 247 11.30 -41.97 7.65
N TYR A 248 10.46 -42.07 8.68
CA TYR A 248 9.74 -43.31 8.99
C TYR A 248 8.24 -43.20 8.81
N ALA A 249 7.63 -42.07 9.18
CA ALA A 249 6.19 -41.95 9.09
C ALA A 249 5.73 -41.79 7.63
N THR A 250 6.31 -40.83 6.92
CA THR A 250 5.89 -40.54 5.56
C THR A 250 6.61 -41.42 4.54
N GLY A 251 7.93 -41.55 4.68
CA GLY A 251 8.70 -42.38 3.76
C GLY A 251 9.21 -41.70 2.53
N ARG A 252 9.26 -40.37 2.52
CA ARG A 252 9.69 -39.61 1.35
C ARG A 252 11.19 -39.34 1.36
N LEU A 253 11.91 -39.89 2.32
CA LEU A 253 13.36 -39.66 2.46
C LEU A 253 14.08 -40.98 2.27
N ALA A 254 15.09 -41.31 3.09
CA ALA A 254 15.86 -42.54 2.90
C ALA A 254 15.11 -43.80 3.33
N PRO A 255 14.54 -43.87 4.54
CA PRO A 255 13.76 -45.07 4.89
C PRO A 255 12.26 -44.85 4.71
N GLY A 256 11.45 -45.54 5.50
CA GLY A 256 10.02 -45.33 5.48
C GLY A 256 9.29 -46.44 4.76
N ILE A 257 8.01 -46.60 5.12
CA ILE A 257 7.14 -47.59 4.51
C ILE A 257 5.70 -47.08 4.63
N ARG A 258 5.57 -45.83 5.08
CA ARG A 258 4.28 -45.21 5.35
C ARG A 258 3.47 -46.07 6.33
N GLY A 259 3.74 -45.92 7.62
CA GLY A 259 3.00 -46.63 8.63
C GLY A 259 1.97 -45.74 9.31
N SER A 260 2.45 -44.79 10.09
CA SER A 260 1.59 -43.87 10.83
C SER A 260 2.46 -42.75 11.38
N PRO A 261 1.85 -41.62 11.78
CA PRO A 261 2.62 -40.59 12.49
C PRO A 261 3.15 -41.05 13.83
N ARG A 262 2.52 -42.05 14.45
CA ARG A 262 2.99 -42.56 15.73
C ARG A 262 4.44 -43.04 15.64
N LEU A 263 4.79 -43.68 14.53
CA LEU A 263 6.18 -44.08 14.32
C LEU A 263 7.09 -42.86 14.23
N GLY A 264 6.59 -41.78 13.63
CA GLY A 264 7.40 -40.57 13.52
C GLY A 264 7.64 -39.93 14.88
N TYR A 265 6.59 -39.80 15.68
CA TYR A 265 6.73 -39.21 17.02
C TYR A 265 7.60 -40.08 17.92
N LEU A 266 7.58 -41.40 17.71
CA LEU A 266 8.43 -42.28 18.52
C LEU A 266 9.88 -42.18 18.10
N VAL A 267 10.13 -42.03 16.79
CA VAL A 267 11.50 -41.88 16.30
C VAL A 267 12.09 -40.56 16.80
N ALA A 268 11.33 -39.48 16.71
CA ALA A 268 11.80 -38.20 17.24
C ALA A 268 12.01 -38.27 18.75
N HIS A 269 11.21 -39.09 19.43
CA HIS A 269 11.41 -39.30 20.86
C HIS A 269 12.80 -39.86 21.14
N ASN A 270 13.17 -40.91 20.41
CA ASN A 270 14.51 -41.49 20.57
C ASN A 270 15.59 -40.53 20.09
N LEU A 271 15.31 -39.79 19.00
CA LEU A 271 16.26 -38.78 18.53
C LEU A 271 16.53 -37.74 19.61
N LEU A 272 15.48 -37.28 20.29
CA LEU A 272 15.64 -36.27 21.33
C LEU A 272 16.36 -36.83 22.55
N LEU A 273 16.34 -38.15 22.75
CA LEU A 273 17.10 -38.75 23.85
C LEU A 273 18.58 -38.89 23.49
N ALA A 274 18.86 -39.35 22.25
CA ALA A 274 20.25 -39.54 21.84
C ALA A 274 21.02 -38.22 21.87
N HIS A 275 20.36 -37.11 21.53
CA HIS A 275 21.02 -35.82 21.59
C HIS A 275 21.46 -35.49 23.00
N ALA A 276 20.57 -35.70 23.98
CA ALA A 276 20.92 -35.41 25.36
C ALA A 276 22.06 -36.31 25.84
N LYS A 277 22.07 -37.57 25.40
CA LYS A 277 23.17 -38.47 25.73
C LYS A 277 24.49 -37.91 25.25
N VAL A 278 24.52 -37.36 24.04
CA VAL A 278 25.76 -36.86 23.47
C VAL A 278 26.16 -35.54 24.12
N TRP A 279 25.19 -34.67 24.42
CA TRP A 279 25.52 -33.40 25.05
C TRP A 279 26.14 -33.61 26.42
N HIS A 280 25.50 -34.44 27.25
CA HIS A 280 26.09 -34.77 28.55
C HIS A 280 27.39 -35.54 28.40
N LEU A 281 27.55 -36.26 27.29
CA LEU A 281 28.84 -36.91 27.03
C LEU A 281 29.93 -35.88 26.76
N TYR A 282 29.57 -34.72 26.22
CA TYR A 282 30.54 -33.67 25.96
C TYR A 282 30.76 -32.77 27.16
N ASN A 283 29.76 -32.60 28.03
CA ASN A 283 29.88 -31.63 29.11
C ASN A 283 30.84 -32.11 30.19
N THR A 284 30.68 -33.35 30.65
CA THR A 284 31.50 -33.89 31.74
C THR A 284 32.58 -34.83 31.23
N SER A 285 33.19 -34.51 30.08
CA SER A 285 34.24 -35.37 29.54
C SER A 285 35.15 -34.65 28.56
N PHE A 286 34.64 -33.61 27.90
CA PHE A 286 35.42 -32.98 26.84
C PHE A 286 35.42 -31.45 26.96
N ARG A 287 34.36 -30.88 27.53
CA ARG A 287 34.30 -29.42 27.64
C ARG A 287 35.40 -28.84 28.53
N PRO A 288 35.68 -29.37 29.72
CA PRO A 288 36.75 -28.78 30.54
C PRO A 288 38.13 -28.90 29.91
N THR A 289 38.31 -29.73 28.88
CA THR A 289 39.59 -29.90 28.23
C THR A 289 39.60 -29.43 26.77
N GLN A 290 38.48 -28.89 26.28
CA GLN A 290 38.42 -28.41 24.91
C GLN A 290 37.77 -27.03 24.85
N GLY A 291 36.60 -26.89 25.46
CA GLY A 291 35.92 -25.61 25.52
C GLY A 291 34.94 -25.34 24.41
N GLY A 292 34.59 -26.34 23.61
CA GLY A 292 33.65 -26.14 22.53
C GLY A 292 32.21 -26.08 23.00
N GLN A 293 31.33 -25.66 22.10
CA GLN A 293 29.90 -25.56 22.36
C GLN A 293 29.16 -26.60 21.54
N VAL A 294 28.11 -27.17 22.13
CA VAL A 294 27.32 -28.22 21.49
C VAL A 294 25.87 -27.77 21.42
N SER A 295 25.26 -27.91 20.25
CA SER A 295 23.85 -27.58 20.05
C SER A 295 23.26 -28.62 19.11
N ILE A 296 22.04 -28.35 18.63
CA ILE A 296 21.34 -29.24 17.72
C ILE A 296 20.67 -28.39 16.65
N ALA A 297 20.91 -28.72 15.38
CA ALA A 297 20.41 -27.94 14.26
C ALA A 297 18.91 -28.16 14.11
N LEU A 298 18.12 -27.16 14.48
CA LEU A 298 16.66 -27.24 14.46
C LEU A 298 16.12 -26.36 13.33
N SER A 299 15.30 -26.94 12.47
CA SER A 299 14.68 -26.22 11.37
C SER A 299 13.23 -25.90 11.70
N SER A 300 12.73 -24.83 11.08
CA SER A 300 11.33 -24.45 11.25
C SER A 300 10.95 -23.56 10.07
N HIS A 301 9.66 -23.27 9.99
CA HIS A 301 9.10 -22.39 8.98
C HIS A 301 8.61 -21.11 9.66
N TRP A 302 7.81 -20.33 8.93
CA TRP A 302 7.10 -19.20 9.51
C TRP A 302 5.69 -19.16 8.94
N ILE A 303 4.75 -18.73 9.78
CA ILE A 303 3.34 -18.72 9.41
C ILE A 303 2.75 -17.35 9.72
N ASN A 304 1.79 -16.93 8.90
CA ASN A 304 1.05 -15.71 9.09
C ASN A 304 -0.43 -16.00 9.26
N PRO A 305 -1.13 -15.25 10.10
CA PRO A 305 -2.55 -15.52 10.33
C PRO A 305 -3.40 -15.06 9.15
N ARG A 306 -4.68 -15.44 9.21
CA ARG A 306 -5.61 -15.09 8.14
C ARG A 306 -6.17 -13.68 8.33
N ARG A 307 -6.98 -13.49 9.36
CA ARG A 307 -7.73 -12.24 9.55
C ARG A 307 -7.37 -11.56 10.87
N MET A 308 -6.16 -11.80 11.37
CA MET A 308 -5.65 -11.20 12.60
C MET A 308 -6.49 -11.55 13.84
N THR A 309 -7.38 -12.54 13.73
CA THR A 309 -8.19 -12.94 14.86
C THR A 309 -7.37 -13.74 15.86
N ASP A 310 -7.91 -13.87 17.07
CA ASP A 310 -7.24 -14.65 18.10
C ASP A 310 -7.16 -16.13 17.73
N HIS A 311 -8.16 -16.64 16.98
CA HIS A 311 -8.12 -18.03 16.54
C HIS A 311 -6.96 -18.26 15.59
N SER A 312 -6.79 -17.39 14.60
CA SER A 312 -5.73 -17.57 13.62
C SER A 312 -4.36 -17.44 14.27
N ILE A 313 -4.21 -16.52 15.22
CA ILE A 313 -2.93 -16.35 15.91
C ILE A 313 -2.63 -17.57 16.77
N LYS A 314 -3.64 -18.09 17.47
CA LYS A 314 -3.44 -19.29 18.28
C LYS A 314 -3.11 -20.51 17.43
N GLU A 315 -3.69 -20.60 16.22
CA GLU A 315 -3.34 -21.69 15.33
C GLU A 315 -1.94 -21.51 14.76
N CYS A 316 -1.48 -20.27 14.63
CA CYS A 316 -0.11 -20.02 14.18
C CYS A 316 0.90 -20.43 15.25
N GLN A 317 0.64 -20.07 16.51
CA GLN A 317 1.47 -20.55 17.61
C GLN A 317 1.49 -22.07 17.66
N LYS A 318 0.33 -22.69 17.42
CA LYS A 318 0.26 -24.15 17.42
C LYS A 318 1.11 -24.76 16.31
N SER A 319 1.22 -24.06 15.18
CA SER A 319 2.03 -24.58 14.08
C SER A 319 3.52 -24.53 14.41
N LEU A 320 3.98 -23.43 15.03
CA LEU A 320 5.38 -23.33 15.40
C LEU A 320 5.72 -24.26 16.55
N ASP A 321 4.81 -24.41 17.52
CA ASP A 321 5.04 -25.35 18.60
C ASP A 321 5.07 -26.79 18.09
N PHE A 322 4.38 -27.07 16.99
CA PHE A 322 4.35 -28.42 16.44
C PHE A 322 5.60 -28.73 15.62
N VAL A 323 6.24 -27.73 15.05
CA VAL A 323 7.39 -27.93 14.17
C VAL A 323 8.70 -27.57 14.85
N LEU A 324 8.76 -26.40 15.49
CA LEU A 324 9.97 -25.99 16.18
C LEU A 324 9.94 -26.37 17.66
N GLY A 325 8.85 -26.06 18.36
CA GLY A 325 8.73 -26.42 19.76
C GLY A 325 8.75 -27.92 20.00
N TRP A 326 8.51 -28.71 18.96
CA TRP A 326 8.63 -30.17 19.07
C TRP A 326 9.97 -30.56 19.65
N PHE A 327 11.04 -29.85 19.27
CA PHE A 327 12.38 -30.12 19.76
C PHE A 327 13.01 -28.97 20.53
N ALA A 328 12.59 -27.73 20.28
CA ALA A 328 13.24 -26.58 20.91
C ALA A 328 12.85 -26.44 22.37
N LYS A 329 11.56 -26.56 22.68
CA LYS A 329 11.13 -26.46 24.07
C LYS A 329 11.69 -27.56 24.96
N PRO A 330 11.71 -28.85 24.56
CA PRO A 330 12.27 -29.87 25.46
C PRO A 330 13.78 -29.80 25.61
N VAL A 331 14.41 -28.76 25.05
CA VAL A 331 15.86 -28.60 25.12
C VAL A 331 16.25 -27.26 25.73
N PHE A 332 15.48 -26.21 25.47
CA PHE A 332 15.80 -24.89 25.98
C PHE A 332 14.91 -24.44 27.13
N ILE A 333 13.86 -25.19 27.46
CA ILE A 333 12.89 -24.74 28.45
C ILE A 333 12.85 -25.68 29.65
N ASP A 334 12.03 -26.73 29.57
CA ASP A 334 11.80 -27.61 30.70
C ASP A 334 11.90 -29.09 30.36
N GLY A 335 12.43 -29.44 29.19
CA GLY A 335 12.63 -30.84 28.85
C GLY A 335 11.39 -31.59 28.43
N ASP A 336 10.22 -30.98 28.52
CA ASP A 336 8.97 -31.64 28.17
C ASP A 336 8.43 -31.08 26.85
N TYR A 337 7.62 -31.89 26.18
CA TYR A 337 7.00 -31.48 24.93
C TYR A 337 6.08 -30.28 25.17
N PRO A 338 5.83 -29.48 24.14
CA PRO A 338 4.94 -28.33 24.30
C PRO A 338 3.52 -28.77 24.62
N GLU A 339 2.80 -27.90 25.33
CA GLU A 339 1.44 -28.22 25.76
C GLU A 339 0.49 -28.38 24.58
N SER A 340 0.78 -27.71 23.45
CA SER A 340 -0.07 -27.85 22.28
C SER A 340 -0.03 -29.27 21.73
N MET A 341 1.16 -29.86 21.64
CA MET A 341 1.28 -31.23 21.15
C MET A 341 0.76 -32.24 22.15
N LYS A 342 0.72 -31.90 23.44
CA LYS A 342 0.20 -32.83 24.45
C LYS A 342 -1.30 -33.04 24.31
N ASN A 343 -2.02 -32.10 23.72
CA ASN A 343 -3.47 -32.21 23.63
C ASN A 343 -3.90 -33.04 22.42
N ASN A 344 -3.46 -32.66 21.23
CA ASN A 344 -3.88 -33.38 20.03
C ASN A 344 -3.21 -34.74 19.92
N LEU A 345 -2.03 -34.90 20.51
CA LEU A 345 -1.33 -36.18 20.53
C LEU A 345 -1.36 -36.74 21.95
N SER A 346 -2.56 -37.09 22.41
CA SER A 346 -2.74 -37.66 23.73
C SER A 346 -2.71 -39.19 23.71
N SER A 347 -2.08 -39.79 22.70
CA SER A 347 -2.02 -41.24 22.61
C SER A 347 -0.79 -41.67 21.82
N ILE A 348 -0.66 -41.21 20.57
CA ILE A 348 0.46 -41.62 19.73
C ILE A 348 1.76 -40.92 20.08
N LEU A 349 1.72 -39.92 20.96
CA LEU A 349 2.94 -39.24 21.38
C LEU A 349 3.55 -39.95 22.58
N PRO A 350 4.82 -40.35 22.51
CA PRO A 350 5.46 -41.01 23.65
C PRO A 350 5.56 -40.07 24.84
N ASP A 351 5.75 -40.66 26.02
CA ASP A 351 5.81 -39.93 27.27
C ASP A 351 7.25 -39.89 27.78
N PHE A 352 7.67 -38.71 28.24
CA PHE A 352 8.98 -38.53 28.83
C PHE A 352 8.93 -38.79 30.32
N THR A 353 9.79 -39.67 30.81
CA THR A 353 9.90 -39.88 32.24
C THR A 353 10.52 -38.64 32.90
N GLU A 354 10.23 -38.48 34.19
CA GLU A 354 10.67 -37.28 34.90
C GLU A 354 12.18 -37.18 34.95
N SER A 355 12.87 -38.32 35.07
CA SER A 355 14.33 -38.32 35.07
C SER A 355 14.90 -37.87 33.74
N GLU A 356 14.17 -38.13 32.65
CA GLU A 356 14.66 -37.75 31.32
C GLU A 356 14.47 -36.27 31.03
N LYS A 357 13.38 -35.67 31.54
CA LYS A 357 13.10 -34.27 31.22
C LYS A 357 14.22 -33.35 31.69
N LYS A 358 14.73 -33.58 32.90
CA LYS A 358 15.86 -32.79 33.37
C LYS A 358 17.14 -33.14 32.62
N PHE A 359 17.24 -34.37 32.12
CA PHE A 359 18.41 -34.80 31.36
C PHE A 359 18.48 -34.15 29.99
N ILE A 360 17.36 -33.74 29.42
CA ILE A 360 17.34 -33.12 28.10
C ILE A 360 17.33 -31.60 28.25
N LYS A 361 16.74 -31.11 29.33
CA LYS A 361 16.65 -29.68 29.57
C LYS A 361 18.04 -29.06 29.70
N GLY A 362 18.31 -28.06 28.86
CA GLY A 362 19.56 -27.34 28.92
C GLY A 362 20.70 -27.94 28.13
N THR A 363 20.43 -28.88 27.22
CA THR A 363 21.47 -29.53 26.44
C THR A 363 21.75 -28.79 25.14
N ALA A 364 22.05 -27.49 25.25
CA ALA A 364 22.38 -26.68 24.08
C ALA A 364 23.02 -25.40 24.56
N ASP A 365 24.28 -25.17 24.17
CA ASP A 365 24.97 -23.95 24.53
C ASP A 365 24.57 -22.76 23.67
N PHE A 366 23.91 -23.02 22.54
CA PHE A 366 23.40 -21.97 21.67
C PHE A 366 22.26 -22.56 20.85
N PHE A 367 21.54 -21.69 20.15
CA PHE A 367 20.41 -22.09 19.33
C PHE A 367 20.88 -22.21 17.88
N ALA A 368 20.92 -23.43 17.37
CA ALA A 368 21.28 -23.69 15.98
C ALA A 368 20.02 -23.64 15.13
N LEU A 369 19.88 -22.56 14.36
CA LEU A 369 18.68 -22.33 13.56
C LEU A 369 18.92 -22.77 12.12
N CYS A 370 17.96 -23.52 11.58
CA CYS A 370 17.97 -23.95 10.19
C CYS A 370 16.74 -23.38 9.49
N PHE A 371 16.95 -22.67 8.39
CA PHE A 371 15.85 -21.99 7.69
C PHE A 371 16.22 -21.86 6.22
N GLY A 372 15.63 -22.72 5.39
CA GLY A 372 15.89 -22.69 3.96
C GLY A 372 14.85 -23.47 3.19
N PRO A 373 15.24 -23.98 2.01
CA PRO A 373 14.30 -24.78 1.22
C PRO A 373 14.19 -26.20 1.71
N THR A 374 14.65 -26.45 2.94
CA THR A 374 14.60 -27.80 3.50
C THR A 374 13.16 -28.24 3.72
N LEU A 375 12.44 -27.56 4.62
CA LEU A 375 11.03 -27.81 4.81
C LEU A 375 10.13 -26.68 4.33
N SER A 376 10.64 -25.46 4.23
CA SER A 376 9.83 -24.34 3.77
C SER A 376 9.37 -24.55 2.34
N PHE A 377 8.06 -24.68 2.16
CA PHE A 377 7.45 -24.91 0.85
C PHE A 377 7.99 -26.19 0.20
N GLN A 378 8.16 -27.23 1.02
CA GLN A 378 8.68 -28.50 0.52
C GLN A 378 8.32 -29.66 1.44
N LEU A 379 9.10 -29.84 2.52
CA LEU A 379 8.95 -30.99 3.40
C LEU A 379 8.07 -30.71 4.61
N LEU A 380 7.57 -29.49 4.78
CA LEU A 380 6.65 -29.20 5.88
C LEU A 380 5.33 -29.92 5.63
N ASP A 381 4.84 -30.63 6.64
CA ASP A 381 3.58 -31.33 6.52
C ASP A 381 2.45 -30.31 6.38
N PRO A 382 1.54 -30.48 5.42
CA PRO A 382 0.47 -29.48 5.25
C PRO A 382 -0.49 -29.43 6.43
N HIS A 383 -0.78 -30.57 7.06
CA HIS A 383 -1.71 -30.58 8.19
C HIS A 383 -1.17 -29.77 9.36
N MET A 384 0.14 -29.74 9.54
CA MET A 384 0.76 -29.04 10.66
C MET A 384 0.74 -27.52 10.50
N LYS A 385 0.21 -26.99 9.40
CA LYS A 385 0.05 -25.56 9.24
C LYS A 385 -1.20 -25.03 9.93
N PHE A 386 -2.22 -25.89 10.11
CA PHE A 386 -3.47 -25.53 10.77
C PHE A 386 -4.17 -24.39 10.04
N ARG A 387 -4.33 -24.54 8.73
CA ARG A 387 -5.09 -23.62 7.89
C ARG A 387 -4.56 -22.19 7.98
N GLN A 388 -3.24 -22.06 7.97
CA GLN A 388 -2.58 -20.76 7.99
C GLN A 388 -1.67 -20.63 6.78
N LEU A 389 -1.04 -19.46 6.65
CA LEU A 389 -0.23 -19.13 5.49
C LEU A 389 1.24 -19.32 5.80
N GLU A 390 1.93 -20.09 4.96
CA GLU A 390 3.37 -20.30 5.11
C GLU A 390 4.13 -19.14 4.50
N SER A 391 5.02 -18.53 5.29
CA SER A 391 5.78 -17.37 4.85
C SER A 391 7.27 -17.62 5.06
N PRO A 392 8.12 -17.13 4.14
CA PRO A 392 9.56 -17.28 4.34
C PRO A 392 10.18 -16.10 5.08
N ASN A 393 9.45 -15.58 6.07
CA ASN A 393 9.91 -14.41 6.82
C ASN A 393 10.86 -14.87 7.92
N LEU A 394 12.14 -14.49 7.79
CA LEU A 394 13.15 -14.85 8.78
C LEU A 394 13.26 -13.84 9.90
N ARG A 395 12.85 -12.59 9.68
CA ARG A 395 13.03 -11.54 10.68
C ARG A 395 12.22 -11.83 11.94
N GLN A 396 10.90 -11.98 11.79
CA GLN A 396 10.06 -12.22 12.95
C GLN A 396 10.23 -13.63 13.51
N LEU A 397 10.70 -14.58 12.70
CA LEU A 397 11.07 -15.89 13.25
C LEU A 397 12.24 -15.77 14.22
N LEU A 398 13.23 -14.94 13.89
CA LEU A 398 14.31 -14.66 14.83
C LEU A 398 13.77 -13.96 16.08
N SER A 399 12.82 -13.04 15.90
CA SER A 399 12.22 -12.37 17.05
C SER A 399 11.34 -13.33 17.85
N TRP A 400 10.70 -14.30 17.18
CA TRP A 400 9.86 -15.26 17.87
C TRP A 400 10.71 -16.22 18.70
N ILE A 401 11.84 -16.67 18.16
CA ILE A 401 12.75 -17.52 18.92
C ILE A 401 13.41 -16.71 20.03
N ASP A 402 13.65 -15.42 19.81
CA ASP A 402 14.24 -14.57 20.84
C ASP A 402 13.33 -14.47 22.06
N LEU A 403 12.02 -14.48 21.86
CA LEU A 403 11.09 -14.35 22.96
C LEU A 403 10.67 -15.68 23.56
N GLU A 404 10.56 -16.73 22.75
CA GLU A 404 10.11 -18.03 23.23
C GLU A 404 11.18 -18.81 23.99
N PHE A 405 12.43 -18.34 23.99
CA PHE A 405 13.49 -19.11 24.62
C PHE A 405 14.48 -18.23 25.37
N ASN A 406 13.99 -17.12 25.94
CA ASN A 406 14.74 -16.31 26.91
C ASN A 406 16.03 -15.76 26.31
N HIS A 407 15.92 -15.18 25.12
CA HIS A 407 17.00 -14.48 24.45
C HIS A 407 18.25 -15.35 24.34
N PRO A 408 18.22 -16.43 23.56
CA PRO A 408 19.42 -17.27 23.41
C PRO A 408 20.33 -16.73 22.32
N GLN A 409 21.49 -17.38 22.19
CA GLN A 409 22.43 -17.08 21.13
C GLN A 409 22.03 -17.84 19.87
N ILE A 410 21.69 -17.11 18.82
CA ILE A 410 21.18 -17.71 17.58
C ILE A 410 22.34 -17.84 16.60
N PHE A 411 22.51 -19.04 16.05
CA PHE A 411 23.55 -19.33 15.06
C PHE A 411 22.87 -20.02 13.88
N ILE A 412 22.61 -19.27 12.81
CA ILE A 412 21.96 -19.81 11.62
C ILE A 412 22.93 -20.76 10.93
N VAL A 413 22.70 -22.07 11.07
CA VAL A 413 23.59 -23.07 10.49
C VAL A 413 23.27 -23.41 9.04
N GLU A 414 22.13 -22.99 8.53
CA GLU A 414 21.74 -23.31 7.16
C GLU A 414 20.73 -22.28 6.67
N ASN A 415 20.99 -21.71 5.50
CA ASN A 415 20.08 -20.73 4.91
C ASN A 415 20.17 -20.75 3.39
N GLY A 416 19.90 -19.62 2.75
CA GLY A 416 19.90 -19.54 1.31
C GLY A 416 18.70 -20.22 0.68
N TRP A 417 18.53 -20.07 -0.63
CA TRP A 417 17.41 -20.71 -1.32
C TRP A 417 17.92 -21.74 -2.31
N PHE A 418 17.30 -21.82 -3.48
CA PHE A 418 17.69 -22.81 -4.47
C PHE A 418 17.33 -22.30 -5.86
N VAL A 419 17.93 -22.95 -6.87
CA VAL A 419 17.65 -22.66 -8.27
C VAL A 419 17.44 -24.00 -8.99
N SER A 420 16.99 -23.91 -10.24
CA SER A 420 16.73 -25.11 -11.01
C SER A 420 18.03 -25.82 -11.37
N GLY A 421 17.90 -27.08 -11.79
CA GLY A 421 19.07 -27.87 -12.14
C GLY A 421 19.81 -27.39 -13.37
N THR A 422 19.12 -26.68 -14.26
CA THR A 422 19.76 -26.18 -15.47
C THR A 422 20.52 -24.88 -15.24
N THR A 423 20.23 -24.17 -14.14
CA THR A 423 20.94 -22.93 -13.84
C THR A 423 22.40 -23.21 -13.52
N LYS A 424 23.30 -22.55 -14.24
CA LYS A 424 24.73 -22.80 -14.08
C LYS A 424 25.39 -21.76 -13.18
N ARG A 425 26.30 -20.96 -13.74
CA ARG A 425 27.07 -20.03 -12.92
C ARG A 425 26.32 -18.73 -12.64
N ASP A 426 25.29 -18.41 -13.42
CA ASP A 426 24.51 -17.19 -13.23
C ASP A 426 23.24 -17.57 -12.47
N ASP A 427 23.21 -17.22 -11.17
CA ASP A 427 22.10 -17.56 -10.29
C ASP A 427 21.67 -16.30 -9.52
N ALA A 428 21.07 -15.36 -10.24
CA ALA A 428 20.62 -14.12 -9.61
C ALA A 428 19.52 -14.38 -8.60
N LYS A 429 18.61 -15.30 -8.91
CA LYS A 429 17.54 -15.62 -7.97
C LYS A 429 18.08 -16.03 -6.61
N TYR A 430 19.13 -16.85 -6.60
CA TYR A 430 19.70 -17.31 -5.34
C TYR A 430 20.42 -16.19 -4.61
N MET A 431 21.09 -15.31 -5.35
CA MET A 431 21.89 -14.27 -4.68
C MET A 431 21.01 -13.19 -4.07
N TYR A 432 19.82 -12.96 -4.62
CA TYR A 432 18.93 -11.97 -4.01
C TYR A 432 18.14 -12.58 -2.86
N TYR A 433 17.84 -13.88 -2.91
CA TYR A 433 17.31 -14.56 -1.73
C TYR A 433 18.31 -14.53 -0.58
N LEU A 434 19.58 -14.83 -0.89
CA LEU A 434 20.63 -14.74 0.12
C LEU A 434 20.80 -13.30 0.61
N LYS A 435 20.62 -12.33 -0.28
CA LYS A 435 20.80 -10.94 0.10
C LYS A 435 19.75 -10.51 1.13
N LYS A 436 18.49 -10.87 0.91
CA LYS A 436 17.45 -10.52 1.87
C LYS A 436 17.54 -11.36 3.14
N PHE A 437 17.94 -12.63 3.01
CA PHE A 437 18.06 -13.50 4.17
C PHE A 437 19.04 -12.93 5.19
N ILE A 438 20.14 -12.35 4.72
CA ILE A 438 21.07 -11.69 5.63
C ILE A 438 20.60 -10.28 6.00
N MET A 439 19.75 -9.68 5.17
CA MET A 439 19.25 -8.34 5.47
C MET A 439 18.30 -8.36 6.66
N GLU A 440 17.33 -9.29 6.65
CA GLU A 440 16.41 -9.40 7.77
C GLU A 440 17.13 -9.83 9.04
N THR A 441 18.21 -10.59 8.91
CA THR A 441 19.02 -10.94 10.08
C THR A 441 19.66 -9.71 10.69
N LEU A 442 20.18 -8.81 9.84
CA LEU A 442 20.76 -7.56 10.34
C LEU A 442 19.68 -6.71 11.01
N LYS A 443 18.46 -6.72 10.46
CA LYS A 443 17.36 -6.00 11.09
C LYS A 443 17.01 -6.59 12.45
N ALA A 444 17.13 -7.90 12.61
CA ALA A 444 16.87 -8.54 13.89
C ALA A 444 17.91 -8.16 14.94
N ILE A 445 19.09 -7.71 14.52
CA ILE A 445 20.14 -7.31 15.45
C ILE A 445 20.03 -5.84 15.81
N LYS A 446 19.81 -4.98 14.80
CA LYS A 446 19.81 -3.54 15.03
C LYS A 446 18.49 -3.06 15.63
N LEU A 447 17.36 -3.62 15.18
CA LEU A 447 16.05 -3.09 15.53
C LEU A 447 15.25 -3.96 16.48
N ASP A 448 15.43 -5.28 16.44
CA ASP A 448 14.69 -6.19 17.31
C ASP A 448 15.44 -6.54 18.59
N GLY A 449 16.77 -6.58 18.55
CA GLY A 449 17.55 -6.98 19.70
C GLY A 449 17.90 -8.44 19.76
N VAL A 450 17.69 -9.19 18.67
CA VAL A 450 18.01 -10.62 18.66
C VAL A 450 19.53 -10.80 18.69
N ASP A 451 19.98 -11.76 19.47
CA ASP A 451 21.42 -12.02 19.63
C ASP A 451 21.88 -13.09 18.64
N VAL A 452 21.73 -12.77 17.35
CA VAL A 452 22.23 -13.67 16.31
C VAL A 452 23.75 -13.63 16.31
N ILE A 453 24.37 -14.80 16.41
CA ILE A 453 25.81 -14.91 16.61
C ILE A 453 26.56 -15.34 15.36
N GLY A 454 25.88 -15.85 14.33
CA GLY A 454 26.56 -16.27 13.12
C GLY A 454 25.58 -16.58 12.01
N TYR A 455 26.09 -16.55 10.79
CA TYR A 455 25.33 -16.85 9.59
C TYR A 455 26.05 -17.90 8.76
N THR A 456 25.28 -18.79 8.14
CA THR A 456 25.84 -19.88 7.34
C THR A 456 24.99 -20.04 6.07
N ALA A 457 25.48 -19.51 4.96
CA ALA A 457 24.84 -19.77 3.67
C ALA A 457 25.05 -21.23 3.30
N TRP A 458 23.96 -21.95 3.06
CA TRP A 458 24.05 -23.39 2.90
C TRP A 458 24.61 -23.77 1.54
N SER A 459 25.26 -24.93 1.51
CA SER A 459 25.77 -25.59 0.31
C SER A 459 26.94 -24.80 -0.29
N LEU A 460 28.16 -25.25 0.00
CA LEU A 460 29.33 -24.68 -0.66
C LEU A 460 29.32 -25.01 -2.15
N MET A 461 28.72 -26.15 -2.52
CA MET A 461 28.72 -26.60 -3.91
C MET A 461 27.41 -27.32 -4.19
N ASP A 462 27.14 -27.51 -5.48
CA ASP A 462 25.97 -28.28 -5.89
C ASP A 462 26.20 -29.76 -5.61
N GLY A 463 25.11 -30.49 -5.44
CA GLY A 463 25.21 -31.90 -5.18
C GLY A 463 23.85 -32.55 -5.10
N PHE A 464 23.84 -33.75 -4.53
CA PHE A 464 22.60 -34.51 -4.37
C PHE A 464 21.70 -33.82 -3.36
N GLU A 465 20.50 -33.44 -3.79
CA GLU A 465 19.56 -32.69 -2.95
C GLU A 465 18.46 -33.58 -2.39
N TRP A 466 18.83 -34.76 -1.89
CA TRP A 466 17.92 -35.69 -1.20
C TRP A 466 16.83 -36.12 -2.18
N HIS A 467 15.55 -35.97 -1.83
CA HIS A 467 14.48 -36.48 -2.69
C HIS A 467 14.41 -35.73 -4.01
N ARG A 468 14.85 -34.47 -4.05
CA ARG A 468 14.81 -33.71 -5.29
C ARG A 468 15.90 -34.11 -6.27
N GLY A 469 16.81 -35.00 -5.87
CA GLY A 469 17.85 -35.45 -6.79
C GLY A 469 18.79 -34.33 -7.14
N TYR A 470 19.08 -34.19 -8.43
CA TYR A 470 19.96 -33.14 -8.94
C TYR A 470 19.20 -32.06 -9.69
N SER A 471 17.86 -32.12 -9.69
CA SER A 471 17.07 -31.13 -10.42
C SER A 471 17.07 -29.76 -9.75
N ILE A 472 17.63 -29.64 -8.55
CA ILE A 472 17.69 -28.39 -7.82
C ILE A 472 19.14 -28.15 -7.41
N ARG A 473 19.59 -26.90 -7.53
CA ARG A 473 20.96 -26.53 -7.18
C ARG A 473 20.93 -25.47 -6.08
N ARG A 474 21.81 -25.63 -5.09
CA ARG A 474 21.87 -24.73 -3.95
C ARG A 474 23.25 -24.20 -3.64
N GLY A 475 24.29 -24.66 -4.33
CA GLY A 475 25.64 -24.29 -3.97
C GLY A 475 26.07 -22.95 -4.53
N LEU A 476 27.08 -22.36 -3.87
CA LEU A 476 27.70 -21.14 -4.34
C LEU A 476 28.71 -21.39 -5.46
N PHE A 477 29.05 -22.64 -5.74
CA PHE A 477 30.02 -23.00 -6.75
C PHE A 477 29.43 -24.05 -7.68
N TYR A 478 29.43 -23.76 -8.98
CA TYR A 478 28.83 -24.66 -9.95
C TYR A 478 29.69 -25.91 -10.13
N VAL A 479 29.04 -27.07 -10.12
CA VAL A 479 29.70 -28.36 -10.30
C VAL A 479 29.12 -29.03 -11.55
N ASP A 480 29.99 -29.53 -12.41
CA ASP A 480 29.58 -30.24 -13.63
C ASP A 480 29.68 -31.73 -13.35
N PHE A 481 28.54 -32.36 -13.05
CA PHE A 481 28.54 -33.78 -12.72
C PHE A 481 28.89 -34.64 -13.93
N LEU A 482 28.62 -34.15 -15.14
CA LEU A 482 28.96 -34.89 -16.35
C LEU A 482 30.45 -34.86 -16.66
N SER A 483 31.22 -34.03 -15.98
CA SER A 483 32.65 -33.91 -16.23
C SER A 483 33.44 -34.85 -15.31
N GLN A 484 34.65 -35.17 -15.74
CA GLN A 484 35.57 -35.98 -14.95
C GLN A 484 36.44 -35.15 -14.02
N ASP A 485 36.27 -33.82 -14.02
CA ASP A 485 37.00 -32.93 -13.13
C ASP A 485 36.13 -32.41 -12.00
N LYS A 486 34.93 -31.92 -12.32
CA LYS A 486 33.96 -31.44 -11.34
C LYS A 486 34.54 -30.31 -10.48
N MET A 487 35.38 -29.47 -11.08
CA MET A 487 35.97 -28.36 -10.35
C MET A 487 34.91 -27.31 -10.03
N LEU A 488 35.17 -26.55 -8.96
CA LEU A 488 34.23 -25.52 -8.53
C LEU A 488 34.41 -24.26 -9.35
N LEU A 489 33.28 -23.66 -9.74
CA LEU A 489 33.28 -22.41 -10.48
C LEU A 489 32.45 -21.39 -9.71
N PRO A 490 33.03 -20.24 -9.33
CA PRO A 490 32.27 -19.28 -8.51
C PRO A 490 31.06 -18.73 -9.24
N LYS A 491 29.92 -18.76 -8.56
CA LYS A 491 28.69 -18.19 -9.08
C LYS A 491 28.60 -16.70 -8.70
N SER A 492 27.53 -16.06 -9.15
CA SER A 492 27.34 -14.65 -8.83
C SER A 492 27.11 -14.45 -7.34
N SER A 493 26.37 -15.37 -6.71
CA SER A 493 26.14 -15.28 -5.27
C SER A 493 27.43 -15.44 -4.49
N ALA A 494 28.35 -16.29 -4.98
CA ALA A 494 29.63 -16.47 -4.30
C ALA A 494 30.44 -15.19 -4.30
N LEU A 495 30.40 -14.43 -5.39
CA LEU A 495 31.07 -13.14 -5.42
C LEU A 495 30.37 -12.15 -4.51
N PHE A 496 29.04 -12.21 -4.44
CA PHE A 496 28.30 -11.33 -3.55
C PHE A 496 28.63 -11.62 -2.09
N TYR A 497 28.64 -12.90 -1.72
CA TYR A 497 28.96 -13.28 -0.35
C TYR A 497 30.39 -12.87 0.01
N GLN A 498 31.31 -13.04 -0.94
CA GLN A 498 32.71 -12.66 -0.70
C GLN A 498 32.84 -11.17 -0.42
N LYS A 499 32.26 -10.33 -1.28
CA LYS A 499 32.33 -8.90 -1.09
C LYS A 499 31.61 -8.44 0.17
N LEU A 500 30.64 -9.22 0.65
CA LEU A 500 29.92 -8.84 1.87
C LEU A 500 30.72 -9.15 3.13
N ILE A 501 31.36 -10.33 3.17
CA ILE A 501 32.17 -10.69 4.33
C ILE A 501 33.35 -9.74 4.48
N GLU A 502 33.94 -9.31 3.36
CA GLU A 502 35.07 -8.39 3.42
C GLU A 502 34.72 -7.05 4.06
N LYS A 503 33.45 -6.64 4.02
CA LYS A 503 33.02 -5.41 4.65
C LYS A 503 32.15 -5.64 5.88
N ASN A 504 31.81 -6.89 6.19
CA ASN A 504 31.01 -7.26 7.35
C ASN A 504 29.65 -6.54 7.35
N GLY A 505 28.86 -6.86 6.33
CA GLY A 505 27.52 -6.31 6.23
C GLY A 505 27.33 -5.33 5.10
N PHE A 506 26.71 -4.18 5.39
CA PHE A 506 26.39 -3.17 4.39
C PHE A 506 26.85 -1.82 4.88
N PRO A 507 28.11 -1.46 4.64
CA PRO A 507 28.59 -0.14 5.04
C PRO A 507 27.96 0.95 4.19
N PRO A 508 27.92 2.19 4.68
CA PRO A 508 27.30 3.26 3.90
C PRO A 508 28.11 3.60 2.67
N LEU A 509 27.43 3.68 1.52
CA LEU A 509 28.08 3.98 0.25
C LEU A 509 27.90 5.45 -0.11
N PRO A 510 28.90 6.06 -0.75
CA PRO A 510 28.79 7.49 -1.09
C PRO A 510 27.69 7.79 -2.10
N GLU A 511 27.30 6.81 -2.94
CA GLU A 511 26.26 7.07 -3.93
C GLU A 511 24.91 7.31 -3.29
N ASN A 512 24.64 6.66 -2.15
CA ASN A 512 23.36 6.79 -1.46
C ASN A 512 23.41 7.81 -0.32
N GLN A 513 24.28 8.81 -0.44
CA GLN A 513 24.34 9.79 0.65
C GLN A 513 23.53 11.03 0.30
N PRO A 514 22.85 11.61 1.29
CA PRO A 514 22.10 12.85 1.05
C PRO A 514 22.98 13.92 0.42
N LEU A 515 22.37 14.70 -0.48
CA LEU A 515 23.06 15.75 -1.20
C LEU A 515 22.46 17.10 -0.82
N GLU A 516 23.32 18.08 -0.58
CA GLU A 516 22.91 19.43 -0.23
C GLU A 516 23.12 20.36 -1.41
N GLY A 517 22.23 21.34 -1.54
CA GLY A 517 22.30 22.28 -2.64
C GLY A 517 20.92 22.69 -3.13
N THR A 518 20.86 23.71 -3.96
CA THR A 518 19.60 24.24 -4.48
C THR A 518 19.49 23.99 -5.98
N PHE A 519 18.25 23.95 -6.46
CA PHE A 519 17.97 23.84 -7.87
C PHE A 519 18.13 25.20 -8.55
N PRO A 520 18.29 25.21 -9.88
CA PRO A 520 18.38 26.50 -10.58
C PRO A 520 17.14 27.34 -10.36
N CYS A 521 17.30 28.66 -10.47
CA CYS A 521 16.18 29.57 -10.33
C CYS A 521 15.17 29.35 -11.46
N ASP A 522 13.90 29.61 -11.16
CA ASP A 522 12.80 29.34 -12.08
C ASP A 522 12.77 27.87 -12.49
N PHE A 523 12.99 26.99 -11.52
CA PHE A 523 12.85 25.56 -11.74
C PHE A 523 11.39 25.17 -11.59
N ALA A 524 10.87 24.47 -12.59
CA ALA A 524 9.44 24.17 -12.64
C ALA A 524 9.07 23.17 -11.55
N TRP A 525 8.26 23.60 -10.59
CA TRP A 525 7.70 22.73 -9.57
C TRP A 525 6.19 22.60 -9.81
N GLY A 526 5.68 21.39 -9.73
CA GLY A 526 4.25 21.23 -9.92
C GLY A 526 3.81 19.78 -9.81
N VAL A 527 2.54 19.57 -10.16
CA VAL A 527 1.87 18.29 -10.04
C VAL A 527 1.25 17.92 -11.38
N VAL A 528 0.70 16.72 -11.44
CA VAL A 528 0.08 16.18 -12.66
C VAL A 528 -1.38 15.87 -12.36
N ASP A 529 -2.22 15.97 -13.38
CA ASP A 529 -3.62 15.54 -13.28
C ASP A 529 -4.06 15.10 -14.69
N ASN A 530 -3.85 13.81 -14.97
CA ASN A 530 -4.08 13.30 -16.31
C ASN A 530 -5.56 13.20 -16.67
N TYR A 531 -6.46 13.19 -15.69
CA TYR A 531 -7.89 13.02 -15.93
C TYR A 531 -8.67 14.05 -15.11
N ILE A 532 -8.56 15.32 -15.53
CA ILE A 532 -9.31 16.38 -14.87
C ILE A 532 -10.80 16.14 -15.05
N GLN A 533 -11.54 16.16 -13.95
CA GLN A 533 -12.99 16.03 -14.00
C GLN A 533 -13.57 17.25 -14.71
N VAL A 534 -14.30 17.02 -15.80
CA VAL A 534 -14.88 18.11 -16.57
C VAL A 534 -16.15 18.59 -15.89
N ASP A 535 -16.45 19.87 -16.07
CA ASP A 535 -17.62 20.51 -15.46
C ASP A 535 -18.35 21.28 -16.57
N THR A 536 -19.06 20.55 -17.43
CA THR A 536 -19.81 21.18 -18.50
C THR A 536 -21.01 21.97 -17.99
N THR A 537 -21.54 21.61 -16.83
CA THR A 537 -22.69 22.30 -16.27
C THR A 537 -22.27 23.65 -15.70
N LEU A 538 -22.90 24.72 -16.18
CA LEU A 538 -22.61 26.06 -15.68
C LEU A 538 -23.31 26.29 -14.35
N SER A 539 -22.70 27.14 -13.51
CA SER A 539 -23.22 27.38 -12.17
C SER A 539 -24.27 28.48 -12.14
N GLN A 540 -24.10 29.53 -12.94
CA GLN A 540 -25.01 30.67 -12.92
C GLN A 540 -25.38 31.07 -14.34
N PHE A 541 -26.45 31.86 -14.43
CA PHE A 541 -26.96 32.37 -15.71
C PHE A 541 -27.37 31.22 -16.64
N THR A 542 -27.95 30.17 -16.06
CA THR A 542 -28.45 29.04 -16.83
C THR A 542 -29.95 29.10 -17.07
N ASP A 543 -30.72 29.48 -16.06
CA ASP A 543 -32.17 29.56 -16.18
C ASP A 543 -32.57 30.79 -16.98
N LEU A 544 -33.23 30.57 -18.12
CA LEU A 544 -33.66 31.65 -18.99
C LEU A 544 -35.10 32.09 -18.74
N ASN A 545 -35.86 31.34 -17.96
CA ASN A 545 -37.25 31.71 -17.68
C ASN A 545 -37.31 32.86 -16.68
N VAL A 546 -38.41 33.61 -16.74
CA VAL A 546 -38.66 34.70 -15.81
C VAL A 546 -39.76 34.27 -14.85
N TYR A 547 -39.68 34.79 -13.63
CA TYR A 547 -40.60 34.41 -12.56
C TYR A 547 -41.23 35.65 -11.94
N LEU A 548 -42.31 35.43 -11.21
CA LEU A 548 -43.00 36.47 -10.47
C LEU A 548 -42.69 36.27 -8.99
N TRP A 549 -41.86 37.14 -8.44
CA TRP A 549 -41.49 37.05 -7.02
C TRP A 549 -42.57 37.73 -6.19
N ASP A 550 -43.32 36.94 -5.44
CA ASP A 550 -44.37 37.47 -4.58
C ASP A 550 -43.69 38.06 -3.33
N VAL A 551 -43.15 39.27 -3.51
CA VAL A 551 -42.43 39.95 -2.44
C VAL A 551 -43.31 40.08 -1.20
N HIS A 552 -44.61 40.27 -1.39
CA HIS A 552 -45.55 40.37 -0.29
C HIS A 552 -46.22 39.01 -0.07
N HIS A 553 -46.79 38.84 1.12
CA HIS A 553 -47.43 37.59 1.54
C HIS A 553 -46.37 36.49 1.50
N SER A 554 -46.57 35.39 0.77
CA SER A 554 -45.59 34.32 0.70
C SER A 554 -44.50 34.71 -0.28
N LYS A 555 -43.25 34.73 0.19
CA LYS A 555 -42.12 35.17 -0.64
C LYS A 555 -41.57 33.98 -1.44
N ARG A 556 -42.38 33.53 -2.39
CA ARG A 556 -42.02 32.44 -3.29
C ARG A 556 -42.09 32.92 -4.73
N LEU A 557 -41.65 32.06 -5.64
CA LEU A 557 -41.60 32.38 -7.06
C LEU A 557 -42.69 31.64 -7.81
N ILE A 558 -43.27 32.31 -8.81
CA ILE A 558 -44.32 31.76 -9.63
C ILE A 558 -43.89 31.91 -11.09
N LYS A 559 -43.66 30.79 -11.77
CA LYS A 559 -43.18 30.84 -13.15
C LYS A 559 -44.32 31.21 -14.09
N VAL A 560 -43.99 31.99 -15.11
CA VAL A 560 -44.94 32.36 -16.15
C VAL A 560 -44.90 31.32 -17.26
N ASP A 561 -46.03 31.16 -17.96
CA ASP A 561 -46.12 30.19 -19.04
C ASP A 561 -45.57 30.69 -20.36
N GLY A 562 -45.06 31.93 -20.40
CA GLY A 562 -44.49 32.48 -21.61
C GLY A 562 -42.97 32.32 -21.68
N VAL A 563 -42.40 32.91 -22.72
CA VAL A 563 -40.97 32.86 -22.97
C VAL A 563 -40.49 34.27 -23.29
N VAL A 564 -39.38 34.68 -22.67
CA VAL A 564 -38.83 36.01 -22.85
C VAL A 564 -37.39 36.02 -22.36
N THR A 565 -36.71 37.16 -22.52
CA THR A 565 -35.30 37.35 -22.16
C THR A 565 -34.37 36.42 -22.94
N LYS A 566 -33.08 36.55 -22.73
CA LYS A 566 -32.08 35.84 -23.53
C LYS A 566 -31.00 35.32 -22.58
N LYS A 567 -29.84 35.00 -23.14
CA LYS A 567 -28.71 34.49 -22.37
C LYS A 567 -27.47 35.32 -22.69
N ARG A 568 -26.73 35.70 -21.66
CA ARG A 568 -25.50 36.45 -21.85
C ARG A 568 -24.36 35.50 -22.17
N LYS A 569 -23.21 36.07 -22.52
CA LYS A 569 -22.02 35.27 -22.77
C LYS A 569 -21.50 34.68 -21.46
N SER A 570 -21.07 33.42 -21.53
CA SER A 570 -20.56 32.73 -20.35
C SER A 570 -19.10 33.08 -20.12
N TYR A 571 -18.78 33.52 -18.91
CA TYR A 571 -17.43 33.88 -18.53
C TYR A 571 -16.76 32.71 -17.83
N CYS A 572 -15.66 32.98 -17.11
CA CYS A 572 -14.92 31.90 -16.47
C CYS A 572 -15.48 31.57 -15.09
N VAL A 573 -16.07 32.55 -14.40
CA VAL A 573 -16.63 32.30 -13.09
C VAL A 573 -17.83 31.35 -13.15
N ASP A 574 -18.39 31.13 -14.33
CA ASP A 574 -19.54 30.24 -14.45
C ASP A 574 -19.16 28.79 -14.17
N PHE A 575 -17.91 28.42 -14.40
CA PHE A 575 -17.43 27.07 -14.12
C PHE A 575 -16.96 27.03 -12.67
N ALA A 576 -17.80 26.50 -11.78
CA ALA A 576 -17.52 26.52 -10.36
C ALA A 576 -16.61 25.37 -9.94
N ALA A 577 -15.78 24.89 -10.86
CA ALA A 577 -14.83 23.83 -10.57
C ALA A 577 -13.38 24.25 -10.73
N ILE A 578 -13.10 25.36 -11.40
CA ILE A 578 -11.72 25.80 -11.61
C ILE A 578 -11.15 26.40 -10.33
N GLN A 579 -11.90 27.32 -9.70
CA GLN A 579 -11.38 28.01 -8.52
C GLN A 579 -11.08 27.08 -7.35
N PRO A 580 -11.88 26.05 -7.04
CA PRO A 580 -11.48 25.15 -5.94
C PRO A 580 -10.19 24.40 -6.22
N GLN A 581 -9.99 23.91 -7.44
CA GLN A 581 -8.73 23.25 -7.77
C GLN A 581 -7.56 24.23 -7.71
N ILE A 582 -7.78 25.45 -8.21
CA ILE A 582 -6.73 26.47 -8.14
C ILE A 582 -6.42 26.81 -6.69
N ALA A 583 -7.45 26.83 -5.83
CA ALA A 583 -7.22 27.09 -4.41
C ALA A 583 -6.38 26.00 -3.77
N LEU A 584 -6.49 24.76 -4.25
CA LEU A 584 -5.63 23.69 -3.75
C LEU A 584 -4.21 23.83 -4.28
N LEU A 585 -4.04 24.45 -5.45
CA LEU A 585 -2.70 24.65 -6.01
C LEU A 585 -2.01 25.87 -5.42
N GLN A 586 -2.75 26.84 -4.90
CA GLN A 586 -2.14 28.03 -4.33
C GLN A 586 -1.42 27.70 -3.03
N GLU A 587 -2.11 27.05 -2.10
CA GLU A 587 -1.48 26.65 -0.84
C GLU A 587 -0.40 25.60 -1.04
N MET A 588 -0.42 24.90 -2.17
CA MET A 588 0.61 23.92 -2.48
C MET A 588 1.88 24.55 -3.02
N HIS A 589 1.87 25.86 -3.30
CA HIS A 589 3.01 26.58 -3.86
C HIS A 589 3.49 25.96 -5.17
N VAL A 590 2.57 25.37 -5.92
CA VAL A 590 2.89 24.78 -7.22
C VAL A 590 3.00 25.89 -8.25
N THR A 591 4.08 25.87 -9.03
CA THR A 591 4.31 26.87 -10.06
C THR A 591 3.90 26.41 -11.46
N HIS A 592 3.73 25.11 -11.67
CA HIS A 592 3.32 24.58 -12.96
C HIS A 592 2.31 23.47 -12.74
N PHE A 593 1.18 23.52 -13.45
CA PHE A 593 0.15 22.50 -13.35
C PHE A 593 0.06 21.77 -14.68
N ARG A 594 0.21 20.45 -14.64
CA ARG A 594 0.19 19.61 -15.82
C ARG A 594 -1.12 18.85 -15.90
N PHE A 595 -1.78 18.93 -17.06
CA PHE A 595 -3.00 18.17 -17.30
C PHE A 595 -3.10 17.91 -18.81
N SER A 596 -4.12 17.16 -19.19
CA SER A 596 -4.31 16.76 -20.58
C SER A 596 -5.73 17.06 -21.03
N LEU A 597 -5.97 16.83 -22.32
CA LEU A 597 -7.26 17.07 -22.94
C LEU A 597 -7.87 15.75 -23.40
N ASP A 598 -9.20 15.74 -23.50
CA ASP A 598 -9.95 14.56 -23.92
C ASP A 598 -10.31 14.73 -25.40
N TRP A 599 -9.57 14.05 -26.26
CA TRP A 599 -9.80 14.16 -27.70
C TRP A 599 -11.17 13.59 -28.08
N ALA A 600 -11.60 12.52 -27.41
CA ALA A 600 -12.89 11.91 -27.70
C ALA A 600 -14.06 12.84 -27.37
N LEU A 601 -13.82 13.86 -26.53
CA LEU A 601 -14.87 14.81 -26.17
C LEU A 601 -14.76 16.13 -26.95
N ILE A 602 -13.55 16.55 -27.32
CA ILE A 602 -13.39 17.75 -28.12
C ILE A 602 -14.05 17.56 -29.49
N LEU A 603 -13.63 16.53 -30.21
CA LEU A 603 -14.18 16.18 -31.53
C LEU A 603 -14.84 14.82 -31.42
N PRO A 604 -16.10 14.76 -31.01
CA PRO A 604 -16.75 13.43 -30.86
C PRO A 604 -16.92 12.69 -32.18
N LEU A 605 -17.22 13.41 -33.25
CA LEU A 605 -17.45 12.80 -34.56
C LEU A 605 -16.16 12.63 -35.36
N GLY A 606 -15.01 12.61 -34.70
CA GLY A 606 -13.76 12.40 -35.38
C GLY A 606 -13.29 13.61 -36.19
N ASN A 607 -14.10 14.04 -37.14
CA ASN A 607 -13.76 15.18 -37.98
C ASN A 607 -13.81 16.48 -37.18
N GLN A 608 -13.21 17.52 -37.75
CA GLN A 608 -13.14 18.83 -37.11
C GLN A 608 -14.30 19.75 -37.52
N SER A 609 -15.46 19.17 -37.83
CA SER A 609 -16.62 19.96 -38.22
C SER A 609 -17.55 20.21 -37.04
N GLN A 610 -17.85 19.17 -36.26
CA GLN A 610 -18.70 19.26 -35.09
C GLN A 610 -17.80 19.42 -33.87
N VAL A 611 -17.52 20.67 -33.51
CA VAL A 611 -16.60 20.99 -32.42
C VAL A 611 -17.39 21.29 -31.16
N ASN A 612 -16.92 20.75 -30.04
CA ASN A 612 -17.53 20.99 -28.72
C ASN A 612 -16.84 22.20 -28.11
N HIS A 613 -17.39 23.39 -28.38
CA HIS A 613 -16.78 24.62 -27.90
C HIS A 613 -16.95 24.80 -26.40
N THR A 614 -17.86 24.06 -25.76
CA THR A 614 -18.11 24.24 -24.34
C THR A 614 -16.89 23.84 -23.51
N ILE A 615 -16.41 22.62 -23.68
CA ILE A 615 -15.24 22.16 -22.93
C ILE A 615 -13.98 22.91 -23.37
N LEU A 616 -13.97 23.46 -24.58
CA LEU A 616 -12.85 24.30 -24.99
C LEU A 616 -12.79 25.58 -24.17
N GLN A 617 -13.96 26.17 -23.88
CA GLN A 617 -14.00 27.29 -22.94
C GLN A 617 -13.64 26.85 -21.53
N TYR A 618 -13.99 25.62 -21.17
CA TYR A 618 -13.58 25.07 -19.87
C TYR A 618 -12.07 25.00 -19.77
N TYR A 619 -11.42 24.48 -20.81
CA TYR A 619 -9.96 24.41 -20.81
C TYR A 619 -9.34 25.80 -20.89
N ARG A 620 -9.96 26.71 -21.65
CA ARG A 620 -9.47 28.08 -21.71
C ARG A 620 -9.43 28.72 -20.33
N CYS A 621 -10.56 28.66 -19.61
CA CYS A 621 -10.60 29.22 -18.26
C CYS A 621 -9.70 28.46 -17.30
N MET A 622 -9.51 27.16 -17.53
CA MET A 622 -8.61 26.38 -16.69
C MET A 622 -7.18 26.91 -16.80
N ALA A 623 -6.77 27.29 -18.01
CA ALA A 623 -5.42 27.81 -18.20
C ALA A 623 -5.30 29.27 -17.82
N SER A 624 -6.32 30.07 -18.14
CA SER A 624 -6.27 31.50 -17.85
C SER A 624 -6.24 31.76 -16.35
N GLU A 625 -7.10 31.06 -15.59
CA GLU A 625 -7.09 31.22 -14.14
C GLU A 625 -5.82 30.68 -13.50
N LEU A 626 -5.12 29.76 -14.16
CA LEU A 626 -3.82 29.32 -13.67
C LEU A 626 -2.77 30.42 -13.84
N VAL A 627 -2.78 31.10 -14.98
CA VAL A 627 -1.86 32.22 -15.19
C VAL A 627 -2.22 33.38 -14.29
N ARG A 628 -3.49 33.47 -13.88
CA ARG A 628 -3.91 34.52 -12.95
C ARG A 628 -3.16 34.40 -11.62
N VAL A 629 -2.92 33.18 -11.17
CA VAL A 629 -2.26 32.94 -9.88
C VAL A 629 -0.80 32.53 -10.08
N ASN A 630 -0.20 32.90 -11.21
CA ASN A 630 1.21 32.62 -11.50
C ASN A 630 1.51 31.11 -11.45
N ILE A 631 0.74 30.36 -12.24
CA ILE A 631 0.91 28.92 -12.38
C ILE A 631 0.87 28.62 -13.88
N THR A 632 2.01 28.21 -14.43
CA THR A 632 2.09 27.93 -15.86
C THR A 632 1.48 26.57 -16.16
N PRO A 633 0.48 26.50 -17.05
CA PRO A 633 -0.12 25.21 -17.37
C PRO A 633 0.66 24.45 -18.43
N VAL A 634 0.84 23.15 -18.20
CA VAL A 634 1.48 22.25 -19.16
C VAL A 634 0.40 21.30 -19.65
N VAL A 635 0.01 21.44 -20.91
CA VAL A 635 -1.15 20.76 -21.47
C VAL A 635 -0.70 19.66 -22.42
N ALA A 636 -1.27 18.48 -22.27
CA ALA A 636 -1.06 17.36 -23.17
C ALA A 636 -2.26 17.21 -24.10
N LEU A 637 -2.04 16.55 -25.23
CA LEU A 637 -3.07 16.38 -26.25
C LEU A 637 -3.72 15.01 -26.22
N TRP A 638 -2.93 13.95 -26.20
CA TRP A 638 -3.44 12.59 -26.29
C TRP A 638 -2.86 11.74 -25.17
N GLN A 639 -3.68 10.82 -24.66
CA GLN A 639 -3.28 9.87 -23.63
C GLN A 639 -3.82 8.49 -23.98
N PRO A 640 -3.05 7.43 -23.69
CA PRO A 640 -3.49 6.08 -24.01
C PRO A 640 -4.64 5.55 -23.15
N MET A 641 -5.30 6.38 -22.35
CA MET A 641 -6.41 5.92 -21.53
C MET A 641 -7.63 5.64 -22.40
N ALA A 642 -8.76 5.32 -21.74
CA ALA A 642 -10.05 5.02 -22.33
C ALA A 642 -9.99 3.71 -23.12
N PRO A 643 -11.12 3.01 -23.30
CA PRO A 643 -11.11 1.77 -24.10
C PRO A 643 -10.86 2.00 -25.58
N ASN A 644 -10.82 3.25 -26.05
CA ASN A 644 -10.63 3.55 -27.46
C ASN A 644 -9.26 4.16 -27.73
N GLN A 645 -8.25 3.77 -26.97
CA GLN A 645 -6.88 4.26 -27.11
C GLN A 645 -6.80 5.79 -27.01
N GLY A 646 -7.72 6.39 -26.26
CA GLY A 646 -7.76 7.84 -26.15
C GLY A 646 -8.16 8.55 -27.42
N LEU A 647 -8.78 7.84 -28.35
CA LEU A 647 -9.19 8.38 -29.64
C LEU A 647 -10.70 8.58 -29.70
N PRO A 648 -11.18 9.44 -30.59
CA PRO A 648 -12.62 9.52 -30.83
C PRO A 648 -13.17 8.17 -31.31
N ARG A 649 -14.44 7.93 -31.03
CA ARG A 649 -15.03 6.62 -31.28
C ARG A 649 -14.96 6.24 -32.77
N LEU A 650 -15.10 7.23 -33.65
CA LEU A 650 -15.05 6.94 -35.08
C LEU A 650 -13.62 6.62 -35.53
N LEU A 651 -12.64 7.40 -35.07
CA LEU A 651 -11.25 7.13 -35.44
C LEU A 651 -10.76 5.81 -34.86
N ALA A 652 -11.22 5.45 -33.67
CA ALA A 652 -10.81 4.19 -33.06
C ALA A 652 -11.49 3.00 -33.73
N ARG A 653 -12.72 3.17 -34.21
CA ARG A 653 -13.42 2.09 -34.90
C ARG A 653 -12.89 1.84 -36.31
N GLN A 654 -12.15 2.79 -36.88
CA GLN A 654 -11.61 2.67 -38.23
C GLN A 654 -10.13 2.30 -38.22
N GLY A 655 -9.71 1.45 -37.28
CA GLY A 655 -8.35 0.98 -37.21
C GLY A 655 -7.52 1.60 -36.10
N ALA A 656 -7.94 2.74 -35.57
CA ALA A 656 -7.24 3.46 -34.49
C ALA A 656 -5.85 3.80 -35.00
N TRP A 657 -4.78 3.52 -34.24
CA TRP A 657 -3.44 3.90 -34.68
C TRP A 657 -2.90 2.99 -35.78
N GLU A 658 -3.56 1.84 -36.04
CA GLU A 658 -3.16 1.00 -37.16
C GLU A 658 -3.42 1.68 -38.51
N ASN A 659 -4.34 2.65 -38.54
CA ASN A 659 -4.70 3.37 -39.75
C ASN A 659 -3.93 4.67 -39.85
N PRO A 660 -3.34 4.97 -41.02
CA PRO A 660 -2.50 6.16 -41.11
C PRO A 660 -3.27 7.47 -41.02
N TYR A 661 -4.53 7.51 -41.47
CA TYR A 661 -5.29 8.75 -41.46
C TYR A 661 -5.46 9.30 -40.05
N THR A 662 -5.38 8.46 -39.02
CA THR A 662 -5.49 8.93 -37.65
C THR A 662 -4.41 9.97 -37.33
N ALA A 663 -3.20 9.77 -37.86
CA ALA A 663 -2.12 10.74 -37.64
C ALA A 663 -2.47 12.10 -38.21
N LEU A 664 -3.04 12.12 -39.42
CA LEU A 664 -3.48 13.39 -40.01
C LEU A 664 -4.58 14.03 -39.18
N ALA A 665 -5.56 13.24 -38.73
CA ALA A 665 -6.62 13.78 -37.89
C ALA A 665 -6.08 14.32 -36.58
N PHE A 666 -4.93 13.81 -36.12
CA PHE A 666 -4.33 14.35 -34.90
C PHE A 666 -3.74 15.74 -35.14
N ALA A 667 -3.09 15.94 -36.29
CA ALA A 667 -2.47 17.23 -36.58
C ALA A 667 -3.52 18.34 -36.66
N GLU A 668 -4.63 18.09 -37.35
CA GLU A 668 -5.70 19.07 -37.42
C GLU A 668 -6.27 19.34 -36.03
N TYR A 669 -6.46 18.28 -35.23
CA TYR A 669 -6.91 18.46 -33.86
C TYR A 669 -5.89 19.24 -33.04
N ALA A 670 -4.59 19.00 -33.31
CA ALA A 670 -3.55 19.78 -32.63
C ALA A 670 -3.66 21.26 -32.98
N ARG A 671 -3.87 21.57 -34.27
CA ARG A 671 -3.98 22.96 -34.70
C ARG A 671 -5.15 23.65 -34.01
N LEU A 672 -6.27 22.94 -33.83
CA LEU A 672 -7.42 23.53 -33.13
C LEU A 672 -7.05 23.89 -31.70
N CYS A 673 -6.36 22.98 -30.99
CA CYS A 673 -5.93 23.28 -29.63
C CYS A 673 -4.91 24.41 -29.60
N PHE A 674 -4.04 24.50 -30.61
CA PHE A 674 -3.07 25.57 -30.66
C PHE A 674 -3.72 26.93 -30.93
N GLN A 675 -4.88 26.94 -31.58
CA GLN A 675 -5.56 28.19 -31.89
C GLN A 675 -6.27 28.77 -30.67
N GLU A 676 -6.96 27.92 -29.90
CA GLU A 676 -7.73 28.40 -28.77
C GLU A 676 -6.87 28.56 -27.53
N LEU A 677 -6.31 27.46 -27.03
CA LEU A 677 -5.55 27.47 -25.79
C LEU A 677 -4.15 28.03 -25.94
N GLY A 678 -3.67 28.23 -27.17
CA GLY A 678 -2.30 28.66 -27.38
C GLY A 678 -1.98 30.03 -26.83
N HIS A 679 -2.99 30.84 -26.52
CA HIS A 679 -2.73 32.18 -26.00
C HIS A 679 -2.22 32.14 -24.57
N HIS A 680 -2.68 31.18 -23.77
CA HIS A 680 -2.30 31.09 -22.36
C HIS A 680 -1.32 29.97 -22.06
N VAL A 681 -1.34 28.89 -22.83
CA VAL A 681 -0.47 27.74 -22.60
C VAL A 681 0.88 27.99 -23.27
N LYS A 682 1.96 27.76 -22.53
CA LYS A 682 3.31 27.96 -23.04
C LYS A 682 4.14 26.68 -23.02
N LEU A 683 3.57 25.55 -22.62
CA LEU A 683 4.28 24.26 -22.60
C LEU A 683 3.29 23.18 -22.99
N TRP A 684 3.51 22.56 -24.14
CA TRP A 684 2.61 21.54 -24.66
C TRP A 684 3.30 20.18 -24.69
N ILE A 685 2.48 19.14 -24.79
CA ILE A 685 2.95 17.75 -24.88
C ILE A 685 2.07 17.03 -25.89
N THR A 686 2.69 16.46 -26.93
CA THR A 686 1.94 15.72 -27.93
C THR A 686 1.37 14.43 -27.35
N MET A 687 2.22 13.42 -27.17
CA MET A 687 1.82 12.14 -26.60
C MET A 687 2.23 12.09 -25.13
N ASN A 688 1.34 11.58 -24.29
CA ASN A 688 1.55 11.53 -22.84
C ASN A 688 1.76 10.07 -22.43
N GLU A 689 3.02 9.66 -22.37
CA GLU A 689 3.46 8.33 -21.96
C GLU A 689 2.76 7.22 -22.74
N PRO A 690 2.99 7.10 -24.05
CA PRO A 690 2.39 5.99 -24.80
C PRO A 690 2.98 4.66 -24.34
N TYR A 691 2.10 3.66 -24.22
CA TYR A 691 2.51 2.33 -23.77
C TYR A 691 3.38 1.65 -24.80
N THR A 692 4.68 1.93 -24.78
CA THR A 692 5.59 1.31 -25.74
C THR A 692 5.70 -0.19 -25.56
N ARG A 693 5.28 -0.71 -24.41
CA ARG A 693 5.30 -2.14 -24.15
C ARG A 693 4.03 -2.85 -24.63
N ASN A 694 3.02 -2.09 -25.04
CA ASN A 694 1.73 -2.65 -25.45
C ASN A 694 1.40 -2.42 -26.91
N MET A 695 1.90 -1.34 -27.51
CA MET A 695 1.59 -1.01 -28.89
C MET A 695 2.35 -1.94 -29.85
N THR A 696 1.93 -1.89 -31.12
CA THR A 696 2.60 -2.63 -32.18
C THR A 696 3.44 -1.67 -33.02
N TYR A 697 4.17 -2.24 -33.99
CA TYR A 697 5.04 -1.43 -34.83
C TYR A 697 4.24 -0.60 -35.82
N SER A 698 3.18 -1.18 -36.38
CA SER A 698 2.33 -0.43 -37.32
C SER A 698 1.71 0.78 -36.64
N ALA A 699 1.31 0.63 -35.37
CA ALA A 699 0.71 1.75 -34.65
C ALA A 699 1.76 2.75 -34.18
N GLY A 700 2.95 2.27 -33.80
CA GLY A 700 4.00 3.18 -33.39
C GLY A 700 4.52 4.04 -34.53
N HIS A 701 4.53 3.50 -35.75
CA HIS A 701 4.97 4.28 -36.90
C HIS A 701 4.05 5.48 -37.12
N ASN A 702 2.75 5.23 -37.19
CA ASN A 702 1.79 6.32 -37.37
C ASN A 702 1.76 7.24 -36.15
N LEU A 703 2.07 6.71 -34.97
CA LEU A 703 2.14 7.55 -33.78
C LEU A 703 3.26 8.57 -33.89
N LEU A 704 4.43 8.14 -34.39
CA LEU A 704 5.52 9.08 -34.62
C LEU A 704 5.15 10.09 -35.68
N LYS A 705 4.41 9.66 -36.70
CA LYS A 705 3.91 10.60 -37.71
C LYS A 705 3.04 11.66 -37.06
N ALA A 706 2.10 11.24 -36.21
CA ALA A 706 1.16 12.17 -35.60
C ALA A 706 1.87 13.21 -34.74
N HIS A 707 2.82 12.76 -33.91
CA HIS A 707 3.59 13.69 -33.09
C HIS A 707 4.37 14.67 -33.97
N ALA A 708 5.04 14.16 -35.01
CA ALA A 708 5.83 15.02 -35.87
C ALA A 708 4.95 16.04 -36.58
N LEU A 709 3.79 15.60 -37.10
CA LEU A 709 2.88 16.51 -37.77
C LEU A 709 2.43 17.62 -36.83
N ALA A 710 2.11 17.28 -35.58
CA ALA A 710 1.68 18.29 -34.62
C ALA A 710 2.82 19.24 -34.28
N TRP A 711 4.05 18.71 -34.14
CA TRP A 711 5.18 19.56 -33.82
C TRP A 711 5.46 20.57 -34.94
N HIS A 712 5.32 20.13 -36.20
CA HIS A 712 5.56 21.04 -37.31
C HIS A 712 4.44 22.06 -37.46
N VAL A 713 3.20 21.68 -37.10
CA VAL A 713 2.10 22.63 -37.14
C VAL A 713 2.35 23.77 -36.16
N TYR A 714 2.78 23.44 -34.95
CA TYR A 714 3.06 24.48 -33.96
C TYR A 714 4.30 25.28 -34.31
N ASN A 715 5.32 24.62 -34.85
CA ASN A 715 6.58 25.29 -35.16
C ASN A 715 6.42 26.28 -36.32
N GLU A 716 5.59 25.96 -37.30
CA GLU A 716 5.46 26.78 -38.49
C GLU A 716 4.30 27.76 -38.43
N LYS A 717 3.32 27.55 -37.55
CA LYS A 717 2.12 28.38 -37.52
C LYS A 717 1.85 29.06 -36.20
N PHE A 718 2.46 28.60 -35.10
CA PHE A 718 2.13 29.14 -33.77
C PHE A 718 3.34 29.55 -32.94
N ARG A 719 4.56 29.20 -33.36
CA ARG A 719 5.72 29.51 -32.53
C ARG A 719 6.04 31.00 -32.53
N HIS A 720 5.97 31.63 -33.69
CA HIS A 720 6.32 33.06 -33.78
C HIS A 720 5.37 33.92 -32.97
N ALA A 721 4.13 33.44 -32.76
CA ALA A 721 3.15 34.19 -31.99
C ALA A 721 3.01 33.70 -30.55
N GLN A 722 3.45 32.48 -30.25
CA GLN A 722 3.37 31.91 -28.91
C GLN A 722 4.75 31.44 -28.49
N ASN A 723 5.34 32.10 -27.49
CA ASN A 723 6.68 31.75 -27.02
C ASN A 723 6.60 30.50 -26.13
N GLY A 724 6.33 29.37 -26.79
CA GLY A 724 6.20 28.09 -26.10
C GLY A 724 7.01 27.01 -26.78
N LYS A 725 6.97 25.83 -26.16
CA LYS A 725 7.70 24.67 -26.67
C LYS A 725 6.80 23.44 -26.66
N ILE A 726 7.09 22.50 -27.56
CA ILE A 726 6.33 21.27 -27.70
C ILE A 726 7.31 20.12 -27.83
N SER A 727 7.00 19.01 -27.14
CA SER A 727 7.78 17.79 -27.24
C SER A 727 6.90 16.63 -26.83
N ILE A 728 7.44 15.41 -26.94
CA ILE A 728 6.75 14.22 -26.47
C ILE A 728 6.98 14.07 -24.97
N ALA A 729 6.34 13.08 -24.37
CA ALA A 729 6.59 12.70 -22.99
C ALA A 729 6.63 11.17 -22.95
N LEU A 730 7.83 10.62 -22.74
CA LEU A 730 8.03 9.18 -22.77
C LEU A 730 8.22 8.62 -21.37
N GLN A 731 7.65 7.44 -21.14
CA GLN A 731 7.80 6.74 -19.87
C GLN A 731 9.16 6.06 -19.86
N ALA A 732 9.99 6.39 -18.87
CA ALA A 732 11.38 5.96 -18.83
C ALA A 732 11.65 5.25 -17.49
N ASP A 733 11.07 4.07 -17.32
CA ASP A 733 11.46 3.22 -16.21
C ASP A 733 12.89 2.73 -16.42
N TRP A 734 13.68 2.77 -15.36
CA TRP A 734 15.07 2.35 -15.43
C TRP A 734 15.17 0.83 -15.39
N ILE A 735 16.16 0.31 -16.12
CA ILE A 735 16.43 -1.12 -16.16
C ILE A 735 17.88 -1.34 -15.74
N GLU A 736 18.09 -2.26 -14.80
CA GLU A 736 19.40 -2.54 -14.24
C GLU A 736 19.73 -4.03 -14.37
N PRO A 737 20.96 -4.37 -14.73
CA PRO A 737 21.34 -5.80 -14.79
C PRO A 737 21.27 -6.44 -13.42
N ALA A 738 20.71 -7.65 -13.37
CA ALA A 738 20.63 -8.40 -12.12
C ALA A 738 22.02 -8.61 -11.54
N CYS A 739 22.89 -9.30 -12.28
CA CYS A 739 24.28 -9.44 -11.90
C CYS A 739 25.04 -8.24 -12.44
N PRO A 740 25.52 -7.33 -11.58
CA PRO A 740 26.13 -6.09 -12.07
C PRO A 740 27.46 -6.30 -12.80
N PHE A 741 28.01 -7.51 -12.80
CA PHE A 741 29.28 -7.79 -13.46
C PHE A 741 29.13 -8.73 -14.64
N SER A 742 27.93 -9.22 -14.93
CA SER A 742 27.72 -10.13 -16.04
C SER A 742 27.53 -9.33 -17.33
N GLN A 743 28.23 -9.74 -18.38
CA GLN A 743 28.10 -9.05 -19.66
C GLN A 743 26.73 -9.27 -20.28
N LYS A 744 26.22 -10.50 -20.24
CA LYS A 744 24.93 -10.79 -20.86
C LYS A 744 23.81 -10.05 -20.16
N ASP A 745 23.88 -9.92 -18.84
CA ASP A 745 22.87 -9.14 -18.12
C ASP A 745 22.94 -7.67 -18.51
N LYS A 746 24.13 -7.16 -18.82
CA LYS A 746 24.26 -5.76 -19.18
C LYS A 746 23.70 -5.51 -20.59
N GLU A 747 23.89 -6.45 -21.50
CA GLU A 747 23.42 -6.25 -22.87
C GLU A 747 21.93 -6.49 -23.01
N VAL A 748 21.35 -7.38 -22.18
CA VAL A 748 19.90 -7.51 -22.18
C VAL A 748 19.27 -6.32 -21.46
N ALA A 749 20.01 -5.68 -20.56
CA ALA A 749 19.53 -4.44 -19.96
C ALA A 749 19.50 -3.32 -20.99
N GLU A 750 20.55 -3.22 -21.82
CA GLU A 750 20.56 -2.21 -22.87
C GLU A 750 19.48 -2.49 -23.91
N ARG A 751 19.30 -3.75 -24.30
CA ARG A 751 18.26 -4.09 -25.26
C ARG A 751 16.89 -3.71 -24.75
N VAL A 752 16.58 -4.07 -23.51
CA VAL A 752 15.29 -3.72 -22.92
C VAL A 752 15.13 -2.20 -22.87
N LEU A 753 16.21 -1.48 -22.54
CA LEU A 753 16.15 -0.02 -22.52
C LEU A 753 15.89 0.56 -23.90
N GLU A 754 16.32 -0.14 -24.97
CA GLU A 754 16.08 0.36 -26.32
C GLU A 754 14.61 0.19 -26.71
N PHE A 755 14.00 -0.94 -26.34
CA PHE A 755 12.58 -1.14 -26.62
C PHE A 755 11.69 -0.27 -25.73
N ASP A 756 12.18 0.14 -24.56
CA ASP A 756 11.38 0.98 -23.66
C ASP A 756 11.38 2.43 -24.10
N ILE A 757 12.56 3.01 -24.30
CA ILE A 757 12.72 4.43 -24.55
C ILE A 757 13.18 4.68 -25.99
N GLY A 758 14.18 3.93 -26.44
CA GLY A 758 14.77 4.21 -27.74
C GLY A 758 13.81 4.02 -28.90
N TRP A 759 12.79 3.17 -28.72
CA TRP A 759 11.83 2.92 -29.79
C TRP A 759 11.25 4.22 -30.34
N LEU A 760 10.89 5.15 -29.46
CA LEU A 760 10.32 6.43 -29.86
C LEU A 760 11.26 7.60 -29.68
N ALA A 761 12.33 7.46 -28.89
CA ALA A 761 13.26 8.56 -28.68
C ALA A 761 14.33 8.63 -29.75
N GLU A 762 14.84 7.49 -30.20
CA GLU A 762 15.86 7.50 -31.25
C GLU A 762 15.36 8.09 -32.57
N PRO A 763 14.15 7.80 -33.06
CA PRO A 763 13.68 8.49 -34.29
C PRO A 763 13.48 9.98 -34.11
N ILE A 764 13.37 10.47 -32.88
CA ILE A 764 13.06 11.86 -32.62
C ILE A 764 14.27 12.62 -32.08
N PHE A 765 15.00 12.03 -31.13
CA PHE A 765 16.14 12.71 -30.52
C PHE A 765 17.49 12.26 -31.06
N GLY A 766 17.58 11.09 -31.66
CA GLY A 766 18.86 10.53 -32.04
C GLY A 766 19.13 10.46 -33.52
N SER A 767 19.45 9.27 -34.01
CA SER A 767 19.88 9.05 -35.39
C SER A 767 18.75 9.22 -36.41
N GLY A 768 17.54 9.57 -35.99
CA GLY A 768 16.44 9.65 -36.93
C GLY A 768 15.96 8.31 -37.45
N ASP A 769 16.38 7.21 -36.83
CA ASP A 769 15.95 5.88 -37.23
C ASP A 769 15.63 5.08 -35.97
N TYR A 770 15.18 3.85 -36.17
CA TYR A 770 14.89 2.97 -35.04
C TYR A 770 16.20 2.52 -34.38
N PRO A 771 16.14 2.11 -33.11
CA PRO A 771 17.37 1.72 -32.41
C PRO A 771 18.12 0.62 -33.13
N TRP A 772 19.46 0.72 -33.09
CA TRP A 772 20.30 -0.28 -33.73
C TRP A 772 20.14 -1.64 -33.05
N VAL A 773 20.05 -1.66 -31.72
CA VAL A 773 19.90 -2.91 -31.00
C VAL A 773 18.54 -3.55 -31.29
N MET A 774 17.49 -2.73 -31.43
CA MET A 774 16.17 -3.26 -31.71
C MET A 774 16.11 -3.87 -33.11
N ARG A 775 16.65 -3.16 -34.10
CA ARG A 775 16.67 -3.71 -35.46
C ARG A 775 17.57 -4.92 -35.57
N ASP A 776 18.66 -4.95 -34.81
CA ASP A 776 19.57 -6.09 -34.86
C ASP A 776 18.92 -7.34 -34.28
N TRP A 777 18.33 -7.23 -33.09
CA TRP A 777 17.71 -8.39 -32.46
C TRP A 777 16.51 -8.89 -33.27
N LEU A 778 15.78 -7.98 -33.92
CA LEU A 778 14.62 -8.39 -34.70
C LEU A 778 15.03 -9.06 -36.01
N ASN A 779 16.02 -8.50 -36.70
CA ASN A 779 16.48 -9.12 -37.94
C ASN A 779 17.15 -10.46 -37.69
N GLN A 780 17.91 -10.56 -36.59
CA GLN A 780 18.53 -11.84 -36.25
C GLN A 780 17.49 -12.88 -35.87
N ARG A 781 16.33 -12.46 -35.38
CA ARG A 781 15.23 -13.36 -35.06
C ARG A 781 14.39 -13.71 -36.29
N ASN A 782 14.79 -13.24 -37.47
CA ASN A 782 14.12 -13.51 -38.75
C ASN A 782 12.68 -12.99 -38.77
N ASN A 783 12.26 -12.34 -37.70
CA ASN A 783 10.93 -11.72 -37.64
C ASN A 783 11.07 -10.21 -37.78
N PHE A 784 11.42 -9.80 -39.01
CA PHE A 784 11.65 -8.40 -39.34
C PHE A 784 10.32 -7.71 -39.69
N LEU A 785 9.42 -7.71 -38.71
CA LEU A 785 8.14 -7.03 -38.83
C LEU A 785 8.22 -5.56 -38.43
N LEU A 786 9.42 -4.99 -38.40
CA LEU A 786 9.61 -3.59 -38.04
C LEU A 786 9.74 -2.76 -39.30
N PRO A 787 8.87 -1.78 -39.53
CA PRO A 787 8.94 -1.01 -40.78
C PRO A 787 10.16 -0.10 -40.80
N TYR A 788 10.67 0.13 -42.01
CA TYR A 788 11.80 1.02 -42.23
C TYR A 788 11.31 2.46 -42.42
N PHE A 789 12.19 3.40 -42.06
CA PHE A 789 11.90 4.82 -42.21
C PHE A 789 12.28 5.29 -43.61
N THR A 790 11.29 5.72 -44.38
CA THR A 790 11.57 6.31 -45.67
C THR A 790 12.19 7.69 -45.50
N GLU A 791 12.76 8.21 -46.58
CA GLU A 791 13.48 9.48 -46.51
C GLU A 791 12.55 10.61 -46.09
N ASP A 792 11.31 10.62 -46.61
CA ASP A 792 10.36 11.66 -46.22
C ASP A 792 9.95 11.50 -44.76
N GLU A 793 9.74 10.26 -44.31
CA GLU A 793 9.39 10.03 -42.91
C GLU A 793 10.55 10.37 -41.99
N LYS A 794 11.77 10.02 -42.40
CA LYS A 794 12.95 10.36 -41.60
C LYS A 794 13.15 11.86 -41.54
N LYS A 795 12.95 12.56 -42.67
CA LYS A 795 13.08 14.00 -42.69
C LYS A 795 11.97 14.67 -41.87
N LEU A 796 10.83 14.01 -41.72
CA LEU A 796 9.71 14.62 -41.03
C LEU A 796 9.79 14.42 -39.51
N ILE A 797 10.16 13.22 -39.08
CA ILE A 797 10.12 12.88 -37.65
C ILE A 797 11.37 13.35 -36.91
N GLN A 798 12.54 13.20 -37.51
CA GLN A 798 13.78 13.54 -36.82
C GLN A 798 13.84 15.03 -36.51
N GLY A 799 14.09 15.36 -35.25
CA GLY A 799 14.22 16.73 -34.80
C GLY A 799 12.97 17.34 -34.21
N THR A 800 11.85 16.62 -34.23
CA THR A 800 10.57 17.16 -33.73
C THR A 800 10.54 17.09 -32.20
N PHE A 801 11.29 18.00 -31.58
CA PHE A 801 11.33 18.09 -30.13
C PHE A 801 11.95 19.42 -29.73
N ASP A 802 11.40 20.02 -28.68
CA ASP A 802 11.98 21.20 -28.08
C ASP A 802 12.60 20.92 -26.71
N PHE A 803 12.29 19.77 -26.12
CA PHE A 803 12.85 19.36 -24.84
C PHE A 803 12.68 17.84 -24.73
N LEU A 804 12.96 17.31 -23.54
CA LEU A 804 12.84 15.88 -23.29
C LEU A 804 12.04 15.69 -21.99
N ALA A 805 10.79 15.23 -22.12
CA ALA A 805 9.93 15.01 -20.97
C ALA A 805 10.07 13.56 -20.50
N LEU A 806 10.58 13.38 -19.29
CA LEU A 806 10.86 12.07 -18.73
C LEU A 806 9.75 11.67 -17.77
N SER A 807 9.43 10.38 -17.77
CA SER A 807 8.46 9.81 -16.83
C SER A 807 9.09 8.58 -16.19
N HIS A 808 9.42 8.69 -14.91
CA HIS A 808 10.09 7.62 -14.17
C HIS A 808 9.33 7.30 -12.90
N TYR A 809 9.15 6.01 -12.62
CA TYR A 809 8.40 5.58 -11.45
C TYR A 809 9.20 4.59 -10.60
N THR A 810 9.80 3.60 -11.25
CA THR A 810 10.55 2.56 -10.53
C THR A 810 11.62 2.00 -11.47
N THR A 811 12.44 1.10 -10.92
CA THR A 811 13.47 0.40 -11.67
C THR A 811 13.25 -1.09 -11.53
N ILE A 812 13.52 -1.84 -12.60
CA ILE A 812 13.36 -3.29 -12.60
C ILE A 812 14.72 -3.92 -12.87
N LEU A 813 14.83 -5.20 -12.51
CA LEU A 813 16.05 -5.97 -12.69
C LEU A 813 15.86 -6.97 -13.83
N VAL A 814 16.92 -7.20 -14.59
CA VAL A 814 16.88 -8.06 -15.77
C VAL A 814 18.04 -9.04 -15.73
N ASP A 815 17.78 -10.28 -16.14
CA ASP A 815 18.78 -11.32 -16.18
C ASP A 815 18.65 -12.09 -17.48
N SER A 816 19.80 -12.57 -17.98
CA SER A 816 19.84 -13.19 -19.31
C SER A 816 19.39 -14.65 -19.26
N GLU A 817 19.75 -15.38 -18.21
CA GLU A 817 19.46 -16.81 -18.15
C GLU A 817 18.00 -17.06 -17.82
N LYS A 818 17.42 -18.08 -18.46
CA LYS A 818 16.02 -18.43 -18.25
C LYS A 818 15.87 -19.12 -16.90
N GLU A 819 15.51 -18.35 -15.88
CA GLU A 819 15.38 -18.92 -14.54
C GLU A 819 14.09 -19.72 -14.40
N ASP A 820 12.95 -19.14 -14.78
CA ASP A 820 11.66 -19.79 -14.69
C ASP A 820 10.97 -19.67 -16.06
N PRO A 821 10.59 -20.78 -16.68
CA PRO A 821 10.06 -20.68 -18.06
C PRO A 821 8.75 -19.93 -18.17
N ILE A 822 7.81 -20.14 -17.22
CA ILE A 822 6.50 -19.53 -17.35
C ILE A 822 6.54 -18.03 -17.04
N LYS A 823 7.61 -17.54 -16.41
CA LYS A 823 7.77 -16.12 -16.12
C LYS A 823 8.86 -15.48 -16.98
N TYR A 824 9.24 -16.12 -18.08
CA TYR A 824 10.35 -15.68 -18.91
C TYR A 824 9.82 -15.01 -20.18
N ASN A 825 10.31 -13.81 -20.46
CA ASN A 825 9.96 -13.09 -21.67
C ASN A 825 10.70 -13.71 -22.85
N ASP A 826 9.96 -14.36 -23.74
CA ASP A 826 10.58 -15.03 -24.88
C ASP A 826 10.85 -14.07 -26.03
N TYR A 827 10.02 -13.04 -26.20
CA TYR A 827 10.21 -12.10 -27.29
C TYR A 827 11.50 -11.31 -27.15
N LEU A 828 11.93 -11.04 -25.91
CA LEU A 828 13.15 -10.29 -25.65
C LEU A 828 14.24 -11.12 -25.00
N GLU A 829 13.95 -12.36 -24.61
CA GLU A 829 14.90 -13.22 -23.91
C GLU A 829 15.50 -12.52 -22.69
N VAL A 830 14.62 -12.28 -21.72
CA VAL A 830 14.99 -11.58 -20.50
C VAL A 830 14.15 -12.11 -19.35
N GLN A 831 14.80 -12.38 -18.22
CA GLN A 831 14.12 -12.76 -16.99
C GLN A 831 13.97 -11.50 -16.14
N GLU A 832 12.74 -11.03 -15.98
CA GLU A 832 12.47 -9.81 -15.25
C GLU A 832 12.36 -10.12 -13.76
N MET A 833 13.15 -9.41 -12.95
CA MET A 833 13.26 -9.68 -11.52
C MET A 833 13.17 -8.35 -10.77
N THR A 834 13.31 -8.44 -9.44
CA THR A 834 13.33 -7.27 -8.58
C THR A 834 14.09 -7.61 -7.30
N ASP A 835 14.76 -6.61 -6.74
CA ASP A 835 15.48 -6.78 -5.49
C ASP A 835 14.49 -6.70 -4.34
N ILE A 836 14.30 -7.82 -3.63
CA ILE A 836 13.36 -7.88 -2.53
C ILE A 836 13.78 -7.04 -1.33
N THR A 837 15.02 -6.58 -1.29
CA THR A 837 15.47 -5.72 -0.20
C THR A 837 14.96 -4.29 -0.34
N TRP A 838 14.43 -3.91 -1.50
CA TRP A 838 13.94 -2.56 -1.71
C TRP A 838 12.57 -2.37 -1.04
N LEU A 839 12.34 -1.16 -0.56
CA LEU A 839 11.04 -0.80 -0.03
C LEU A 839 10.01 -0.80 -1.15
N ASN A 840 8.94 -1.54 -0.97
CA ASN A 840 7.88 -1.65 -1.97
C ASN A 840 6.62 -0.96 -1.49
N SER A 841 5.70 -0.77 -2.41
CA SER A 841 4.38 -0.21 -2.16
C SER A 841 3.36 -1.33 -2.06
N PRO A 842 2.16 -1.04 -1.57
CA PRO A 842 1.09 -2.06 -1.59
C PRO A 842 0.80 -2.60 -2.97
N SER A 843 1.08 -1.83 -4.02
CA SER A 843 0.96 -2.30 -5.39
C SER A 843 2.23 -2.99 -5.87
N GLN A 844 3.20 -3.21 -4.98
CA GLN A 844 4.46 -3.88 -5.29
C GLN A 844 5.24 -3.11 -6.37
N VAL A 845 5.53 -1.85 -6.04
CA VAL A 845 6.35 -0.98 -6.89
C VAL A 845 7.60 -0.63 -6.10
N ALA A 846 8.77 -0.92 -6.70
CA ALA A 846 10.03 -0.73 -6.01
C ALA A 846 10.34 0.75 -5.86
N VAL A 847 10.96 1.09 -4.72
CA VAL A 847 11.38 2.46 -4.42
C VAL A 847 12.90 2.51 -4.57
N VAL A 848 13.35 3.00 -5.72
CA VAL A 848 14.78 3.06 -6.04
C VAL A 848 15.14 4.50 -6.38
N PRO A 849 15.57 5.29 -5.41
CA PRO A 849 15.83 6.73 -5.68
C PRO A 849 16.94 6.96 -6.69
N TRP A 850 18.01 6.18 -6.65
CA TRP A 850 19.12 6.41 -7.58
C TRP A 850 18.81 5.97 -9.00
N GLY A 851 17.75 5.20 -9.22
CA GLY A 851 17.39 4.81 -10.58
C GLY A 851 17.01 5.98 -11.45
N LEU A 852 16.41 7.02 -10.85
CA LEU A 852 16.12 8.24 -11.59
C LEU A 852 17.41 8.93 -12.02
N ARG A 853 18.41 8.94 -11.15
CA ARG A 853 19.72 9.48 -11.53
C ARG A 853 20.35 8.63 -12.64
N LYS A 854 20.15 7.32 -12.60
CA LYS A 854 20.73 6.44 -13.61
C LYS A 854 20.08 6.67 -14.98
N VAL A 855 18.75 6.82 -15.01
CA VAL A 855 18.08 7.01 -16.30
C VAL A 855 18.34 8.42 -16.84
N LEU A 856 18.62 9.38 -15.97
CA LEU A 856 18.99 10.72 -16.43
C LEU A 856 20.34 10.69 -17.12
N ASN A 857 21.32 9.98 -16.54
CA ASN A 857 22.62 9.85 -17.19
C ASN A 857 22.53 9.06 -18.48
N TRP A 858 21.62 8.08 -18.55
CA TRP A 858 21.49 7.27 -19.75
C TRP A 858 20.90 8.08 -20.90
N LEU A 859 19.94 8.96 -20.59
CA LEU A 859 19.35 9.78 -21.64
C LEU A 859 20.33 10.85 -22.12
N LYS A 860 21.14 11.39 -21.20
CA LYS A 860 22.17 12.34 -21.61
C LYS A 860 23.22 11.68 -22.47
N PHE A 861 23.68 10.49 -22.08
CA PHE A 861 24.65 9.77 -22.89
C PHE A 861 24.06 9.37 -24.24
N LYS A 862 22.78 9.00 -24.27
CA LYS A 862 22.18 8.50 -25.48
C LYS A 862 21.77 9.62 -26.43
N TYR A 863 21.48 10.82 -25.90
CA TYR A 863 20.96 11.89 -26.75
C TYR A 863 21.60 13.25 -26.44
N GLY A 864 22.78 13.27 -25.84
CA GLY A 864 23.49 14.52 -25.63
C GLY A 864 22.83 15.41 -24.59
N ASP A 865 23.50 16.52 -24.31
CA ASP A 865 22.98 17.51 -23.38
C ASP A 865 21.72 18.14 -23.95
N LEU A 866 20.66 18.18 -23.15
CA LEU A 866 19.36 18.60 -23.66
C LEU A 866 18.48 18.98 -22.49
N PRO A 867 17.66 20.04 -22.61
CA PRO A 867 16.73 20.38 -21.52
C PRO A 867 15.77 19.22 -21.25
N MET A 868 15.80 18.74 -20.01
CA MET A 868 15.06 17.55 -19.61
C MET A 868 14.10 17.89 -18.48
N TYR A 869 12.83 17.55 -18.67
CA TYR A 869 11.81 17.64 -17.63
C TYR A 869 11.55 16.26 -17.03
N ILE A 870 11.19 16.26 -15.75
CA ILE A 870 10.67 15.06 -15.08
C ILE A 870 9.16 15.22 -15.08
N ILE A 871 8.49 14.63 -16.07
CA ILE A 871 7.09 14.94 -16.33
C ILE A 871 6.14 14.23 -15.37
N SER A 872 6.57 13.14 -14.74
CA SER A 872 5.72 12.42 -13.79
C SER A 872 6.60 11.53 -12.93
N ASN A 873 6.37 11.57 -11.61
CA ASN A 873 7.13 10.77 -10.67
C ASN A 873 6.43 10.73 -9.32
N GLY A 874 5.97 9.55 -8.93
CA GLY A 874 5.28 9.42 -7.66
C GLY A 874 5.13 7.97 -7.26
N ILE A 875 4.29 7.76 -6.24
CA ILE A 875 4.05 6.42 -5.70
C ILE A 875 2.70 6.44 -5.01
N ASP A 876 2.01 5.30 -5.06
CA ASP A 876 0.66 5.20 -4.53
C ASP A 876 0.67 5.16 -3.00
N ASP A 877 -0.51 5.09 -2.41
CA ASP A 877 -0.66 5.13 -0.96
C ASP A 877 -0.12 3.86 -0.32
N GLY A 878 -0.02 3.89 1.01
CA GLY A 878 0.42 2.75 1.78
C GLY A 878 -0.33 2.61 3.09
N LEU A 879 -0.70 1.37 3.43
CA LEU A 879 -1.38 1.04 4.68
C LEU A 879 -2.80 1.59 4.75
N HIS A 880 -3.16 2.47 3.81
CA HIS A 880 -4.49 3.09 3.76
C HIS A 880 -4.85 3.79 5.06
N ALA A 881 -3.85 4.33 5.74
CA ALA A 881 -4.05 5.10 6.96
C ALA A 881 -2.89 6.07 7.13
N GLU A 882 -1.67 5.56 7.03
CA GLU A 882 -0.46 6.38 6.99
C GLU A 882 0.12 6.30 5.59
N ASP A 883 -0.59 6.94 4.65
CA ASP A 883 -0.20 6.85 3.24
C ASP A 883 1.12 7.54 2.96
N ASP A 884 1.46 8.58 3.73
CA ASP A 884 2.64 9.38 3.46
C ASP A 884 3.89 8.86 4.14
N GLN A 885 3.80 7.78 4.91
CA GLN A 885 5.01 7.16 5.44
C GLN A 885 5.92 6.68 4.31
N LEU A 886 5.34 6.30 3.18
CA LEU A 886 6.10 5.83 2.04
C LEU A 886 6.34 6.91 0.99
N ARG A 887 5.37 7.82 0.80
CA ARG A 887 5.51 8.82 -0.25
C ARG A 887 6.46 9.95 0.14
N VAL A 888 6.42 10.39 1.41
CA VAL A 888 7.33 11.44 1.86
C VAL A 888 8.77 10.98 1.71
N TYR A 889 9.06 9.73 2.11
CA TYR A 889 10.39 9.18 1.89
C TYR A 889 10.68 8.98 0.42
N TYR A 890 9.64 8.73 -0.38
CA TYR A 890 9.84 8.56 -1.82
C TYR A 890 10.28 9.87 -2.46
N MET A 891 9.57 10.97 -2.17
CA MET A 891 9.89 12.24 -2.80
C MET A 891 11.16 12.86 -2.23
N GLN A 892 11.42 12.65 -0.93
CA GLN A 892 12.59 13.27 -0.32
C GLN A 892 13.89 12.77 -0.93
N ASN A 893 13.91 11.50 -1.35
CA ASN A 893 15.10 10.92 -1.96
C ASN A 893 15.09 11.02 -3.48
N TYR A 894 13.94 10.78 -4.12
CA TYR A 894 13.88 10.82 -5.58
C TYR A 894 14.19 12.23 -6.10
N ILE A 895 13.79 13.26 -5.37
CA ILE A 895 14.13 14.62 -5.78
C ILE A 895 15.61 14.90 -5.52
N ASN A 896 16.13 14.39 -4.39
CA ASN A 896 17.53 14.63 -4.06
C ASN A 896 18.45 13.95 -5.07
N GLU A 897 18.14 12.69 -5.44
CA GLU A 897 18.93 12.02 -6.46
C GLU A 897 18.86 12.74 -7.80
N ALA A 898 17.72 13.38 -8.10
CA ALA A 898 17.63 14.20 -9.30
C ALA A 898 18.57 15.41 -9.22
N LEU A 899 18.66 16.02 -8.03
CA LEU A 899 19.59 17.13 -7.84
C LEU A 899 21.04 16.67 -8.00
N LYS A 900 21.34 15.43 -7.64
CA LYS A 900 22.67 14.88 -7.88
C LYS A 900 23.02 14.94 -9.36
N ALA A 901 22.10 14.50 -10.21
CA ALA A 901 22.35 14.48 -11.65
C ALA A 901 22.60 15.90 -12.18
N HIS A 902 21.97 16.90 -11.58
CA HIS A 902 22.15 18.27 -12.04
C HIS A 902 23.54 18.80 -11.68
N ILE A 903 24.03 18.47 -10.49
CA ILE A 903 25.28 19.02 -9.99
C ILE A 903 26.44 18.06 -10.18
N LEU A 904 26.27 16.81 -9.77
CA LEU A 904 27.36 15.83 -9.88
C LEU A 904 27.50 15.27 -11.30
N ASP A 905 26.48 15.40 -12.14
CA ASP A 905 26.52 14.87 -13.49
C ASP A 905 26.30 15.93 -14.58
N GLY A 906 25.86 17.13 -14.22
CA GLY A 906 25.65 18.17 -15.20
C GLY A 906 24.35 18.07 -15.99
N ILE A 907 23.35 17.39 -15.44
CA ILE A 907 22.07 17.28 -16.13
C ILE A 907 21.34 18.62 -16.07
N ASN A 908 20.83 19.07 -17.22
CA ASN A 908 20.11 20.33 -17.31
C ASN A 908 18.63 20.09 -17.00
N LEU A 909 18.38 19.75 -15.74
CA LEU A 909 17.00 19.54 -15.28
C LEU A 909 16.23 20.84 -15.33
N CYS A 910 14.97 20.75 -15.76
CA CYS A 910 14.12 21.92 -15.92
C CYS A 910 12.90 21.92 -15.02
N GLY A 911 12.43 20.76 -14.57
CA GLY A 911 11.26 20.73 -13.73
C GLY A 911 10.93 19.36 -13.16
N TYR A 912 10.38 19.33 -11.95
CA TYR A 912 9.90 18.11 -11.33
C TYR A 912 8.37 18.18 -11.22
N PHE A 913 7.71 17.11 -11.60
CA PHE A 913 6.25 17.02 -11.58
C PHE A 913 5.85 15.79 -10.77
N ALA A 914 5.37 16.02 -9.54
CA ALA A 914 4.83 14.92 -8.74
C ALA A 914 3.58 14.37 -9.43
N TYR A 915 3.44 13.04 -9.38
CA TYR A 915 2.37 12.38 -10.10
C TYR A 915 1.07 12.44 -9.30
N SER A 916 0.06 13.09 -9.86
CA SER A 916 -1.31 13.17 -9.32
C SER A 916 -1.37 13.93 -8.00
N PHE A 917 -2.33 14.85 -7.89
CA PHE A 917 -2.52 15.62 -6.67
C PHE A 917 -3.87 15.36 -6.00
N ASN A 918 -4.61 14.36 -6.46
CA ASN A 918 -5.84 13.95 -5.79
C ASN A 918 -6.15 12.51 -6.15
N ASP A 919 -6.75 11.79 -5.21
CA ASP A 919 -7.20 10.43 -5.47
C ASP A 919 -8.56 10.38 -6.17
N ARG A 920 -9.24 11.51 -6.29
CA ARG A 920 -10.53 11.54 -6.99
C ARG A 920 -10.34 11.21 -8.47
N THR A 921 -9.31 11.79 -9.10
CA THR A 921 -9.07 11.53 -10.51
C THR A 921 -8.21 10.29 -10.70
N ALA A 922 -7.13 10.18 -9.92
CA ALA A 922 -6.25 9.01 -9.95
C ALA A 922 -6.11 8.47 -8.52
N PRO A 923 -6.88 7.45 -8.16
CA PRO A 923 -6.83 6.94 -6.78
C PRO A 923 -5.42 6.56 -6.34
N ARG A 924 -5.21 6.61 -5.02
CA ARG A 924 -3.98 6.15 -4.36
C ARG A 924 -2.76 7.01 -4.69
N PHE A 925 -2.66 7.50 -5.92
CA PHE A 925 -1.48 8.25 -6.35
C PHE A 925 -1.56 9.73 -6.03
N GLY A 926 -2.65 10.21 -5.44
CA GLY A 926 -2.81 11.63 -5.24
C GLY A 926 -2.11 12.14 -3.99
N LEU A 927 -1.79 13.43 -4.01
CA LEU A 927 -1.22 14.11 -2.86
C LEU A 927 -2.30 14.61 -1.89
N TYR A 928 -3.48 14.93 -2.40
CA TYR A 928 -4.62 15.29 -1.57
C TYR A 928 -5.54 14.09 -1.42
N ARG A 929 -6.12 13.95 -0.23
CA ARG A 929 -7.06 12.87 0.03
C ARG A 929 -8.48 13.30 -0.31
N TYR A 930 -9.23 12.41 -0.93
CA TYR A 930 -10.62 12.64 -1.29
C TYR A 930 -11.48 11.62 -0.55
N ALA A 931 -12.19 12.08 0.48
CA ALA A 931 -13.03 11.19 1.30
C ALA A 931 -14.37 11.89 1.52
N ALA A 932 -15.38 11.46 0.77
CA ALA A 932 -16.76 11.94 0.90
C ALA A 932 -16.84 13.46 0.67
N ASP A 933 -16.57 13.83 -0.58
CA ASP A 933 -16.72 15.22 -1.04
C ASP A 933 -15.93 16.19 -0.17
N GLN A 934 -14.66 15.85 0.07
CA GLN A 934 -13.81 16.69 0.90
C GLN A 934 -12.35 16.40 0.54
N PHE A 935 -11.61 17.46 0.20
CA PHE A 935 -10.19 17.35 -0.09
C PHE A 935 -9.41 17.82 1.13
N GLU A 936 -8.58 16.93 1.67
CA GLU A 936 -7.74 17.25 2.80
C GLU A 936 -6.28 17.06 2.43
N PRO A 937 -5.40 18.00 2.75
CA PRO A 937 -3.99 17.85 2.39
C PRO A 937 -3.30 16.79 3.23
N LYS A 938 -2.57 15.91 2.57
CA LYS A 938 -1.76 14.91 3.27
C LYS A 938 -0.47 15.54 3.78
N ALA A 939 0.36 14.73 4.44
CA ALA A 939 1.67 15.21 4.86
C ALA A 939 2.60 15.43 3.67
N SER A 940 2.36 14.75 2.55
CA SER A 940 3.18 14.97 1.36
C SER A 940 3.02 16.39 0.82
N MET A 941 1.86 17.00 1.05
CA MET A 941 1.65 18.38 0.61
C MET A 941 2.57 19.33 1.37
N LYS A 942 2.64 19.17 2.70
CA LYS A 942 3.50 20.04 3.50
C LYS A 942 4.97 19.73 3.27
N HIS A 943 5.30 18.48 2.97
CA HIS A 943 6.69 18.11 2.71
C HIS A 943 7.14 18.59 1.33
N TYR A 944 6.30 18.37 0.31
CA TYR A 944 6.62 18.87 -1.03
C TYR A 944 6.67 20.40 -1.04
N ARG A 945 5.74 21.05 -0.32
CA ARG A 945 5.78 22.50 -0.22
C ARG A 945 7.06 22.97 0.49
N LYS A 946 7.54 22.19 1.46
CA LYS A 946 8.80 22.52 2.11
C LYS A 946 9.96 22.45 1.13
N ILE A 947 9.93 21.48 0.21
CA ILE A 947 10.98 21.37 -0.80
C ILE A 947 10.87 22.48 -1.82
N ILE A 948 9.64 22.82 -2.23
CA ILE A 948 9.44 23.85 -3.24
C ILE A 948 9.80 25.22 -2.68
N ASP A 949 9.42 25.49 -1.43
CA ASP A 949 9.77 26.78 -0.81
C ASP A 949 11.27 26.91 -0.65
N SER A 950 11.94 25.86 -0.18
CA SER A 950 13.38 25.87 -0.06
C SER A 950 14.09 25.75 -1.40
N ASN A 951 13.37 25.40 -2.46
CA ASN A 951 13.92 25.25 -3.81
C ASN A 951 15.06 24.24 -3.81
N GLY A 952 14.74 23.03 -3.36
CA GLY A 952 15.70 21.94 -3.29
C GLY A 952 15.94 21.50 -1.85
N PHE A 953 17.20 21.25 -1.53
CA PHE A 953 17.62 20.82 -0.19
C PHE A 953 18.79 21.67 0.25
N PRO A 954 18.54 22.92 0.64
CA PRO A 954 19.63 23.82 1.03
C PRO A 954 20.14 23.50 2.42
N GLY A 955 21.45 23.73 2.61
CA GLY A 955 22.08 23.52 3.88
C GLY A 955 21.91 24.72 4.81
N PRO A 956 22.99 25.09 5.51
CA PRO A 956 22.98 26.23 6.42
C PRO A 956 23.23 27.56 5.71
N ARG A 961 27.41 29.92 -2.49
CA ARG A 961 26.97 30.24 -1.13
C ARG A 961 25.46 30.44 -1.10
N PHE A 962 24.92 30.68 0.10
CA PHE A 962 23.48 30.91 0.27
C PHE A 962 23.04 32.10 -0.57
N CYS A 963 22.46 31.83 -1.74
CA CYS A 963 22.09 32.89 -2.68
C CYS A 963 20.64 32.73 -3.12
N PRO A 964 19.83 33.78 -3.02
CA PRO A 964 18.48 33.77 -3.63
C PRO A 964 18.52 34.35 -5.04
N GLU A 965 19.20 33.63 -5.92
CA GLU A 965 19.53 34.17 -7.25
C GLU A 965 18.29 34.33 -8.10
N GLU A 966 18.13 35.51 -8.69
CA GLU A 966 17.14 35.76 -9.72
C GLU A 966 17.90 36.14 -11.00
N PHE A 967 18.60 35.16 -11.56
CA PHE A 967 19.31 35.35 -12.82
C PHE A 967 18.30 35.53 -13.93
N THR A 968 18.19 36.77 -14.45
CA THR A 968 17.29 37.22 -15.51
C THR A 968 16.43 36.11 -16.11
N VAL A 969 17.05 35.27 -16.94
CA VAL A 969 16.45 34.05 -17.47
C VAL A 969 17.56 33.21 -18.07
N CYS A 970 17.68 31.95 -17.66
CA CYS A 970 18.86 31.16 -17.97
C CYS A 970 18.48 29.79 -18.54
N THR A 971 19.36 29.29 -19.41
CA THR A 971 19.37 27.94 -19.96
C THR A 971 18.07 27.50 -20.64
N GLU A 972 17.09 28.40 -20.71
CA GLU A 972 15.82 28.16 -21.40
C GLU A 972 15.12 26.91 -20.88
N CYS A 973 15.25 26.65 -19.57
CA CYS A 973 14.48 25.57 -18.97
C CYS A 973 13.00 25.91 -18.90
N SER A 974 12.67 27.19 -18.82
CA SER A 974 11.30 27.67 -18.89
C SER A 974 11.38 29.14 -19.31
N PHE A 975 10.28 29.88 -19.13
CA PHE A 975 10.29 31.30 -19.46
C PHE A 975 9.71 32.11 -18.30
N PHE A 976 9.39 33.38 -18.54
CA PHE A 976 9.04 34.31 -17.46
C PHE A 976 7.72 35.02 -17.80
N HIS A 977 6.63 34.48 -17.28
CA HIS A 977 5.30 35.11 -17.38
C HIS A 977 4.92 35.50 -18.80
N ASP B 41 -4.37 55.64 2.97
CA ASP B 41 -5.19 54.80 2.10
C ASP B 41 -6.34 54.16 2.86
N ASP B 42 -7.46 53.93 2.17
CA ASP B 42 -8.63 53.36 2.81
C ASP B 42 -8.46 51.85 3.05
N LYS B 43 -8.05 51.12 2.02
CA LYS B 43 -7.85 49.67 2.05
C LYS B 43 -9.18 48.94 2.26
N ALA B 44 -9.24 47.67 1.84
CA ALA B 44 -10.45 46.87 1.94
C ALA B 44 -10.11 45.54 2.62
N MET B 45 -10.40 45.45 3.92
CA MET B 45 -10.16 44.20 4.65
C MET B 45 -11.25 43.18 4.35
N GLY B 46 -12.47 43.43 4.81
CA GLY B 46 -13.56 42.51 4.57
C GLY B 46 -14.82 42.91 5.29
N TYR B 47 -15.59 41.91 5.69
CA TYR B 47 -16.88 42.06 6.35
C TYR B 47 -16.96 41.09 7.51
N PRO B 48 -17.88 41.33 8.46
CA PRO B 48 -17.99 40.43 9.61
C PRO B 48 -18.33 39.00 9.20
N ASN B 49 -17.69 38.04 9.88
CA ASN B 49 -17.93 36.63 9.64
C ASN B 49 -17.38 35.84 10.82
N ALA B 50 -18.00 34.70 11.11
CA ALA B 50 -17.65 33.91 12.28
C ALA B 50 -17.13 32.52 11.95
N SER B 51 -16.77 32.24 10.68
CA SER B 51 -16.05 31.04 10.28
C SER B 51 -16.92 29.79 10.50
N PRO B 52 -16.45 28.55 10.14
CA PRO B 52 -17.38 27.41 10.14
C PRO B 52 -17.79 26.93 11.53
N LEU B 53 -18.51 25.81 11.60
CA LEU B 53 -19.06 25.35 12.87
C LEU B 53 -19.16 23.83 13.01
N LEU B 54 -20.36 23.34 13.30
CA LEU B 54 -20.55 22.00 13.83
C LEU B 54 -20.10 20.93 12.84
N GLY B 55 -19.23 20.05 13.30
CA GLY B 55 -18.60 19.00 12.53
C GLY B 55 -17.19 18.76 13.05
N SER B 56 -16.31 18.32 12.15
CA SER B 56 -14.90 18.30 12.49
C SER B 56 -14.28 19.69 12.31
N SER B 57 -14.73 20.42 11.29
CA SER B 57 -14.35 21.81 11.05
C SER B 57 -15.33 22.42 10.08
N TRP B 58 -15.30 21.96 8.82
CA TRP B 58 -16.36 22.21 7.85
C TRP B 58 -16.94 20.90 7.32
N GLY B 59 -16.68 19.79 8.00
CA GLY B 59 -17.39 18.57 7.71
C GLY B 59 -18.83 18.69 8.15
N GLY B 60 -19.64 19.39 7.36
CA GLY B 60 -20.99 19.72 7.75
C GLY B 60 -21.97 18.56 7.74
N LEU B 61 -21.47 17.35 7.97
CA LEU B 61 -22.31 16.16 8.03
C LEU B 61 -22.76 15.91 9.46
N ILE B 62 -23.99 15.44 9.62
CA ILE B 62 -24.56 15.12 10.91
C ILE B 62 -25.19 13.73 10.84
N HIS B 63 -25.36 13.13 12.01
CA HIS B 63 -26.02 11.83 12.14
C HIS B 63 -27.38 12.03 12.79
N LEU B 64 -28.40 11.41 12.21
CA LEU B 64 -29.77 11.56 12.69
C LEU B 64 -30.01 10.61 13.86
N TYR B 65 -30.19 11.17 15.05
CA TYR B 65 -30.38 10.40 16.26
C TYR B 65 -31.86 10.11 16.48
N THR B 66 -32.14 8.94 17.06
CA THR B 66 -33.51 8.54 17.37
C THR B 66 -33.51 7.75 18.66
N ALA B 67 -34.45 8.06 19.55
CA ALA B 67 -34.59 7.38 20.83
C ALA B 67 -36.04 7.04 21.07
N THR B 68 -36.30 5.80 21.49
CA THR B 68 -37.64 5.33 21.81
C THR B 68 -37.67 4.72 23.20
N ALA B 69 -37.06 5.43 24.16
CA ALA B 69 -37.01 5.01 25.56
C ALA B 69 -36.33 3.66 25.75
N ARG B 70 -36.85 2.62 25.11
CA ARG B 70 -36.25 1.29 25.24
C ARG B 70 -34.91 1.20 24.51
N ASN B 71 -34.83 1.74 23.30
CA ASN B 71 -33.66 1.60 22.46
C ASN B 71 -33.24 2.98 21.93
N SER B 72 -32.22 2.97 21.07
CA SER B 72 -31.66 4.20 20.50
C SER B 72 -30.78 3.83 19.32
N TYR B 73 -31.04 4.46 18.18
CA TYR B 73 -30.30 4.14 16.95
C TYR B 73 -30.12 5.40 16.12
N HIS B 74 -29.21 5.32 15.15
CA HIS B 74 -28.97 6.36 14.17
C HIS B 74 -29.43 5.91 12.80
N LEU B 75 -29.88 6.86 11.99
CA LEU B 75 -30.30 6.56 10.62
C LEU B 75 -29.09 6.23 9.76
N GLN B 76 -29.03 5.01 9.25
CA GLN B 76 -27.90 4.52 8.48
C GLN B 76 -28.36 4.07 7.10
N ILE B 77 -27.55 4.35 6.09
CA ILE B 77 -27.84 3.95 4.72
C ILE B 77 -26.66 3.12 4.21
N HIS B 78 -26.93 1.86 3.87
CA HIS B 78 -25.87 0.96 3.42
C HIS B 78 -25.58 1.18 1.94
N LYS B 79 -24.58 0.45 1.43
CA LYS B 79 -24.15 0.61 0.04
C LYS B 79 -25.18 0.10 -0.96
N ASN B 80 -26.07 -0.81 -0.54
CA ASN B 80 -27.09 -1.36 -1.41
C ASN B 80 -28.43 -0.63 -1.29
N GLY B 81 -28.50 0.43 -0.48
CA GLY B 81 -29.73 1.16 -0.33
C GLY B 81 -30.65 0.66 0.76
N HIS B 82 -30.11 0.08 1.82
CA HIS B 82 -30.90 -0.41 2.94
C HIS B 82 -30.75 0.53 4.13
N VAL B 83 -31.87 0.94 4.70
CA VAL B 83 -31.89 1.87 5.83
C VAL B 83 -32.20 1.07 7.09
N ASP B 84 -31.31 1.17 8.09
CA ASP B 84 -31.52 0.55 9.38
C ASP B 84 -30.93 1.46 10.45
N GLY B 85 -30.86 0.94 11.67
CA GLY B 85 -30.37 1.72 12.81
C GLY B 85 -28.96 1.31 13.20
N ALA B 86 -28.13 2.32 13.46
CA ALA B 86 -26.76 2.14 13.93
C ALA B 86 -26.65 2.70 15.34
N PRO B 87 -26.29 1.89 16.34
CA PRO B 87 -26.29 2.41 17.72
C PRO B 87 -25.30 3.53 17.96
N HIS B 88 -24.21 3.59 17.19
CA HIS B 88 -23.23 4.66 17.28
C HIS B 88 -22.97 5.21 15.89
N GLN B 89 -22.19 6.30 15.84
CA GLN B 89 -21.89 6.94 14.57
C GLN B 89 -21.02 6.02 13.71
N THR B 90 -21.48 5.73 12.50
CA THR B 90 -20.75 4.94 11.53
C THR B 90 -20.50 5.77 10.27
N ILE B 91 -19.77 5.19 9.33
CA ILE B 91 -19.50 5.89 8.08
C ILE B 91 -20.73 5.88 7.19
N TYR B 92 -21.49 4.79 7.19
CA TYR B 92 -22.70 4.68 6.39
C TYR B 92 -23.88 5.45 6.96
N SER B 93 -23.74 6.01 8.16
CA SER B 93 -24.78 6.82 8.76
C SER B 93 -24.52 8.31 8.64
N ALA B 94 -23.42 8.71 7.99
CA ALA B 94 -23.13 10.11 7.79
C ALA B 94 -24.06 10.68 6.74
N LEU B 95 -24.85 11.69 7.12
CA LEU B 95 -25.86 12.27 6.26
C LEU B 95 -25.60 13.76 6.06
N MET B 96 -25.81 14.24 4.84
CA MET B 96 -25.65 15.65 4.51
C MET B 96 -27.04 16.25 4.31
N ILE B 97 -27.34 17.32 5.05
CA ILE B 97 -28.63 17.99 4.99
C ILE B 97 -28.45 19.26 4.17
N ARG B 98 -29.15 19.32 3.03
CA ARG B 98 -29.06 20.47 2.12
C ARG B 98 -30.47 20.83 1.67
N SER B 99 -30.95 21.99 2.08
CA SER B 99 -32.29 22.41 1.72
C SER B 99 -32.40 22.70 0.23
N GLU B 100 -33.60 22.51 -0.33
CA GLU B 100 -33.83 22.72 -1.75
C GLU B 100 -34.88 23.81 -1.97
N ASP B 101 -36.15 23.55 -1.72
CA ASP B 101 -37.20 24.54 -1.93
C ASP B 101 -37.35 25.39 -0.67
N ALA B 102 -38.50 26.04 -0.50
CA ALA B 102 -38.75 26.90 0.66
C ALA B 102 -39.26 26.04 1.80
N GLY B 103 -38.33 25.44 2.54
CA GLY B 103 -38.64 24.62 3.69
C GLY B 103 -38.40 23.14 3.50
N PHE B 104 -38.01 22.69 2.31
CA PHE B 104 -37.76 21.28 2.05
C PHE B 104 -36.26 21.01 2.05
N VAL B 105 -35.88 19.85 2.58
CA VAL B 105 -34.48 19.48 2.75
C VAL B 105 -34.19 18.23 1.94
N VAL B 106 -32.90 17.98 1.72
CA VAL B 106 -32.42 16.81 1.01
C VAL B 106 -31.46 16.05 1.91
N ILE B 107 -31.72 14.76 2.10
CA ILE B 107 -30.93 13.90 2.98
C ILE B 107 -30.14 12.93 2.10
N THR B 108 -28.82 13.04 2.13
CA THR B 108 -27.94 12.24 1.28
C THR B 108 -26.93 11.50 2.12
N GLY B 109 -26.79 10.20 1.87
CA GLY B 109 -25.73 9.42 2.49
C GLY B 109 -24.40 9.70 1.84
N VAL B 110 -23.51 10.40 2.56
CA VAL B 110 -22.28 10.87 1.95
C VAL B 110 -21.30 9.73 1.66
N MET B 111 -21.51 8.55 2.26
CA MET B 111 -20.61 7.42 2.08
C MET B 111 -21.09 6.44 1.02
N SER B 112 -22.39 6.16 0.98
CA SER B 112 -22.95 5.24 0.00
C SER B 112 -23.30 5.92 -1.32
N ARG B 113 -23.15 7.24 -1.40
CA ARG B 113 -23.48 8.01 -2.60
C ARG B 113 -24.94 7.81 -3.00
N ARG B 114 -25.81 7.66 -2.01
CA ARG B 114 -27.22 7.38 -2.24
C ARG B 114 -28.09 8.44 -1.55
N TYR B 115 -29.24 8.70 -2.16
CA TYR B 115 -30.22 9.64 -1.63
C TYR B 115 -31.33 8.87 -0.90
N LEU B 116 -31.89 9.50 0.12
CA LEU B 116 -32.98 8.90 0.88
C LEU B 116 -34.30 9.15 0.15
N CYS B 117 -34.95 8.07 -0.28
CA CYS B 117 -36.17 8.16 -1.06
C CYS B 117 -37.28 7.36 -0.39
N MET B 118 -38.52 7.84 -0.56
CA MET B 118 -39.70 7.20 -0.01
C MET B 118 -40.67 6.87 -1.13
N ASP B 119 -41.25 5.66 -1.06
CA ASP B 119 -42.22 5.21 -2.05
C ASP B 119 -43.63 5.43 -1.52
N PHE B 120 -44.63 4.91 -2.25
CA PHE B 120 -46.02 5.13 -1.86
C PHE B 120 -46.43 4.27 -0.67
N ARG B 121 -45.76 3.14 -0.44
CA ARG B 121 -46.08 2.31 0.70
C ARG B 121 -45.62 2.92 2.02
N GLY B 122 -44.75 3.93 1.97
CA GLY B 122 -44.19 4.53 3.15
C GLY B 122 -42.77 4.10 3.48
N ASN B 123 -42.25 3.10 2.78
CA ASN B 123 -40.89 2.64 3.03
C ASN B 123 -39.88 3.70 2.63
N ILE B 124 -38.65 3.54 3.11
CA ILE B 124 -37.54 4.41 2.75
C ILE B 124 -36.35 3.54 2.39
N PHE B 125 -35.59 3.97 1.37
CA PHE B 125 -34.41 3.24 0.93
C PHE B 125 -33.44 4.25 0.34
N GLY B 126 -32.39 3.74 -0.29
CA GLY B 126 -31.38 4.58 -0.91
C GLY B 126 -31.26 4.37 -2.41
N SER B 127 -31.22 5.45 -3.17
CA SER B 127 -31.10 5.39 -4.62
C SER B 127 -29.94 6.26 -5.08
N HIS B 128 -29.16 5.75 -6.03
CA HIS B 128 -28.02 6.50 -6.57
C HIS B 128 -28.44 7.67 -7.45
N TYR B 129 -29.73 7.92 -7.62
CA TYR B 129 -30.22 8.95 -8.54
C TYR B 129 -31.26 9.81 -7.84
N PHE B 130 -31.14 11.12 -8.00
CA PHE B 130 -32.04 12.07 -7.35
C PHE B 130 -33.40 12.09 -8.04
N ASP B 131 -34.44 12.34 -7.26
CA ASP B 131 -35.81 12.44 -7.75
C ASP B 131 -36.61 13.39 -6.86
N PRO B 132 -36.99 14.56 -7.38
CA PRO B 132 -37.72 15.53 -6.54
C PRO B 132 -39.13 15.09 -6.18
N GLU B 133 -39.66 14.03 -6.79
CA GLU B 133 -40.99 13.55 -6.48
C GLU B 133 -41.01 12.53 -5.34
N ASN B 134 -39.90 11.88 -5.08
CA ASN B 134 -39.82 10.87 -4.03
C ASN B 134 -38.72 11.11 -3.01
N CYS B 135 -37.55 11.56 -3.46
CA CYS B 135 -36.40 11.76 -2.57
C CYS B 135 -36.32 13.21 -2.08
N ARG B 136 -37.44 13.72 -1.59
CA ARG B 136 -37.53 15.10 -1.13
C ARG B 136 -38.52 15.16 0.03
N PHE B 137 -38.12 15.79 1.13
CA PHE B 137 -38.91 15.80 2.35
C PHE B 137 -38.98 17.20 2.93
N GLN B 138 -40.00 17.43 3.75
CA GLN B 138 -40.20 18.71 4.43
C GLN B 138 -39.84 18.57 5.89
N HIS B 139 -39.05 19.53 6.40
CA HIS B 139 -38.57 19.51 7.76
C HIS B 139 -39.32 20.52 8.61
N GLN B 140 -39.59 20.17 9.86
CA GLN B 140 -40.22 21.07 10.81
C GLN B 140 -39.87 20.64 12.23
N THR B 141 -39.55 21.62 13.07
CA THR B 141 -39.15 21.37 14.44
C THR B 141 -40.37 21.45 15.35
N LEU B 142 -40.53 20.44 16.21
CA LEU B 142 -41.66 20.40 17.13
C LEU B 142 -41.42 21.26 18.35
N GLU B 143 -42.18 21.04 19.43
CA GLU B 143 -42.03 21.80 20.65
C GLU B 143 -41.01 21.21 21.59
N ASN B 144 -40.74 19.91 21.50
CA ASN B 144 -39.77 19.24 22.36
C ASN B 144 -38.35 19.33 21.81
N GLY B 145 -38.14 20.03 20.71
CA GLY B 145 -36.81 20.19 20.15
C GLY B 145 -36.37 19.11 19.20
N TYR B 146 -37.28 18.26 18.72
CA TYR B 146 -36.96 17.18 17.81
C TYR B 146 -37.44 17.52 16.40
N ASP B 147 -36.64 17.16 15.40
CA ASP B 147 -36.96 17.42 14.00
C ASP B 147 -37.76 16.27 13.42
N VAL B 148 -38.74 16.61 12.59
CA VAL B 148 -39.60 15.62 11.92
C VAL B 148 -39.58 15.90 10.43
N TYR B 149 -39.42 14.84 9.63
CA TYR B 149 -39.38 14.95 8.18
C TYR B 149 -40.49 14.09 7.59
N HIS B 150 -41.24 14.65 6.65
CA HIS B 150 -42.32 13.93 5.99
C HIS B 150 -42.33 14.26 4.51
N SER B 151 -42.90 13.35 3.73
CA SER B 151 -42.93 13.49 2.28
C SER B 151 -44.10 14.39 1.87
N PRO B 152 -43.87 15.39 1.00
CA PRO B 152 -44.98 16.23 0.55
C PRO B 152 -45.93 15.52 -0.41
N GLN B 153 -45.52 14.40 -1.00
CA GLN B 153 -46.36 13.65 -1.93
C GLN B 153 -46.99 12.42 -1.31
N TYR B 154 -46.62 12.06 -0.08
CA TYR B 154 -47.18 10.89 0.57
C TYR B 154 -47.56 11.09 2.03
N HIS B 155 -47.19 12.21 2.64
CA HIS B 155 -47.57 12.59 4.01
C HIS B 155 -47.08 11.61 5.06
N PHE B 156 -46.23 10.66 4.69
CA PHE B 156 -45.75 9.65 5.63
C PHE B 156 -44.49 10.15 6.33
N LEU B 157 -44.47 10.03 7.66
CA LEU B 157 -43.31 10.44 8.43
C LEU B 157 -42.17 9.45 8.25
N VAL B 158 -40.98 9.96 7.98
CA VAL B 158 -39.79 9.13 7.89
C VAL B 158 -39.52 8.50 9.25
N SER B 159 -39.79 7.20 9.37
CA SER B 159 -39.66 6.49 10.63
C SER B 159 -38.74 5.29 10.46
N LEU B 160 -37.84 5.11 11.44
CA LEU B 160 -36.96 3.94 11.42
C LEU B 160 -37.74 2.65 11.62
N GLY B 161 -38.86 2.69 12.33
CA GLY B 161 -39.67 1.53 12.58
C GLY B 161 -40.71 1.29 11.50
N ALA B 162 -41.57 0.32 11.75
CA ALA B 162 -42.62 -0.07 10.82
C ALA B 162 -43.88 0.78 10.97
N ALA B 163 -43.85 1.83 11.79
CA ALA B 163 -45.02 2.68 12.01
C ALA B 163 -44.94 3.86 11.06
N LYS B 164 -45.35 3.62 9.81
CA LYS B 164 -45.38 4.65 8.78
C LYS B 164 -46.73 5.35 8.85
N ALA B 165 -46.82 6.31 9.76
CA ALA B 165 -48.04 7.08 9.97
C ALA B 165 -47.92 8.45 9.32
N ALA B 166 -49.03 9.16 9.25
CA ALA B 166 -49.08 10.50 8.70
C ALA B 166 -48.64 11.50 9.77
N PHE B 167 -48.83 12.79 9.49
CA PHE B 167 -48.48 13.85 10.42
C PHE B 167 -49.74 14.53 10.94
N LEU B 168 -49.77 14.81 12.24
CA LEU B 168 -50.89 15.47 12.89
C LEU B 168 -50.40 16.68 13.66
N PRO B 169 -51.20 17.75 13.73
CA PRO B 169 -50.75 18.97 14.41
C PRO B 169 -50.65 18.81 15.91
N GLY B 170 -49.67 18.04 16.37
CA GLY B 170 -49.43 17.88 17.78
C GLY B 170 -50.32 16.87 18.48
N MET B 171 -50.56 15.72 17.84
CA MET B 171 -51.36 14.68 18.46
C MET B 171 -50.48 13.56 19.01
N ASN B 172 -50.40 12.45 18.29
CA ASN B 172 -49.61 11.30 18.73
C ASN B 172 -48.59 10.95 17.65
N PRO B 173 -47.30 11.23 17.87
CA PRO B 173 -46.29 10.89 16.86
C PRO B 173 -45.95 9.42 16.89
N PRO B 174 -45.79 8.78 15.73
CA PRO B 174 -45.41 7.38 15.70
C PRO B 174 -43.98 7.19 16.17
N PRO B 175 -43.60 5.99 16.60
CA PRO B 175 -42.24 5.77 17.11
C PRO B 175 -41.20 5.88 16.00
N TYR B 176 -39.98 6.18 16.42
CA TYR B 176 -38.82 6.28 15.53
C TYR B 176 -38.99 7.38 14.47
N SER B 177 -39.82 8.38 14.76
CA SER B 177 -40.06 9.47 13.82
C SER B 177 -39.46 10.80 14.25
N GLN B 178 -39.25 11.01 15.55
CA GLN B 178 -38.68 12.25 16.06
C GLN B 178 -37.16 12.12 16.06
N PHE B 179 -36.49 12.89 15.23
CA PHE B 179 -35.04 12.84 15.08
C PHE B 179 -34.37 14.00 15.80
N LEU B 180 -33.06 13.86 16.00
CA LEU B 180 -32.26 14.89 16.64
C LEU B 180 -30.90 14.94 15.93
N SER B 181 -30.59 16.07 15.32
CA SER B 181 -29.37 16.21 14.53
C SER B 181 -28.17 16.29 15.48
N ARG B 182 -27.30 15.27 15.44
CA ARG B 182 -26.11 15.22 16.28
C ARG B 182 -24.87 15.44 15.44
N ARG B 183 -23.94 16.23 15.98
CA ARG B 183 -22.70 16.55 15.29
C ARG B 183 -21.90 15.28 14.99
N ASN B 184 -21.00 15.39 14.01
CA ASN B 184 -20.17 14.27 13.62
C ASN B 184 -18.86 14.27 14.41
N GLU B 185 -18.47 13.10 14.89
CA GLU B 185 -17.25 12.94 15.66
C GLU B 185 -16.23 12.02 14.99
N ILE B 186 -16.54 11.51 13.79
CA ILE B 186 -15.65 10.60 13.08
C ILE B 186 -14.68 11.41 12.23
N PRO B 187 -13.37 11.14 12.31
CA PRO B 187 -12.43 11.83 11.42
C PRO B 187 -12.68 11.43 9.97
N LEU B 188 -12.39 12.36 9.06
CA LEU B 188 -12.66 12.14 7.65
C LEU B 188 -11.68 11.18 7.00
N ILE B 189 -10.76 10.58 7.76
CA ILE B 189 -9.83 9.61 7.19
C ILE B 189 -10.49 8.26 6.96
N HIS B 190 -11.56 7.94 7.69
CA HIS B 190 -12.22 6.64 7.59
C HIS B 190 -13.35 6.62 6.56
N PHE B 191 -13.57 7.71 5.83
CA PHE B 191 -14.72 7.83 4.95
C PHE B 191 -14.43 7.39 3.51
N ASN B 192 -13.28 6.77 3.26
CA ASN B 192 -12.96 6.21 1.95
C ASN B 192 -12.64 4.74 2.13
N THR B 193 -13.41 3.88 1.45
CA THR B 193 -13.22 2.45 1.61
C THR B 193 -11.91 2.01 0.95
N PRO B 194 -11.25 1.00 1.51
CA PRO B 194 -10.01 0.50 0.89
C PRO B 194 -10.26 -0.22 -0.43
N ILE B 195 -9.29 -1.04 -0.84
CA ILE B 195 -9.36 -1.74 -2.13
C ILE B 195 -8.49 -2.99 -2.18
N PRO B 196 -7.36 -3.12 -1.42
CA PRO B 196 -6.53 -4.32 -1.62
C PRO B 196 -7.19 -5.61 -1.14
N ARG B 197 -8.18 -6.09 -1.89
CA ARG B 197 -8.73 -7.42 -1.63
C ARG B 197 -7.82 -8.47 -2.23
N GLN B 198 -7.97 -8.73 -3.53
CA GLN B 198 -7.09 -9.61 -4.29
C GLN B 198 -6.99 -10.99 -3.63
N HIS B 199 -8.09 -11.74 -3.76
CA HIS B 199 -8.17 -13.07 -3.17
C HIS B 199 -7.36 -14.07 -3.98
N THR B 200 -6.57 -14.89 -3.29
CA THR B 200 -5.73 -15.92 -3.91
C THR B 200 -4.84 -15.35 -5.01
N GLN B 201 -3.78 -14.64 -4.62
CA GLN B 201 -2.82 -14.16 -5.60
C GLN B 201 -2.04 -15.31 -6.22
N SER B 202 -1.68 -16.31 -5.41
CA SER B 202 -1.03 -17.50 -5.93
C SER B 202 -1.39 -18.75 -5.14
N ALA B 203 -2.47 -18.71 -4.36
CA ALA B 203 -2.91 -19.82 -3.50
C ALA B 203 -1.77 -20.16 -2.54
N GLU B 204 -1.73 -21.41 -2.08
CA GLU B 204 -0.65 -21.88 -1.21
C GLU B 204 0.34 -22.78 -1.95
N ASP B 205 -0.16 -23.73 -2.74
CA ASP B 205 0.66 -24.59 -3.60
C ASP B 205 1.57 -25.53 -2.80
N ASP B 206 2.13 -25.04 -1.70
CA ASP B 206 3.04 -25.82 -0.86
C ASP B 206 4.27 -26.29 -1.64
N SER B 207 4.61 -25.57 -2.70
CA SER B 207 5.77 -25.89 -3.52
C SER B 207 6.22 -24.67 -4.32
N GLU B 208 5.95 -23.48 -3.77
CA GLU B 208 6.28 -22.23 -4.46
C GLU B 208 7.80 -22.10 -4.58
N ARG B 209 8.30 -22.15 -5.81
CA ARG B 209 9.74 -22.05 -6.04
C ARG B 209 10.26 -20.64 -5.80
N ASP B 210 9.38 -19.63 -5.82
CA ASP B 210 9.77 -18.24 -5.62
C ASP B 210 8.79 -17.60 -4.64
N PRO B 211 8.91 -17.90 -3.34
CA PRO B 211 7.94 -17.35 -2.38
C PRO B 211 8.10 -15.86 -2.14
N LEU B 212 9.32 -15.34 -2.11
CA LEU B 212 9.53 -13.91 -1.89
C LEU B 212 9.28 -13.07 -3.12
N ASN B 213 8.84 -13.68 -4.23
CA ASN B 213 8.46 -12.96 -5.45
C ASN B 213 9.64 -12.16 -6.00
N VAL B 214 10.79 -12.81 -6.08
CA VAL B 214 11.95 -12.17 -6.68
C VAL B 214 11.77 -12.04 -8.19
N LEU B 215 11.12 -13.02 -8.82
CA LEU B 215 10.81 -12.98 -10.23
C LEU B 215 9.47 -12.28 -10.43
N LYS B 216 9.49 -11.09 -11.03
CA LYS B 216 8.29 -10.31 -11.26
C LYS B 216 8.20 -9.89 -12.72
N PRO B 217 7.45 -10.62 -13.54
CA PRO B 217 7.20 -10.16 -14.91
C PRO B 217 6.41 -8.86 -14.92
N ARG B 218 6.50 -8.15 -16.05
CA ARG B 218 5.87 -6.84 -16.17
C ARG B 218 4.79 -6.78 -17.25
N ALA B 219 4.46 -7.91 -17.89
CA ALA B 219 3.44 -7.98 -18.94
C ALA B 219 3.77 -7.06 -20.09
N ARG B 220 4.45 -7.57 -21.11
CA ARG B 220 4.99 -6.78 -22.20
C ARG B 220 4.32 -7.16 -23.52
N MET B 221 4.93 -6.72 -24.62
CA MET B 221 4.56 -7.13 -25.97
C MET B 221 3.13 -6.74 -26.33
N THR B 222 2.21 -7.70 -26.28
CA THR B 222 0.83 -7.46 -26.67
C THR B 222 -0.10 -8.45 -25.99
N MET C 10 -27.63 -19.78 48.24
CA MET C 10 -27.67 -18.44 48.81
C MET C 10 -26.52 -17.53 48.33
N PRO C 11 -25.25 -17.99 48.37
CA PRO C 11 -24.16 -17.14 47.87
C PRO C 11 -24.22 -16.97 46.36
N VAL C 12 -25.07 -16.04 45.90
CA VAL C 12 -25.28 -15.79 44.48
C VAL C 12 -24.58 -14.48 44.10
N ALA C 13 -23.96 -14.49 42.93
CA ALA C 13 -23.31 -13.30 42.41
C ALA C 13 -24.35 -12.33 41.84
N PRO C 14 -24.08 -11.02 41.89
CA PRO C 14 -25.03 -10.06 41.33
C PRO C 14 -25.17 -10.23 39.83
N TYR C 15 -26.43 -10.21 39.36
CA TYR C 15 -26.75 -10.43 37.97
C TYR C 15 -27.75 -9.38 37.50
N TRP C 16 -27.86 -9.24 36.18
CA TRP C 16 -28.82 -8.33 35.57
C TRP C 16 -30.17 -9.04 35.46
N THR C 17 -31.19 -8.49 36.12
CA THR C 17 -32.50 -9.13 36.12
C THR C 17 -33.19 -8.94 34.77
N SER C 18 -33.40 -7.69 34.35
CA SER C 18 -34.06 -7.35 33.10
C SER C 18 -33.06 -6.64 32.19
N PRO C 19 -32.27 -7.37 31.40
CA PRO C 19 -31.33 -6.72 30.49
C PRO C 19 -31.99 -6.01 29.32
N GLU C 20 -33.28 -6.27 29.06
CA GLU C 20 -33.97 -5.59 27.97
C GLU C 20 -34.11 -4.10 28.23
N LYS C 21 -34.03 -3.67 29.48
CA LYS C 21 -34.10 -2.25 29.83
C LYS C 21 -32.77 -1.54 29.72
N MET C 22 -31.72 -2.23 29.27
CA MET C 22 -30.37 -1.66 29.21
C MET C 22 -29.82 -1.63 27.78
N GLU C 23 -30.69 -1.77 26.79
CA GLU C 23 -30.23 -1.77 25.40
C GLU C 23 -29.93 -0.38 24.89
N LYS C 24 -30.61 0.64 25.42
CA LYS C 24 -30.40 2.03 25.00
C LYS C 24 -29.05 2.49 25.53
N LYS C 25 -28.02 2.46 24.66
CA LYS C 25 -26.68 2.81 25.09
C LYS C 25 -26.46 4.32 25.10
N LEU C 26 -26.93 5.02 24.07
CA LEU C 26 -26.75 6.46 23.95
C LEU C 26 -28.03 7.19 24.31
N HIS C 27 -27.91 8.19 25.17
CA HIS C 27 -29.03 9.03 25.59
C HIS C 27 -28.72 10.46 25.15
N ALA C 28 -29.35 10.89 24.06
CA ALA C 28 -29.18 12.24 23.53
C ALA C 28 -30.52 12.95 23.61
N VAL C 29 -30.62 13.94 24.50
CA VAL C 29 -31.85 14.70 24.69
C VAL C 29 -31.53 16.18 24.54
N PRO C 30 -32.49 17.01 24.12
CA PRO C 30 -32.23 18.46 24.04
C PRO C 30 -32.04 19.09 25.40
N ALA C 31 -31.80 20.40 25.43
CA ALA C 31 -31.64 21.10 26.69
C ALA C 31 -32.93 21.08 27.49
N ALA C 32 -32.79 21.07 28.82
CA ALA C 32 -33.91 21.00 29.77
C ALA C 32 -34.79 19.78 29.48
N LYS C 33 -34.22 18.62 29.79
CA LYS C 33 -34.90 17.35 29.58
C LYS C 33 -34.53 16.40 30.71
N THR C 34 -35.35 15.37 30.88
CA THR C 34 -35.19 14.39 31.94
C THR C 34 -34.68 13.07 31.36
N VAL C 35 -33.59 12.56 31.93
CA VAL C 35 -33.01 11.29 31.52
C VAL C 35 -33.08 10.32 32.69
N LYS C 36 -33.27 9.04 32.36
CA LYS C 36 -33.43 7.98 33.35
C LYS C 36 -32.46 6.86 33.03
N PHE C 37 -31.49 6.63 33.91
CA PHE C 37 -30.51 5.56 33.78
C PHE C 37 -30.83 4.48 34.82
N LYS C 38 -31.27 3.32 34.36
CA LYS C 38 -31.64 2.21 35.24
C LYS C 38 -30.74 1.01 34.97
N CYS C 39 -30.31 0.36 36.06
CA CYS C 39 -29.48 -0.85 35.99
C CYS C 39 -30.11 -1.89 36.90
N PRO C 40 -31.12 -2.60 36.42
CA PRO C 40 -31.81 -3.58 37.27
C PRO C 40 -30.89 -4.74 37.64
N SER C 41 -30.89 -5.10 38.93
CA SER C 41 -30.06 -6.18 39.43
C SER C 41 -30.70 -6.73 40.69
N SER C 42 -30.15 -7.84 41.17
CA SER C 42 -30.64 -8.49 42.38
C SER C 42 -29.50 -9.29 43.01
N GLY C 43 -29.84 -10.11 43.99
CA GLY C 43 -28.85 -10.91 44.69
C GLY C 43 -29.12 -11.02 46.17
N THR C 44 -28.39 -11.89 46.86
CA THR C 44 -28.54 -12.09 48.30
C THR C 44 -27.20 -11.87 48.98
N PRO C 45 -27.06 -10.90 49.89
CA PRO C 45 -28.14 -9.98 50.28
C PRO C 45 -28.29 -8.79 49.34
N GLN C 46 -28.76 -7.67 49.88
CA GLN C 46 -29.01 -6.48 49.07
C GLN C 46 -27.70 -5.89 48.55
N PRO C 47 -27.53 -5.72 47.24
CA PRO C 47 -26.30 -5.13 46.71
C PRO C 47 -26.37 -3.61 46.65
N THR C 48 -25.20 -3.00 46.52
CA THR C 48 -25.08 -1.56 46.42
C THR C 48 -25.11 -1.11 44.97
N LEU C 49 -25.51 0.13 44.76
CA LEU C 49 -25.61 0.73 43.43
C LEU C 49 -24.83 2.05 43.43
N ARG C 50 -23.72 2.08 42.72
CA ARG C 50 -22.88 3.27 42.62
C ARG C 50 -22.92 3.82 41.21
N TRP C 51 -22.55 5.10 41.09
CA TRP C 51 -22.53 5.79 39.81
C TRP C 51 -21.20 6.51 39.65
N LEU C 52 -20.61 6.41 38.46
CA LEU C 52 -19.34 7.04 38.15
C LEU C 52 -19.51 7.95 36.93
N LYS C 53 -19.12 9.21 37.08
CA LYS C 53 -19.18 10.20 36.01
C LYS C 53 -17.82 10.24 35.34
N ASN C 54 -17.67 9.48 34.24
CA ASN C 54 -16.42 9.41 33.48
C ASN C 54 -15.25 8.96 34.37
N GLY C 55 -15.53 8.05 35.30
CA GLY C 55 -14.51 7.56 36.20
C GLY C 55 -14.19 8.53 37.31
N LYS C 56 -15.21 8.98 38.03
CA LYS C 56 -15.04 9.92 39.13
C LYS C 56 -16.23 9.80 40.06
N GLU C 57 -16.21 10.58 41.14
CA GLU C 57 -17.30 10.57 42.10
C GLU C 57 -18.51 11.31 41.53
N PHE C 58 -19.68 10.69 41.65
CA PHE C 58 -20.93 11.28 41.18
C PHE C 58 -21.72 11.76 42.40
N LYS C 59 -21.30 12.90 42.94
CA LYS C 59 -21.88 13.58 44.08
C LYS C 59 -22.95 14.58 43.63
N PRO C 60 -24.07 14.67 44.34
CA PRO C 60 -25.12 15.61 43.93
C PRO C 60 -24.69 17.07 43.90
N ASP C 61 -23.57 17.41 44.55
CA ASP C 61 -23.07 18.78 44.54
C ASP C 61 -22.26 19.11 43.29
N HIS C 62 -22.13 18.16 42.35
CA HIS C 62 -21.40 18.44 41.12
C HIS C 62 -22.26 19.18 40.11
N ARG C 63 -23.52 18.80 39.99
CA ARG C 63 -24.44 19.44 39.05
C ARG C 63 -25.51 20.22 39.80
N ILE C 64 -25.93 21.33 39.20
CA ILE C 64 -26.94 22.19 39.81
C ILE C 64 -28.31 21.58 39.59
N GLY C 65 -29.12 21.57 40.65
CA GLY C 65 -30.45 21.01 40.61
C GLY C 65 -30.57 19.64 41.25
N GLY C 66 -29.50 18.85 41.24
CA GLY C 66 -29.52 17.54 41.84
C GLY C 66 -30.28 16.53 40.98
N TYR C 67 -30.35 15.31 41.49
CA TYR C 67 -31.03 14.21 40.81
C TYR C 67 -31.84 13.43 41.84
N LYS C 68 -32.42 12.32 41.40
CA LYS C 68 -33.25 11.48 42.27
C LYS C 68 -32.98 10.03 41.93
N VAL C 69 -32.37 9.29 42.87
CA VAL C 69 -32.07 7.88 42.68
C VAL C 69 -33.19 7.06 43.27
N ARG C 70 -33.83 6.23 42.45
CA ARG C 70 -34.91 5.36 42.89
C ARG C 70 -34.34 3.96 43.07
N TYR C 71 -34.18 3.53 44.33
CA TYR C 71 -33.63 2.22 44.61
C TYR C 71 -34.64 1.10 44.36
N ALA C 72 -35.94 1.42 44.36
CA ALA C 72 -36.95 0.41 44.06
C ALA C 72 -36.88 -0.03 42.61
N THR C 73 -36.37 0.82 41.72
CA THR C 73 -36.22 0.50 40.31
C THR C 73 -34.76 0.53 39.85
N TRP C 74 -33.81 0.76 40.76
CA TRP C 74 -32.39 0.82 40.43
C TRP C 74 -32.10 1.86 39.34
N SER C 75 -32.84 2.97 39.39
CA SER C 75 -32.75 4.01 38.37
C SER C 75 -32.32 5.33 39.00
N ILE C 76 -31.99 6.28 38.14
CA ILE C 76 -31.64 7.64 38.54
C ILE C 76 -32.31 8.59 37.56
N ILE C 77 -32.94 9.64 38.09
CA ILE C 77 -33.72 10.58 37.31
C ILE C 77 -33.02 11.94 37.31
N MET C 78 -32.84 12.53 36.13
CA MET C 78 -32.24 13.84 36.00
C MET C 78 -33.33 14.92 36.00
N ASP C 79 -32.89 16.17 35.96
CA ASP C 79 -33.83 17.30 35.94
C ASP C 79 -33.15 18.45 35.19
N SER C 80 -33.65 18.75 34.00
CA SER C 80 -33.11 19.80 33.14
C SER C 80 -31.61 19.62 32.93
N VAL C 81 -31.24 18.75 31.98
CA VAL C 81 -29.83 18.46 31.75
C VAL C 81 -29.14 19.66 31.12
N VAL C 82 -27.85 19.77 31.37
CA VAL C 82 -27.02 20.86 30.85
C VAL C 82 -25.87 20.23 30.09
N PRO C 83 -25.23 20.97 29.18
CA PRO C 83 -24.07 20.42 28.45
C PRO C 83 -22.92 20.01 29.36
N SER C 84 -22.86 20.52 30.59
CA SER C 84 -21.84 20.06 31.53
C SER C 84 -22.06 18.63 31.97
N ASP C 85 -23.27 18.11 31.82
CA ASP C 85 -23.60 16.75 32.25
C ASP C 85 -23.31 15.71 31.19
N LYS C 86 -22.75 16.09 30.05
CA LYS C 86 -22.42 15.13 29.02
C LYS C 86 -21.22 14.27 29.46
N GLY C 87 -21.17 13.06 28.91
CA GLY C 87 -20.12 12.12 29.27
C GLY C 87 -20.59 10.68 29.38
N ASN C 88 -19.97 9.92 30.27
CA ASN C 88 -20.31 8.51 30.45
C ASN C 88 -20.67 8.25 31.90
N TYR C 89 -21.77 7.53 32.12
CA TYR C 89 -22.24 7.19 33.46
C TYR C 89 -22.17 5.69 33.63
N THR C 90 -21.42 5.24 34.65
CA THR C 90 -21.19 3.83 34.90
C THR C 90 -21.85 3.42 36.21
N CYS C 91 -22.81 2.50 36.14
CA CYS C 91 -23.45 1.96 37.32
C CYS C 91 -22.71 0.69 37.76
N ILE C 92 -22.52 0.56 39.07
CA ILE C 92 -21.79 -0.56 39.65
C ILE C 92 -22.70 -1.26 40.65
N VAL C 93 -22.79 -2.59 40.53
CA VAL C 93 -23.60 -3.41 41.42
C VAL C 93 -22.71 -4.50 42.01
N GLU C 94 -22.76 -4.64 43.34
CA GLU C 94 -21.94 -5.64 44.03
C GLU C 94 -22.49 -5.85 45.43
N ASN C 95 -22.34 -7.07 45.94
CA ASN C 95 -22.78 -7.39 47.28
C ASN C 95 -21.75 -8.25 48.00
N GLU C 96 -21.44 -9.43 47.46
CA GLU C 96 -20.44 -10.32 48.04
C GLU C 96 -19.19 -10.34 47.19
N TYR C 97 -18.96 -11.45 46.50
CA TYR C 97 -17.85 -11.58 45.57
C TYR C 97 -18.41 -11.54 44.15
N GLY C 98 -18.17 -10.43 43.46
CA GLY C 98 -18.73 -10.21 42.14
C GLY C 98 -19.23 -8.79 41.99
N SER C 99 -18.81 -8.11 40.93
CA SER C 99 -19.17 -6.71 40.70
C SER C 99 -19.44 -6.52 39.22
N ILE C 100 -20.72 -6.40 38.86
CA ILE C 100 -21.12 -6.13 37.48
C ILE C 100 -21.26 -4.62 37.30
N ASN C 101 -21.03 -4.16 36.09
CA ASN C 101 -21.10 -2.73 35.79
C ASN C 101 -21.52 -2.54 34.34
N HIS C 102 -22.06 -1.36 34.07
CA HIS C 102 -22.48 -0.99 32.72
C HIS C 102 -22.31 0.51 32.56
N THR C 103 -21.95 0.94 31.36
CA THR C 103 -21.63 2.33 31.06
C THR C 103 -22.59 2.87 30.01
N TYR C 104 -23.30 3.94 30.35
CA TYR C 104 -24.14 4.66 29.41
C TYR C 104 -23.42 5.91 28.94
N GLN C 105 -23.98 6.56 27.92
CA GLN C 105 -23.42 7.78 27.34
C GLN C 105 -24.51 8.82 27.22
N LEU C 106 -24.30 9.98 27.86
CA LEU C 106 -25.28 11.06 27.85
C LEU C 106 -24.75 12.20 26.99
N ASP C 107 -25.57 12.63 26.03
CA ASP C 107 -25.25 13.77 25.17
C ASP C 107 -26.39 14.79 25.27
N VAL C 108 -26.01 16.07 25.29
CA VAL C 108 -26.96 17.17 25.38
C VAL C 108 -26.83 17.97 24.08
N VAL C 109 -27.80 17.80 23.18
CA VAL C 109 -27.79 18.49 21.90
C VAL C 109 -28.32 19.90 22.12
N GLU C 110 -27.43 20.88 22.08
CA GLU C 110 -27.79 22.28 22.29
C GLU C 110 -28.02 22.92 20.93
N ARG C 111 -29.29 23.13 20.58
CA ARG C 111 -29.66 23.72 19.32
C ARG C 111 -30.91 24.57 19.50
N SER C 112 -31.03 25.62 18.68
CA SER C 112 -32.18 26.51 18.75
C SER C 112 -32.53 27.01 17.36
N PRO C 113 -33.67 26.59 16.80
CA PRO C 113 -34.03 27.03 15.45
C PRO C 113 -34.30 28.53 15.39
N HIS C 114 -34.04 29.10 14.21
CA HIS C 114 -34.24 30.52 14.00
C HIS C 114 -34.29 30.79 12.50
N ARG C 115 -34.89 31.92 12.14
CA ARG C 115 -34.94 32.34 10.76
C ARG C 115 -33.52 32.64 10.26
N PRO C 116 -33.29 32.53 8.95
CA PRO C 116 -31.93 32.80 8.44
C PRO C 116 -31.54 34.25 8.67
N ILE C 117 -30.38 34.44 9.28
CA ILE C 117 -29.85 35.77 9.57
C ILE C 117 -28.92 36.19 8.44
N LEU C 118 -29.13 37.40 7.93
CA LEU C 118 -28.28 37.96 6.88
C LEU C 118 -27.51 39.15 7.43
N GLN C 119 -26.23 39.24 7.06
CA GLN C 119 -25.39 40.34 7.53
C GLN C 119 -25.92 41.67 7.00
N ALA C 120 -26.06 42.63 7.91
CA ALA C 120 -26.56 43.94 7.52
C ALA C 120 -25.52 44.69 6.70
N GLY C 121 -25.92 45.14 5.52
CA GLY C 121 -25.02 45.81 4.60
C GLY C 121 -24.62 44.99 3.39
N LEU C 122 -25.04 43.73 3.32
CA LEU C 122 -24.72 42.86 2.20
C LEU C 122 -26.01 42.35 1.56
N PRO C 123 -26.19 42.49 0.24
CA PRO C 123 -25.21 43.17 -0.64
C PRO C 123 -25.29 44.69 -0.55
N ALA C 124 -24.24 45.37 -0.98
CA ALA C 124 -24.16 46.82 -0.92
C ALA C 124 -24.20 47.40 -2.33
N ASN C 125 -24.68 48.64 -2.43
CA ASN C 125 -24.73 49.32 -3.72
C ASN C 125 -23.33 49.67 -4.19
N LYS C 126 -23.02 49.32 -5.44
CA LYS C 126 -21.70 49.56 -6.01
C LYS C 126 -21.85 50.20 -7.38
N THR C 127 -20.80 50.92 -7.79
CA THR C 127 -20.79 51.60 -9.09
C THR C 127 -19.33 51.72 -9.54
N VAL C 128 -18.95 50.91 -10.52
CA VAL C 128 -17.58 50.90 -11.03
C VAL C 128 -17.60 51.06 -12.54
N ALA C 129 -18.56 51.82 -13.05
CA ALA C 129 -18.69 52.12 -14.48
C ALA C 129 -18.80 50.85 -15.32
N LEU C 130 -18.43 50.95 -16.59
CA LEU C 130 -18.55 49.85 -17.53
C LEU C 130 -17.19 49.19 -17.76
N GLY C 131 -17.21 47.88 -17.98
CA GLY C 131 -16.02 47.11 -18.24
C GLY C 131 -15.32 46.57 -17.01
N SER C 132 -15.64 47.09 -15.83
CA SER C 132 -15.02 46.61 -14.60
C SER C 132 -15.71 45.32 -14.14
N ASN C 133 -15.16 44.74 -13.08
CA ASN C 133 -15.68 43.51 -12.50
C ASN C 133 -16.42 43.83 -11.21
N VAL C 134 -17.61 43.27 -11.07
CA VAL C 134 -18.45 43.47 -9.89
C VAL C 134 -18.67 42.12 -9.22
N GLU C 135 -18.71 42.14 -7.89
CA GLU C 135 -18.98 40.93 -7.12
C GLU C 135 -19.77 41.32 -5.87
N PHE C 136 -21.01 40.87 -5.80
CA PHE C 136 -21.85 41.11 -4.63
C PHE C 136 -21.72 39.94 -3.65
N MET C 137 -21.88 40.26 -2.36
CA MET C 137 -21.75 39.27 -1.30
C MET C 137 -23.01 39.26 -0.45
N CYS C 138 -23.23 38.13 0.24
CA CYS C 138 -24.44 37.95 1.04
C CYS C 138 -24.14 36.87 2.09
N LYS C 139 -23.76 37.29 3.29
CA LYS C 139 -23.41 36.37 4.35
C LYS C 139 -24.68 35.81 4.98
N VAL C 140 -24.83 34.47 4.94
CA VAL C 140 -26.03 33.79 5.41
C VAL C 140 -25.65 32.81 6.50
N TYR C 141 -26.51 32.69 7.50
CA TYR C 141 -26.33 31.71 8.58
C TYR C 141 -27.69 31.25 9.06
N SER C 142 -27.85 29.93 9.19
CA SER C 142 -29.10 29.37 9.70
C SER C 142 -28.82 27.96 10.21
N ASP C 143 -29.55 27.56 11.25
CA ASP C 143 -29.37 26.26 11.87
C ASP C 143 -29.96 25.14 11.02
N PRO C 144 -31.22 25.23 10.53
CA PRO C 144 -31.76 24.13 9.72
C PRO C 144 -31.25 24.12 8.29
N GLN C 145 -30.12 24.80 8.03
CA GLN C 145 -29.46 24.91 6.73
C GLN C 145 -30.34 25.69 5.75
N PRO C 146 -29.88 26.83 5.27
CA PRO C 146 -30.71 27.67 4.41
C PRO C 146 -30.46 27.43 2.92
N HIS C 147 -31.45 27.82 2.13
CA HIS C 147 -31.36 27.80 0.67
C HIS C 147 -31.11 29.20 0.15
N ILE C 148 -30.26 29.31 -0.86
CA ILE C 148 -29.82 30.60 -1.38
C ILE C 148 -30.24 30.72 -2.84
N GLN C 149 -30.74 31.90 -3.20
CA GLN C 149 -31.09 32.22 -4.58
C GLN C 149 -30.71 33.68 -4.85
N TRP C 150 -30.13 33.92 -6.02
CA TRP C 150 -29.80 35.26 -6.48
C TRP C 150 -30.79 35.66 -7.56
N LEU C 151 -31.55 36.73 -7.31
CA LEU C 151 -32.57 37.20 -8.22
C LEU C 151 -32.18 38.57 -8.78
N LYS C 152 -32.64 38.83 -10.00
CA LYS C 152 -32.42 40.11 -10.66
C LYS C 152 -33.75 40.66 -11.12
N HIS C 153 -34.13 41.83 -10.62
CA HIS C 153 -35.38 42.48 -11.01
C HIS C 153 -35.23 43.00 -12.43
N ILE C 154 -35.77 42.26 -13.40
CA ILE C 154 -35.71 42.66 -14.80
C ILE C 154 -37.06 43.24 -15.21
N GLU C 155 -37.14 43.75 -16.44
CA GLU C 155 -38.36 44.33 -16.96
C GLU C 155 -38.79 43.56 -18.21
N VAL C 156 -40.07 43.20 -18.26
CA VAL C 156 -40.65 42.50 -19.39
C VAL C 156 -41.60 43.46 -20.11
N ASN C 157 -41.51 43.51 -21.43
CA ASN C 157 -42.28 44.43 -22.27
C ASN C 157 -41.94 45.85 -21.82
N GLY C 158 -42.90 46.75 -21.65
CA GLY C 158 -42.62 48.11 -21.26
C GLY C 158 -42.28 48.26 -19.79
N SER C 159 -43.24 47.96 -18.92
CA SER C 159 -43.06 48.13 -17.48
C SER C 159 -42.25 47.00 -16.89
N LYS C 160 -42.29 46.86 -15.56
CA LYS C 160 -41.54 45.82 -14.87
C LYS C 160 -42.32 45.19 -13.72
N ILE C 161 -43.64 45.41 -13.66
CA ILE C 161 -44.50 44.87 -12.63
C ILE C 161 -45.57 44.01 -13.29
N GLY C 162 -45.73 42.78 -12.81
CA GLY C 162 -46.69 41.87 -13.37
C GLY C 162 -48.05 41.95 -12.69
N PRO C 163 -48.78 40.84 -12.70
CA PRO C 163 -50.09 40.82 -12.03
C PRO C 163 -49.99 41.15 -10.55
N ASP C 164 -51.14 41.51 -9.97
CA ASP C 164 -51.22 41.99 -8.60
C ASP C 164 -50.31 43.18 -8.40
N ASN C 165 -49.15 42.96 -7.77
CA ASN C 165 -48.18 44.03 -7.56
C ASN C 165 -46.82 43.44 -7.20
N LEU C 166 -46.17 42.77 -8.15
CA LEU C 166 -44.90 42.11 -7.94
C LEU C 166 -44.00 42.34 -9.14
N PRO C 167 -42.70 42.43 -8.94
CA PRO C 167 -41.78 42.67 -10.06
C PRO C 167 -41.34 41.39 -10.75
N TYR C 168 -40.88 41.55 -11.99
CA TYR C 168 -40.36 40.43 -12.75
C TYR C 168 -38.91 40.16 -12.34
N VAL C 169 -38.60 38.90 -12.06
CA VAL C 169 -37.27 38.49 -11.64
C VAL C 169 -36.85 37.26 -12.44
N GLN C 170 -35.54 37.05 -12.51
CA GLN C 170 -34.97 35.89 -13.19
C GLN C 170 -33.98 35.20 -12.27
N ILE C 171 -33.83 33.89 -12.45
CA ILE C 171 -32.95 33.08 -11.62
C ILE C 171 -31.52 33.24 -12.12
N LEU C 172 -30.68 33.87 -11.30
CA LEU C 172 -29.26 34.02 -11.64
C LEU C 172 -28.44 32.84 -11.13
N LYS C 173 -28.62 32.47 -9.87
CA LYS C 173 -27.83 31.41 -9.25
C LYS C 173 -28.64 30.80 -8.12
N THR C 174 -28.89 29.49 -8.21
CA THR C 174 -29.70 28.78 -7.23
C THR C 174 -28.95 27.53 -6.78
N ALA C 175 -28.92 27.29 -5.47
CA ALA C 175 -28.26 26.11 -4.94
C ALA C 175 -29.02 24.85 -5.34
N GLY C 176 -28.26 23.75 -5.48
CA GLY C 176 -28.84 22.48 -5.85
C GLY C 176 -28.27 21.32 -5.08
N VAL C 177 -28.04 20.19 -5.76
CA VAL C 177 -27.48 19.00 -5.11
C VAL C 177 -25.98 19.21 -4.91
N ASN C 178 -25.21 19.16 -5.99
CA ASN C 178 -23.76 19.37 -5.94
C ASN C 178 -23.49 20.86 -5.93
N THR C 179 -23.66 21.47 -4.76
CA THR C 179 -23.49 22.90 -4.58
C THR C 179 -22.80 23.17 -3.26
N THR C 180 -21.72 23.94 -3.30
CA THR C 180 -21.01 24.30 -2.08
C THR C 180 -21.81 25.33 -1.29
N ASP C 181 -21.91 25.11 0.02
CA ASP C 181 -22.67 26.03 0.87
C ASP C 181 -22.03 27.40 0.97
N LYS C 182 -20.74 27.52 0.63
CA LYS C 182 -20.03 28.79 0.70
C LYS C 182 -19.76 29.41 -0.66
N GLU C 183 -20.14 28.74 -1.76
CA GLU C 183 -20.00 29.32 -3.08
C GLU C 183 -21.21 30.14 -3.49
N MET C 184 -22.35 29.94 -2.85
CA MET C 184 -23.55 30.74 -3.08
C MET C 184 -23.52 32.04 -2.28
N GLU C 185 -22.37 32.43 -1.74
CA GLU C 185 -22.25 33.65 -0.96
C GLU C 185 -21.81 34.84 -1.79
N VAL C 186 -21.26 34.61 -2.98
CA VAL C 186 -20.77 35.69 -3.84
C VAL C 186 -21.35 35.51 -5.23
N LEU C 187 -21.88 36.60 -5.80
CA LEU C 187 -22.41 36.61 -7.16
C LEU C 187 -21.43 37.38 -8.04
N HIS C 188 -20.77 36.67 -8.95
CA HIS C 188 -19.73 37.26 -9.78
C HIS C 188 -20.33 37.86 -11.05
N LEU C 189 -19.84 39.04 -11.42
CA LEU C 189 -20.27 39.73 -12.63
C LEU C 189 -19.02 40.29 -13.30
N ARG C 190 -18.51 39.57 -14.30
CA ARG C 190 -17.36 40.02 -15.06
C ARG C 190 -17.80 40.93 -16.20
N ASN C 191 -16.95 41.93 -16.50
CA ASN C 191 -17.17 42.86 -17.60
C ASN C 191 -18.43 43.71 -17.40
N VAL C 192 -19.57 43.06 -17.24
CA VAL C 192 -20.90 43.65 -17.04
C VAL C 192 -21.28 44.58 -18.20
N SER C 193 -22.56 44.95 -18.26
CA SER C 193 -23.08 45.80 -19.32
C SER C 193 -24.23 46.63 -18.76
N PHE C 194 -24.80 47.47 -19.63
CA PHE C 194 -25.95 48.28 -19.23
C PHE C 194 -27.20 47.44 -18.99
N GLU C 195 -27.27 46.25 -19.56
CA GLU C 195 -28.40 45.36 -19.30
C GLU C 195 -28.39 44.88 -17.86
N ASP C 196 -27.21 44.79 -17.24
CA ASP C 196 -27.09 44.31 -15.87
C ASP C 196 -27.46 45.36 -14.83
N ALA C 197 -27.66 46.61 -15.23
CA ALA C 197 -28.05 47.65 -14.29
C ALA C 197 -29.47 47.42 -13.81
N GLY C 198 -29.66 47.37 -12.49
CA GLY C 198 -30.97 47.14 -11.93
C GLY C 198 -30.94 46.85 -10.44
N GLU C 199 -31.63 45.80 -10.02
CA GLU C 199 -31.72 45.42 -8.62
C GLU C 199 -31.40 43.94 -8.47
N TYR C 200 -30.52 43.62 -7.52
CA TYR C 200 -30.12 42.25 -7.24
C TYR C 200 -30.53 41.89 -5.82
N THR C 201 -31.20 40.76 -5.66
CA THR C 201 -31.73 40.33 -4.38
C THR C 201 -31.12 38.99 -3.99
N CYS C 202 -30.87 38.82 -2.69
CA CYS C 202 -30.30 37.60 -2.11
C CYS C 202 -31.39 36.94 -1.26
N LEU C 203 -32.13 36.02 -1.87
CA LEU C 203 -33.24 35.34 -1.19
C LEU C 203 -32.69 34.13 -0.44
N ALA C 204 -32.88 34.11 0.87
CA ALA C 204 -32.43 33.02 1.73
C ALA C 204 -33.55 32.58 2.65
N GLY C 205 -33.70 31.26 2.79
CA GLY C 205 -34.75 30.72 3.63
C GLY C 205 -34.54 29.28 4.06
N ASN C 206 -34.84 28.99 5.31
CA ASN C 206 -34.74 27.63 5.85
C ASN C 206 -36.13 27.01 5.91
N SER C 207 -36.58 26.44 7.03
CA SER C 207 -37.92 25.87 7.15
C SER C 207 -38.84 26.67 8.05
N ILE C 208 -38.36 27.79 8.58
CA ILE C 208 -39.18 28.64 9.46
C ILE C 208 -39.69 29.83 8.66
N GLY C 209 -38.82 30.81 8.42
CA GLY C 209 -39.18 31.98 7.66
C GLY C 209 -38.21 32.29 6.54
N LEU C 210 -38.30 33.50 5.99
CA LEU C 210 -37.46 33.94 4.89
C LEU C 210 -36.73 35.22 5.28
N SER C 211 -35.71 35.55 4.49
CA SER C 211 -34.93 36.77 4.70
C SER C 211 -34.22 37.10 3.40
N HIS C 212 -34.19 38.39 3.06
CA HIS C 212 -33.60 38.81 1.80
C HIS C 212 -33.14 40.25 1.90
N HIS C 213 -31.99 40.54 1.28
CA HIS C 213 -31.47 41.89 1.15
C HIS C 213 -31.24 42.18 -0.34
N SER C 214 -31.48 43.42 -0.73
CA SER C 214 -31.35 43.83 -2.11
C SER C 214 -30.36 44.98 -2.23
N ALA C 215 -29.83 45.16 -3.44
CA ALA C 215 -28.88 46.23 -3.72
C ALA C 215 -28.94 46.55 -5.20
N TRP C 216 -28.91 47.84 -5.52
CA TRP C 216 -28.94 48.30 -6.90
C TRP C 216 -27.53 48.35 -7.50
N LEU C 217 -27.45 48.12 -8.79
CA LEU C 217 -26.21 48.17 -9.54
C LEU C 217 -26.32 49.24 -10.62
N THR C 218 -25.38 50.19 -10.61
CA THR C 218 -25.35 51.28 -11.57
C THR C 218 -24.12 51.15 -12.44
N VAL C 219 -24.32 51.18 -13.76
CA VAL C 219 -23.23 51.06 -14.73
C VAL C 219 -23.08 52.42 -15.42
N LEU C 220 -21.92 53.04 -15.24
CA LEU C 220 -21.65 54.34 -15.85
C LEU C 220 -20.92 54.21 -17.17
N GLU C 221 -19.96 55.09 -17.42
CA GLU C 221 -19.18 55.07 -18.64
C GLU C 221 -17.80 55.65 -18.35
N ALA C 222 -16.81 55.21 -19.14
CA ALA C 222 -15.44 55.69 -18.98
C ALA C 222 -15.22 56.98 -19.76
C1 NAG D . 31.27 -55.52 8.76
C2 NAG D . 30.89 -56.99 8.95
C3 NAG D . 31.40 -57.82 7.77
C4 NAG D . 30.92 -57.24 6.46
C5 NAG D . 31.29 -55.76 6.37
C6 NAG D . 30.73 -55.09 5.14
C7 NAG D . 30.68 -57.60 11.32
C8 NAG D . 31.37 -58.15 12.53
N2 NAG D . 31.41 -57.51 10.21
O3 NAG D . 30.94 -59.16 7.91
O4 NAG D . 31.50 -57.93 5.36
O5 NAG D . 30.76 -55.05 7.50
O6 NAG D . 31.76 -54.51 4.35
O7 NAG D . 29.49 -57.25 11.35
C1 NAG E . 28.89 -29.75 33.13
C2 NAG E . 27.98 -30.19 34.27
C3 NAG E . 28.12 -29.23 35.45
C4 NAG E . 29.59 -29.11 35.86
C5 NAG E . 30.43 -28.71 34.65
C6 NAG E . 31.91 -28.67 34.95
C7 NAG E . 25.73 -31.15 34.29
C8 NAG E . 24.34 -31.06 33.73
N2 NAG E . 26.59 -30.24 33.84
O3 NAG E . 27.35 -29.71 36.55
O4 NAG E . 29.73 -28.12 36.89
O5 NAG E . 30.24 -29.66 33.60
O6 NAG E . 32.59 -27.75 34.11
O7 NAG E . 26.04 -32.00 35.12
C1 NAG F . -6.33 -33.42 16.29
C2 NAG F . -6.12 -32.59 15.02
C3 NAG F . -6.99 -33.13 13.89
C4 NAG F . -6.74 -34.63 13.69
C5 NAG F . -6.93 -35.36 15.01
C6 NAG F . -6.59 -36.84 14.92
C7 NAG F . -5.86 -30.19 14.56
C8 NAG F . -6.28 -28.81 14.94
N2 NAG F . -6.42 -31.19 15.26
O3 NAG F . -6.69 -32.43 12.68
O4 NAG F . -7.65 -35.15 12.72
O5 NAG F . -6.07 -34.80 16.01
O6 NAG F . -5.43 -37.15 15.68
O7 NAG F . -5.07 -30.40 13.65
C1 NAG G . -16.59 13.38 -40.53
C2 NAG G . -16.47 14.03 -41.92
C3 NAG G . -16.27 12.96 -42.98
C4 NAG G . -15.08 12.07 -42.63
C5 NAG G . -15.25 11.50 -41.23
C6 NAG G . -14.04 10.72 -40.77
C7 NAG G . -17.67 16.17 -42.08
C8 NAG G . -18.97 16.84 -42.43
N2 NAG G . -17.65 14.84 -42.21
O3 NAG G . -16.06 13.58 -44.25
O4 NAG G . -14.99 11.00 -43.56
O5 NAG G . -15.43 12.57 -40.28
O6 NAG G . -14.17 10.30 -39.42
O7 NAG G . -16.70 16.80 -41.69
C1 NAG H . -20.04 19.02 -25.27
C2 NAG H . -21.53 19.16 -25.60
C3 NAG H . -22.36 19.17 -24.33
C4 NAG H . -22.04 17.95 -23.47
C5 NAG H . -20.54 17.85 -23.22
C6 NAG H . -20.15 16.59 -22.49
C7 NAG H . -22.06 20.33 -27.70
C8 NAG H . -22.28 21.65 -28.35
N2 NAG H . -21.77 20.35 -26.39
O3 NAG H . -23.74 19.19 -24.65
O4 NAG H . -22.72 18.05 -22.21
O5 NAG H . -19.84 17.84 -24.47
O6 NAG H . -18.83 16.67 -21.97
O7 NAG H . -22.13 19.27 -28.32
C1 NAG I . 2.05 37.05 -9.61
C2 NAG I . 1.20 37.56 -8.45
C3 NAG I . 1.10 39.08 -8.49
C4 NAG I . 2.49 39.70 -8.56
C5 NAG I . 3.27 39.11 -9.72
C6 NAG I . 4.71 39.60 -9.76
C7 NAG I . -0.76 36.58 -7.35
C8 NAG I . -2.12 35.97 -7.55
N2 NAG I . -0.12 36.95 -8.46
O3 NAG I . 0.41 39.54 -7.33
O4 NAG I . 2.37 41.11 -8.74
O5 NAG I . 3.33 37.68 -9.59
O6 NAG I . 5.58 38.61 -10.30
O7 NAG I . -0.27 36.71 -6.23
C1 NAG J . -2.34 -4.46 -24.79
C2 NAG J . -3.41 -3.98 -23.79
C3 NAG J . -4.74 -4.68 -24.07
C4 NAG J . -5.14 -4.50 -25.53
C5 NAG J . -4.01 -4.96 -26.45
C6 NAG J . -4.30 -4.71 -27.91
C7 NAG J . -2.71 -5.38 -21.87
C8 NAG J . -2.30 -5.36 -20.43
N2 NAG J . -3.00 -4.19 -22.41
O3 NAG J . -5.74 -4.15 -23.22
O4 NAG J . -6.32 -5.25 -25.81
O5 NAG J . -2.80 -4.25 -26.14
O6 NAG J . -3.77 -3.46 -28.34
O7 NAG J . -2.78 -6.42 -22.52
ZN ZN K . 22.51 -12.68 -14.00
#